data_6DVN
#
_entry.id   6DVN
#
_cell.length_a   78.550
_cell.length_b   95.500
_cell.length_c   98.250
_cell.angle_alpha   90.00
_cell.angle_beta   98.60
_cell.angle_gamma   90.00
#
_symmetry.space_group_name_H-M   'P 1 21 1'
#
loop_
_entity.id
_entity.type
_entity.pdbx_description
1 polymer 'Hdac6 protein'
2 non-polymer 'ZINC ION'
3 non-polymer 'POTASSIUM ION'
4 non-polymer N-[2-(benzylamino)-2-oxoethyl]-4-(dimethylamino)-N-{[4-(hydroxycarbamoyl)phenyl]methyl}benzamide
5 non-polymer 1,2-ETHANEDIOL
6 water water
#
_entity_poly.entity_id   1
_entity_poly.type   'polypeptide(L)'
_entity_poly.pdbx_seq_one_letter_code
;SNAGGSSPITGLVYDQRMMLHHNMWDSHHPELPQRISRIFSRHEELRLLSRCHRIPARLATEEELALCHSSKHISIIKSS
EHMKPRDLNRLGDEYNSIFISNESYTCALLAAGSCFNSAQAILTGQVRNAVAIVRPPGHHAEKDTACGFCFFNTAALTAR
YAQSITRESLRVLIVDWDVHHGNGTQHIFEEDDSVLYISLHRYEDGAFFPNSEDANYDKVGLGKGRGYNVNIPWNGGKMG
DPEYMAAFHHLVMPIAREFAPELVLVSAGFDAARGDPLGGFQVTPEGYAHLTHQLMSLAAGRVLIILEGGYNLTSISESM
SMCTSMLLGDSPPSLDHLTPLKTSATVSINNVLRAHAPFWSSLR
;
_entity_poly.pdbx_strand_id   A,B,C,D
#
loop_
_chem_comp.id
_chem_comp.type
_chem_comp.name
_chem_comp.formula
EDO non-polymer 1,2-ETHANEDIOL 'C2 H6 O2'
HB7 non-polymer N-[2-(benzylamino)-2-oxoethyl]-4-(dimethylamino)-N-{[4-(hydroxycarbamoyl)phenyl]methyl}benzamide 'C26 H28 N4 O4'
K non-polymer 'POTASSIUM ION' 'K 1'
ZN non-polymer 'ZINC ION' 'Zn 2'
#
# COMPACT_ATOMS: atom_id res chain seq x y z
N PRO A 8 23.77 4.17 10.57
CA PRO A 8 23.40 3.42 9.36
C PRO A 8 23.65 4.23 8.09
N ILE A 9 24.89 4.20 7.61
CA ILE A 9 25.34 4.99 6.49
C ILE A 9 25.66 4.05 5.32
N THR A 10 25.51 4.55 4.10
CA THR A 10 25.91 3.84 2.90
C THR A 10 27.23 4.39 2.39
N GLY A 11 28.18 3.49 2.12
CA GLY A 11 29.45 3.89 1.55
C GLY A 11 29.40 3.92 0.02
N LEU A 12 30.34 4.69 -0.55
CA LEU A 12 30.47 4.78 -1.99
C LEU A 12 31.94 5.01 -2.32
N VAL A 13 32.46 4.28 -3.29
CA VAL A 13 33.85 4.43 -3.72
C VAL A 13 33.87 4.59 -5.24
N TYR A 14 34.59 5.60 -5.71
CA TYR A 14 34.74 5.88 -7.13
C TYR A 14 35.99 6.71 -7.34
N ASP A 15 36.77 6.37 -8.35
CA ASP A 15 38.00 7.09 -8.67
C ASP A 15 38.13 7.18 -10.18
N GLN A 16 38.28 8.42 -10.68
CA GLN A 16 38.33 8.63 -12.12
C GLN A 16 39.56 8.02 -12.76
N ARG A 17 40.57 7.65 -11.97
CA ARG A 17 41.75 6.99 -12.52
C ARG A 17 41.43 5.63 -13.12
N MET A 18 40.30 5.02 -12.75
CA MET A 18 39.91 3.77 -13.39
C MET A 18 39.36 3.96 -14.79
N MET A 19 39.24 5.21 -15.26
CA MET A 19 38.89 5.46 -16.65
C MET A 19 40.08 5.31 -17.59
N LEU A 20 41.30 5.32 -17.06
CA LEU A 20 42.48 5.32 -17.92
C LEU A 20 42.61 4.03 -18.73
N HIS A 21 42.14 2.92 -18.18
CA HIS A 21 42.12 1.66 -18.93
C HIS A 21 41.17 1.78 -20.12
N HIS A 22 41.68 1.48 -21.31
CA HIS A 22 40.87 1.61 -22.51
C HIS A 22 41.44 0.73 -23.62
N ASN A 23 40.62 0.54 -24.66
CA ASN A 23 40.97 -0.24 -25.85
C ASN A 23 41.57 0.73 -26.87
N MET A 24 42.90 0.67 -27.04
CA MET A 24 43.58 1.66 -27.85
C MET A 24 43.48 1.39 -29.35
N TRP A 25 42.81 0.33 -29.78
CA TRP A 25 42.59 0.08 -31.19
C TRP A 25 41.12 0.16 -31.58
N ASP A 26 40.24 0.49 -30.64
CA ASP A 26 38.81 0.61 -30.93
C ASP A 26 38.21 1.53 -29.87
N SER A 27 37.91 2.77 -30.26
CA SER A 27 37.26 3.71 -29.34
C SER A 27 35.77 3.46 -29.20
N HIS A 28 35.21 2.52 -29.93
CA HIS A 28 33.80 2.17 -29.84
C HIS A 28 33.55 0.88 -29.07
N HIS A 29 34.59 0.34 -28.43
CA HIS A 29 34.43 -0.91 -27.69
C HIS A 29 33.45 -0.71 -26.54
N PRO A 30 32.57 -1.68 -26.27
CA PRO A 30 31.54 -1.46 -25.24
C PRO A 30 32.07 -1.28 -23.83
N GLU A 31 33.28 -1.76 -23.53
CA GLU A 31 33.86 -1.59 -22.19
C GLU A 31 34.58 -0.23 -22.11
N LEU A 32 33.78 0.83 -22.28
CA LEU A 32 34.25 2.20 -22.38
C LEU A 32 34.65 2.73 -21.00
N PRO A 33 35.60 3.68 -20.95
CA PRO A 33 35.88 4.37 -19.68
C PRO A 33 34.67 5.13 -19.14
N GLN A 34 33.83 5.67 -20.02
CA GLN A 34 32.68 6.45 -19.58
C GLN A 34 31.59 5.61 -18.93
N ARG A 35 31.79 4.29 -18.80
CA ARG A 35 30.84 3.47 -18.07
C ARG A 35 30.71 3.94 -16.62
N ILE A 36 31.84 4.15 -15.95
CA ILE A 36 31.78 4.50 -14.53
C ILE A 36 31.54 6.00 -14.34
N SER A 37 32.06 6.85 -15.23
CA SER A 37 31.82 8.27 -15.09
C SER A 37 30.35 8.62 -15.29
N ARG A 38 29.67 7.91 -16.20
CA ARG A 38 28.24 8.11 -16.38
C ARG A 38 27.45 7.61 -15.18
N ILE A 39 27.85 6.47 -14.61
CA ILE A 39 27.20 5.99 -13.39
C ILE A 39 27.40 7.00 -12.27
N PHE A 40 28.64 7.47 -12.10
CA PHE A 40 28.94 8.43 -11.04
C PHE A 40 28.16 9.74 -11.24
N SER A 41 28.17 10.26 -12.46
CA SER A 41 27.46 11.51 -12.75
CA SER A 41 27.46 11.51 -12.73
C SER A 41 25.97 11.39 -12.45
N ARG A 42 25.39 10.22 -12.70
CA ARG A 42 23.97 10.04 -12.40
C ARG A 42 23.73 10.04 -10.89
N HIS A 43 24.69 9.55 -10.11
CA HIS A 43 24.55 9.61 -8.65
C HIS A 43 24.54 11.05 -8.15
N GLU A 44 25.27 11.95 -8.82
CA GLU A 44 25.24 13.36 -8.45
C GLU A 44 23.94 14.03 -8.86
N GLU A 45 23.49 13.77 -10.10
CA GLU A 45 22.25 14.37 -10.58
C GLU A 45 21.07 13.98 -9.69
N LEU A 46 20.99 12.71 -9.30
CA LEU A 46 19.94 12.26 -8.40
C LEU A 46 20.22 12.55 -6.94
N ARG A 47 21.31 13.27 -6.64
CA ARG A 47 21.64 13.68 -5.28
C ARG A 47 21.87 12.49 -4.35
N LEU A 48 22.25 11.34 -4.91
CA LEU A 48 22.58 10.19 -4.10
C LEU A 48 24.01 10.27 -3.55
N LEU A 49 24.89 10.99 -4.23
CA LEU A 49 26.29 11.04 -3.82
C LEU A 49 26.45 11.75 -2.48
N SER A 50 25.78 12.90 -2.30
CA SER A 50 25.92 13.65 -1.07
C SER A 50 25.27 12.95 0.12
N ARG A 51 24.40 11.98 -0.12
CA ARG A 51 23.83 11.18 0.96
C ARG A 51 24.74 10.03 1.37
N CYS A 52 25.74 9.69 0.56
CA CYS A 52 26.64 8.60 0.87
C CYS A 52 27.90 9.12 1.57
N HIS A 53 28.63 8.18 2.19
CA HIS A 53 29.93 8.47 2.78
C HIS A 53 31.01 8.01 1.80
N ARG A 54 31.87 8.93 1.41
CA ARG A 54 32.86 8.67 0.38
C ARG A 54 33.98 7.79 0.92
N ILE A 55 34.10 6.59 0.38
CA ILE A 55 35.19 5.67 0.72
C ILE A 55 36.36 5.95 -0.22
N PRO A 56 37.56 6.15 0.27
CA PRO A 56 38.70 6.37 -0.62
C PRO A 56 39.12 5.09 -1.30
N ALA A 57 39.50 5.20 -2.57
CA ALA A 57 40.06 4.07 -3.30
C ALA A 57 41.50 3.84 -2.87
N ARG A 58 41.96 2.61 -3.05
CA ARG A 58 43.36 2.30 -2.79
C ARG A 58 43.80 1.18 -3.74
N LEU A 59 45.10 0.93 -3.76
CA LEU A 59 45.69 -0.09 -4.60
C LEU A 59 45.75 -1.41 -3.85
N ALA A 60 45.30 -2.48 -4.49
CA ALA A 60 45.55 -3.80 -3.94
C ALA A 60 47.04 -4.12 -4.01
N THR A 61 47.51 -4.88 -3.04
CA THR A 61 48.89 -5.34 -3.04
C THR A 61 48.98 -6.72 -3.70
N GLU A 62 50.19 -7.07 -4.13
CA GLU A 62 50.39 -8.37 -4.77
C GLU A 62 50.12 -9.51 -3.80
N GLU A 63 50.37 -9.30 -2.51
CA GLU A 63 49.99 -10.31 -1.52
C GLU A 63 48.49 -10.51 -1.49
N GLU A 64 47.74 -9.40 -1.48
CA GLU A 64 46.28 -9.51 -1.51
C GLU A 64 45.80 -10.14 -2.81
N LEU A 65 46.46 -9.82 -3.93
CA LEU A 65 46.11 -10.46 -5.20
C LEU A 65 46.40 -11.96 -5.16
N ALA A 66 47.45 -12.36 -4.44
CA ALA A 66 47.82 -13.77 -4.35
C ALA A 66 46.83 -14.60 -3.54
N LEU A 67 45.81 -13.98 -2.95
CA LEU A 67 44.77 -14.73 -2.25
C LEU A 67 44.01 -15.64 -3.20
N CYS A 68 43.84 -15.22 -4.45
CA CYS A 68 43.07 -15.99 -5.42
C CYS A 68 43.81 -16.32 -6.70
N HIS A 69 44.90 -15.62 -7.03
CA HIS A 69 45.56 -15.79 -8.31
C HIS A 69 46.98 -16.32 -8.14
N SER A 70 47.48 -16.96 -9.19
CA SER A 70 48.81 -17.53 -9.17
C SER A 70 49.86 -16.44 -9.35
N SER A 71 51.08 -16.74 -8.92
CA SER A 71 52.19 -15.79 -9.10
C SER A 71 52.45 -15.55 -10.58
N LYS A 72 52.26 -16.57 -11.41
CA LYS A 72 52.51 -16.42 -12.84
C LYS A 72 51.55 -15.43 -13.48
N HIS A 73 50.26 -15.54 -13.15
CA HIS A 73 49.26 -14.65 -13.74
C HIS A 73 49.46 -13.21 -13.28
N ILE A 74 49.74 -13.00 -11.99
CA ILE A 74 49.98 -11.65 -11.49
C ILE A 74 51.19 -11.03 -12.18
N SER A 75 52.27 -11.79 -12.32
CA SER A 75 53.49 -11.25 -12.90
C SER A 75 53.32 -10.98 -14.39
N ILE A 76 52.45 -11.73 -15.06
CA ILE A 76 52.25 -11.51 -16.50
C ILE A 76 51.44 -10.24 -16.73
N ILE A 77 50.38 -10.03 -15.94
CA ILE A 77 49.60 -8.80 -16.07
C ILE A 77 50.44 -7.60 -15.67
N LYS A 78 51.29 -7.75 -14.64
CA LYS A 78 52.12 -6.63 -14.21
C LYS A 78 53.13 -6.25 -15.27
N SER A 79 53.66 -7.24 -16.01
CA SER A 79 54.64 -6.95 -17.05
C SER A 79 54.07 -6.14 -18.19
N SER A 80 52.75 -6.16 -18.38
CA SER A 80 52.13 -5.39 -19.46
C SER A 80 52.33 -3.89 -19.27
N GLU A 81 52.64 -3.45 -18.05
CA GLU A 81 52.88 -2.04 -17.80
C GLU A 81 53.96 -1.45 -18.70
N HIS A 82 54.96 -2.26 -19.06
CA HIS A 82 56.14 -1.77 -19.74
C HIS A 82 56.11 -1.98 -21.25
N MET A 83 55.06 -2.60 -21.78
CA MET A 83 55.07 -3.00 -23.17
C MET A 83 54.69 -1.85 -24.10
N LYS A 84 55.28 -1.87 -25.29
CA LYS A 84 54.86 -1.00 -26.36
C LYS A 84 53.56 -1.54 -26.97
N PRO A 85 52.79 -0.67 -27.66
CA PRO A 85 51.46 -1.10 -28.14
C PRO A 85 51.47 -2.39 -28.95
N ARG A 86 52.51 -2.63 -29.75
CA ARG A 86 52.57 -3.85 -30.54
C ARG A 86 52.60 -5.09 -29.66
N ASP A 87 53.31 -5.03 -28.53
CA ASP A 87 53.38 -6.18 -27.65
C ASP A 87 52.16 -6.28 -26.74
N LEU A 88 51.54 -5.15 -26.39
CA LEU A 88 50.26 -5.20 -25.70
C LEU A 88 49.23 -5.95 -26.52
N ASN A 89 49.19 -5.69 -27.83
CA ASN A 89 48.22 -6.33 -28.70
C ASN A 89 48.44 -7.84 -28.77
N ARG A 90 49.70 -8.26 -28.87
CA ARG A 90 50.00 -9.69 -28.89
C ARG A 90 49.61 -10.37 -27.58
N LEU A 91 49.91 -9.72 -26.45
CA LEU A 91 49.61 -10.32 -25.16
C LEU A 91 48.10 -10.50 -24.96
N GLY A 92 47.31 -9.47 -25.31
CA GLY A 92 45.88 -9.57 -25.16
C GLY A 92 45.24 -10.57 -26.09
N ASP A 93 45.87 -10.85 -27.23
CA ASP A 93 45.31 -11.81 -28.16
C ASP A 93 45.46 -13.25 -27.68
N GLU A 94 46.34 -13.50 -26.71
CA GLU A 94 46.45 -14.83 -26.11
C GLU A 94 45.28 -15.16 -25.21
N TYR A 95 44.43 -14.20 -24.86
CA TYR A 95 43.31 -14.42 -23.97
C TYR A 95 42.00 -14.38 -24.74
N ASN A 96 40.94 -14.85 -24.08
CA ASN A 96 39.59 -14.80 -24.62
C ASN A 96 38.98 -13.44 -24.25
N SER A 97 38.84 -12.57 -25.25
CA SER A 97 38.13 -11.29 -25.10
C SER A 97 38.80 -10.40 -24.06
N ILE A 98 40.06 -10.04 -24.35
CA ILE A 98 40.85 -9.18 -23.46
C ILE A 98 41.60 -8.16 -24.29
N PHE A 99 41.47 -6.88 -23.93
CA PHE A 99 42.35 -5.84 -24.44
C PHE A 99 43.13 -5.23 -23.27
N ILE A 100 44.38 -4.85 -23.54
CA ILE A 100 45.28 -4.37 -22.50
C ILE A 100 45.90 -3.06 -22.96
N SER A 101 46.08 -2.13 -22.02
CA SER A 101 46.85 -0.92 -22.23
C SER A 101 47.89 -0.80 -21.11
N ASN A 102 48.70 0.26 -21.18
CA ASN A 102 49.79 0.42 -20.23
C ASN A 102 49.32 0.75 -18.82
N GLU A 103 48.05 1.10 -18.64
CA GLU A 103 47.51 1.45 -17.33
C GLU A 103 46.49 0.43 -16.83
N SER A 104 46.31 -0.69 -17.54
CA SER A 104 45.33 -1.68 -17.15
C SER A 104 45.66 -2.28 -15.79
N TYR A 105 46.95 -2.55 -15.53
CA TYR A 105 47.35 -3.15 -14.26
C TYR A 105 47.00 -2.24 -13.09
N THR A 106 47.29 -0.94 -13.22
CA THR A 106 46.98 0.01 -12.14
C THR A 106 45.48 0.12 -11.93
N CYS A 107 44.71 0.17 -13.02
CA CYS A 107 43.26 0.23 -12.88
C CYS A 107 42.71 -1.04 -12.24
N ALA A 108 43.25 -2.19 -12.61
CA ALA A 108 42.85 -3.45 -11.97
C ALA A 108 43.19 -3.43 -10.48
N LEU A 109 44.35 -2.86 -10.13
CA LEU A 109 44.72 -2.74 -8.72
C LEU A 109 43.75 -1.82 -7.98
N LEU A 110 43.28 -0.76 -8.65
CA LEU A 110 42.41 0.20 -8.00
C LEU A 110 41.01 -0.37 -7.79
N ALA A 111 40.51 -1.15 -8.74
CA ALA A 111 39.20 -1.77 -8.58
C ALA A 111 39.18 -2.72 -7.39
N ALA A 112 40.23 -3.52 -7.24
CA ALA A 112 40.28 -4.48 -6.14
C ALA A 112 40.51 -3.76 -4.81
N GLY A 113 41.47 -2.84 -4.77
CA GLY A 113 41.73 -2.13 -3.53
C GLY A 113 40.54 -1.32 -3.04
N SER A 114 39.74 -0.79 -3.98
CA SER A 114 38.57 -0.01 -3.60
C SER A 114 37.54 -0.87 -2.88
N CYS A 115 37.28 -2.07 -3.40
CA CYS A 115 36.33 -2.97 -2.75
CA CYS A 115 36.32 -2.96 -2.74
C CYS A 115 36.87 -3.50 -1.43
N PHE A 116 38.19 -3.61 -1.30
CA PHE A 116 38.78 -3.99 -0.02
C PHE A 116 38.46 -2.94 1.04
N ASN A 117 38.64 -1.66 0.70
CA ASN A 117 38.31 -0.59 1.62
C ASN A 117 36.83 -0.57 1.94
N SER A 118 35.98 -0.91 0.96
CA SER A 118 34.55 -0.92 1.20
C SER A 118 34.14 -2.07 2.11
N ALA A 119 34.70 -3.26 1.89
CA ALA A 119 34.41 -4.38 2.77
C ALA A 119 34.93 -4.10 4.18
N GLN A 120 36.10 -3.46 4.28
CA GLN A 120 36.64 -3.10 5.59
C GLN A 120 35.74 -2.10 6.29
N ALA A 121 35.25 -1.10 5.55
CA ALA A 121 34.32 -0.13 6.12
C ALA A 121 33.03 -0.80 6.59
N ILE A 122 32.60 -1.85 5.89
CA ILE A 122 31.38 -2.55 6.29
C ILE A 122 31.63 -3.43 7.51
N LEU A 123 32.72 -4.18 7.50
CA LEU A 123 32.98 -5.15 8.55
C LEU A 123 33.46 -4.51 9.86
N THR A 124 33.98 -3.28 9.81
CA THR A 124 34.31 -2.56 11.03
C THR A 124 33.16 -1.72 11.55
N GLY A 125 32.06 -1.62 10.81
CA GLY A 125 30.90 -0.87 11.25
C GLY A 125 30.92 0.60 10.88
N GLN A 126 31.91 1.07 10.12
CA GLN A 126 31.93 2.47 9.71
C GLN A 126 30.71 2.79 8.86
N VAL A 127 30.31 1.87 7.98
CA VAL A 127 29.11 2.01 7.18
C VAL A 127 28.31 0.72 7.28
N ARG A 128 27.01 0.83 7.00
CA ARG A 128 26.16 -0.35 6.98
C ARG A 128 26.35 -1.16 5.70
N ASN A 129 26.34 -0.48 4.56
CA ASN A 129 26.52 -1.12 3.26
C ASN A 129 27.30 -0.16 2.38
N ALA A 130 27.58 -0.59 1.15
CA ALA A 130 28.41 0.22 0.26
C ALA A 130 28.16 -0.17 -1.18
N VAL A 131 28.51 0.76 -2.08
CA VAL A 131 28.47 0.54 -3.52
C VAL A 131 29.83 0.88 -4.10
N ALA A 132 30.30 0.07 -5.05
CA ALA A 132 31.62 0.23 -5.64
C ALA A 132 31.49 0.39 -7.15
N ILE A 133 31.73 1.59 -7.63
CA ILE A 133 31.62 1.91 -9.06
C ILE A 133 33.02 1.76 -9.64
N VAL A 134 33.34 0.55 -10.07
CA VAL A 134 34.71 0.19 -10.43
C VAL A 134 34.76 -0.45 -11.81
N ARG A 135 35.94 -0.38 -12.42
CA ARG A 135 36.26 -1.08 -13.65
C ARG A 135 37.76 -1.22 -13.73
N PRO A 136 38.29 -2.24 -14.44
CA PRO A 136 37.59 -3.28 -15.19
C PRO A 136 36.92 -4.32 -14.29
N PRO A 137 35.93 -5.05 -14.84
CA PRO A 137 35.24 -6.07 -14.04
C PRO A 137 36.13 -7.25 -13.67
N GLY A 138 35.58 -8.24 -12.97
CA GLY A 138 36.45 -9.29 -12.46
C GLY A 138 35.97 -10.73 -12.53
N HIS A 139 34.66 -10.96 -12.67
CA HIS A 139 34.14 -12.30 -12.40
C HIS A 139 34.46 -13.33 -13.47
N HIS A 140 34.97 -12.92 -14.64
CA HIS A 140 35.43 -13.88 -15.62
C HIS A 140 36.90 -14.27 -15.41
N ALA A 141 37.61 -13.57 -14.54
CA ALA A 141 39.03 -13.81 -14.34
C ALA A 141 39.26 -15.06 -13.49
N GLU A 142 40.10 -15.96 -13.98
CA GLU A 142 40.41 -17.19 -13.29
C GLU A 142 41.66 -17.02 -12.44
N LYS A 143 41.99 -18.09 -11.69
CA LYS A 143 43.18 -18.09 -10.85
C LYS A 143 44.43 -17.81 -11.67
N ASP A 144 44.51 -18.38 -12.88
CA ASP A 144 45.74 -18.36 -13.65
C ASP A 144 45.59 -17.65 -15.00
N THR A 145 44.46 -17.00 -15.26
CA THR A 145 44.29 -16.38 -16.58
C THR A 145 43.25 -15.28 -16.51
N ALA A 146 43.40 -14.33 -17.43
CA ALA A 146 42.42 -13.27 -17.63
C ALA A 146 41.43 -13.67 -18.71
N CYS A 147 40.22 -13.12 -18.63
CA CYS A 147 39.16 -13.50 -19.55
C CYS A 147 38.04 -12.47 -19.50
N GLY A 148 37.38 -12.28 -20.64
CA GLY A 148 36.19 -11.45 -20.76
C GLY A 148 36.27 -10.09 -20.11
N PHE A 149 37.27 -9.29 -20.49
CA PHE A 149 37.52 -7.94 -19.98
C PHE A 149 37.92 -7.92 -18.51
N CYS A 150 38.20 -9.07 -17.91
CA CYS A 150 38.54 -9.17 -16.49
C CYS A 150 39.98 -9.63 -16.34
N PHE A 151 40.70 -9.01 -15.41
CA PHE A 151 42.09 -9.36 -15.12
C PHE A 151 42.24 -10.06 -13.77
N PHE A 152 41.70 -9.48 -12.70
CA PHE A 152 41.68 -10.12 -11.39
C PHE A 152 40.24 -10.16 -10.90
N ASN A 153 39.91 -11.20 -10.14
CA ASN A 153 38.52 -11.45 -9.72
C ASN A 153 38.24 -10.63 -8.48
N THR A 154 37.70 -9.42 -8.70
CA THR A 154 37.53 -8.45 -7.63
C THR A 154 36.60 -8.97 -6.53
N ALA A 155 35.48 -9.59 -6.91
CA ALA A 155 34.55 -10.10 -5.92
C ALA A 155 35.15 -11.28 -5.15
N ALA A 156 35.86 -12.16 -5.85
CA ALA A 156 36.50 -13.29 -5.16
C ALA A 156 37.60 -12.81 -4.22
N LEU A 157 38.42 -11.87 -4.67
CA LEU A 157 39.47 -11.32 -3.80
C LEU A 157 38.86 -10.66 -2.58
N THR A 158 37.75 -9.96 -2.74
CA THR A 158 37.13 -9.25 -1.63
C THR A 158 36.62 -10.22 -0.57
N ALA A 159 36.06 -11.36 -0.99
CA ALA A 159 35.61 -12.36 -0.03
C ALA A 159 36.78 -12.93 0.75
N ARG A 160 37.91 -13.18 0.08
CA ARG A 160 39.09 -13.66 0.79
C ARG A 160 39.68 -12.57 1.68
N TYR A 161 39.72 -11.33 1.20
CA TYR A 161 40.19 -10.24 2.04
C TYR A 161 39.29 -10.07 3.26
N ALA A 162 37.97 -10.23 3.07
CA ALA A 162 37.05 -10.13 4.19
C ALA A 162 37.34 -11.19 5.24
N GLN A 163 37.63 -12.42 4.81
CA GLN A 163 37.96 -13.49 5.76
C GLN A 163 39.29 -13.22 6.45
N SER A 164 40.21 -12.52 5.79
CA SER A 164 41.52 -12.26 6.37
C SER A 164 41.48 -11.25 7.50
N ILE A 165 40.49 -10.35 7.52
CA ILE A 165 40.39 -9.32 8.56
C ILE A 165 39.31 -9.64 9.58
N THR A 166 38.67 -10.80 9.47
CA THR A 166 37.74 -11.25 10.50
C THR A 166 38.12 -12.65 10.97
N ARG A 167 37.79 -13.67 10.19
CA ARG A 167 38.21 -15.03 10.46
C ARG A 167 38.14 -15.82 9.17
N GLU A 168 38.91 -16.91 9.12
CA GLU A 168 39.03 -17.68 7.87
C GLU A 168 37.72 -18.28 7.43
N SER A 169 36.81 -18.57 8.37
CA SER A 169 35.56 -19.26 8.06
C SER A 169 34.39 -18.30 7.93
N LEU A 170 34.65 -17.00 7.75
CA LEU A 170 33.57 -16.04 7.53
C LEU A 170 32.72 -16.45 6.34
N ARG A 171 31.42 -16.57 6.58
CA ARG A 171 30.50 -17.05 5.53
C ARG A 171 30.11 -15.88 4.64
N VAL A 172 30.55 -15.92 3.39
CA VAL A 172 30.32 -14.85 2.42
C VAL A 172 29.40 -15.39 1.34
N LEU A 173 28.37 -14.62 1.00
CA LEU A 173 27.48 -14.92 -0.10
C LEU A 173 27.82 -14.01 -1.27
N ILE A 174 28.11 -14.60 -2.43
CA ILE A 174 28.33 -13.86 -3.66
C ILE A 174 27.12 -14.08 -4.55
N VAL A 175 26.33 -13.03 -4.77
CA VAL A 175 25.20 -13.06 -5.68
C VAL A 175 25.62 -12.37 -6.97
N ASP A 176 25.58 -13.11 -8.08
CA ASP A 176 26.09 -12.65 -9.36
C ASP A 176 24.91 -12.55 -10.32
N TRP A 177 24.34 -11.36 -10.47
CA TRP A 177 23.22 -11.16 -11.37
C TRP A 177 23.64 -10.54 -12.71
N ASP A 178 24.94 -10.48 -12.99
CA ASP A 178 25.42 -10.19 -14.33
C ASP A 178 24.83 -11.20 -15.29
N VAL A 179 24.57 -10.76 -16.54
CA VAL A 179 23.92 -11.64 -17.49
C VAL A 179 24.81 -12.82 -17.88
N HIS A 180 26.12 -12.72 -17.63
CA HIS A 180 27.06 -13.78 -17.96
C HIS A 180 27.42 -14.59 -16.73
N HIS A 181 27.75 -15.86 -16.95
CA HIS A 181 28.18 -16.72 -15.86
C HIS A 181 29.55 -16.27 -15.36
N GLY A 182 29.68 -16.15 -14.04
CA GLY A 182 30.96 -15.80 -13.44
C GLY A 182 31.85 -17.02 -13.31
N ASN A 183 32.35 -17.50 -14.46
CA ASN A 183 33.16 -18.72 -14.49
C ASN A 183 34.35 -18.62 -13.55
N GLY A 184 34.95 -17.43 -13.43
CA GLY A 184 36.10 -17.28 -12.56
C GLY A 184 35.74 -17.45 -11.09
N THR A 185 34.65 -16.81 -10.66
CA THR A 185 34.24 -16.90 -9.26
C THR A 185 33.87 -18.33 -8.89
N GLN A 186 33.18 -19.04 -9.78
CA GLN A 186 32.77 -20.42 -9.49
C GLN A 186 33.99 -21.31 -9.28
N HIS A 187 34.93 -21.28 -10.22
CA HIS A 187 36.10 -22.17 -10.13
C HIS A 187 36.93 -21.86 -8.90
N ILE A 188 37.01 -20.59 -8.50
CA ILE A 188 37.84 -20.21 -7.37
C ILE A 188 37.30 -20.82 -6.08
N PHE A 189 35.98 -20.77 -5.88
CA PHE A 189 35.36 -21.26 -4.67
C PHE A 189 34.67 -22.62 -4.87
N GLU A 190 35.08 -23.39 -5.87
CA GLU A 190 34.31 -24.57 -6.24
C GLU A 190 34.35 -25.65 -5.16
N GLU A 191 35.47 -25.77 -4.43
CA GLU A 191 35.59 -26.73 -3.35
C GLU A 191 35.42 -26.10 -1.98
N ASP A 192 34.92 -24.87 -1.92
CA ASP A 192 34.88 -24.08 -0.69
C ASP A 192 33.45 -23.99 -0.19
N ASP A 193 33.25 -24.27 1.10
CA ASP A 193 31.92 -24.18 1.71
C ASP A 193 31.76 -22.95 2.60
N SER A 194 32.75 -22.06 2.62
CA SER A 194 32.60 -20.81 3.35
C SER A 194 32.10 -19.67 2.45
N VAL A 195 32.21 -19.83 1.14
CA VAL A 195 31.75 -18.84 0.18
C VAL A 195 30.69 -19.50 -0.70
N LEU A 196 29.43 -19.07 -0.54
CA LEU A 196 28.33 -19.58 -1.34
C LEU A 196 28.20 -18.70 -2.58
N TYR A 197 28.27 -19.32 -3.76
CA TYR A 197 28.19 -18.60 -5.03
C TYR A 197 26.87 -18.91 -5.71
N ILE A 198 26.12 -17.87 -6.03
CA ILE A 198 24.82 -17.98 -6.69
C ILE A 198 24.84 -17.07 -7.91
N SER A 199 24.75 -17.66 -9.10
CA SER A 199 24.81 -16.91 -10.35
C SER A 199 23.53 -17.14 -11.15
N LEU A 200 22.91 -16.05 -11.57
CA LEU A 200 21.86 -16.08 -12.58
C LEU A 200 22.46 -15.56 -13.88
N HIS A 201 22.28 -16.33 -14.95
CA HIS A 201 22.99 -16.00 -16.19
C HIS A 201 22.26 -16.56 -17.39
N ARG A 202 22.38 -15.85 -18.51
CA ARG A 202 21.92 -16.39 -19.78
C ARG A 202 22.83 -17.53 -20.20
N TYR A 203 22.23 -18.63 -20.63
CA TYR A 203 22.98 -19.86 -20.88
C TYR A 203 22.82 -20.36 -22.31
N GLU A 204 21.59 -20.50 -22.77
CA GLU A 204 21.29 -20.99 -24.12
C GLU A 204 22.03 -22.29 -24.41
N ASP A 205 21.91 -23.23 -23.47
CA ASP A 205 22.54 -24.56 -23.57
C ASP A 205 24.03 -24.44 -23.87
N GLY A 206 24.68 -23.47 -23.23
CA GLY A 206 26.11 -23.29 -23.37
C GLY A 206 26.55 -22.54 -24.61
N ALA A 207 25.62 -21.92 -25.34
CA ALA A 207 25.99 -21.17 -26.54
C ALA A 207 26.32 -19.71 -26.24
N PHE A 208 25.94 -19.20 -25.09
CA PHE A 208 26.20 -17.82 -24.71
C PHE A 208 27.52 -17.73 -23.95
N PHE A 209 28.22 -16.61 -24.13
CA PHE A 209 29.49 -16.38 -23.46
C PHE A 209 29.31 -16.58 -21.95
N PRO A 210 30.27 -17.24 -21.26
CA PRO A 210 31.54 -17.76 -21.76
C PRO A 210 31.52 -19.16 -22.41
N ASN A 211 30.35 -19.59 -22.89
CA ASN A 211 30.25 -20.75 -23.79
C ASN A 211 30.73 -22.05 -23.15
N SER A 212 30.52 -22.23 -21.85
CA SER A 212 30.97 -23.43 -21.15
C SER A 212 29.81 -24.07 -20.41
N GLU A 213 29.76 -25.40 -20.45
CA GLU A 213 28.75 -26.14 -19.70
C GLU A 213 28.98 -26.10 -18.20
N ASP A 214 30.09 -25.52 -17.73
CA ASP A 214 30.29 -25.30 -16.30
C ASP A 214 29.19 -24.44 -15.71
N ALA A 215 28.48 -23.66 -16.53
CA ALA A 215 27.44 -22.76 -16.07
C ALA A 215 26.08 -23.44 -15.92
N ASN A 216 26.00 -24.75 -16.15
CA ASN A 216 24.71 -25.42 -16.10
C ASN A 216 24.30 -25.71 -14.65
N TYR A 217 23.02 -26.00 -14.47
CA TYR A 217 22.45 -26.11 -13.12
C TYR A 217 23.00 -27.30 -12.35
N ASP A 218 23.56 -28.30 -13.03
CA ASP A 218 24.02 -29.52 -12.36
C ASP A 218 25.39 -29.38 -11.73
N LYS A 219 26.06 -28.25 -11.90
CA LYS A 219 27.36 -28.00 -11.28
C LYS A 219 27.11 -27.44 -9.89
N VAL A 220 27.14 -28.31 -8.88
CA VAL A 220 26.70 -27.95 -7.53
C VAL A 220 27.86 -27.73 -6.58
N GLY A 221 29.09 -27.87 -7.03
CA GLY A 221 30.25 -27.78 -6.17
C GLY A 221 30.97 -29.11 -6.03
N LEU A 222 32.17 -29.03 -5.46
CA LEU A 222 33.03 -30.20 -5.34
C LEU A 222 33.46 -30.40 -3.90
N GLY A 223 33.57 -31.67 -3.50
CA GLY A 223 34.06 -32.01 -2.17
C GLY A 223 33.19 -31.42 -1.08
N LYS A 224 33.81 -30.70 -0.14
CA LYS A 224 33.07 -30.02 0.90
C LYS A 224 32.21 -28.88 0.35
N GLY A 225 32.47 -28.45 -0.88
CA GLY A 225 31.70 -27.40 -1.51
C GLY A 225 30.43 -27.83 -2.19
N ARG A 226 30.09 -29.12 -2.12
CA ARG A 226 28.86 -29.60 -2.74
C ARG A 226 27.65 -28.91 -2.12
N GLY A 227 26.81 -28.33 -2.98
CA GLY A 227 25.69 -27.54 -2.55
C GLY A 227 25.96 -26.05 -2.44
N TYR A 228 27.23 -25.64 -2.49
CA TYR A 228 27.60 -24.25 -2.31
C TYR A 228 27.90 -23.55 -3.63
N ASN A 229 27.44 -24.10 -4.74
CA ASN A 229 27.54 -23.48 -6.05
C ASN A 229 26.18 -23.62 -6.73
N VAL A 230 25.49 -22.51 -6.92
CA VAL A 230 24.12 -22.50 -7.42
C VAL A 230 24.10 -21.73 -8.74
N ASN A 231 23.98 -22.47 -9.85
CA ASN A 231 23.87 -21.88 -11.18
C ASN A 231 22.40 -21.87 -11.59
N ILE A 232 21.88 -20.68 -11.89
CA ILE A 232 20.51 -20.52 -12.37
C ILE A 232 20.56 -20.13 -13.84
N PRO A 233 20.56 -21.10 -14.77
CA PRO A 233 20.76 -20.75 -16.19
C PRO A 233 19.45 -20.52 -16.95
N TRP A 234 19.37 -19.41 -17.66
CA TRP A 234 18.21 -19.11 -18.49
C TRP A 234 18.42 -19.63 -19.91
N ASN A 235 17.35 -20.13 -20.51
CA ASN A 235 17.40 -20.66 -21.87
C ASN A 235 16.20 -20.17 -22.66
N GLY A 236 16.44 -19.80 -23.92
CA GLY A 236 15.41 -19.46 -24.88
C GLY A 236 14.30 -18.55 -24.36
N GLY A 237 14.65 -17.32 -23.97
CA GLY A 237 13.65 -16.40 -23.47
C GLY A 237 14.21 -15.06 -23.04
N LYS A 238 13.42 -14.00 -23.27
CA LYS A 238 13.82 -12.64 -22.90
C LYS A 238 13.44 -12.42 -21.43
N MET A 239 14.30 -12.91 -20.55
CA MET A 239 14.01 -12.88 -19.12
C MET A 239 13.98 -11.45 -18.60
N GLY A 240 13.07 -11.19 -17.65
CA GLY A 240 12.93 -9.87 -17.07
C GLY A 240 12.63 -9.90 -15.59
N ASP A 241 12.01 -8.83 -15.10
CA ASP A 241 11.67 -8.72 -13.68
C ASP A 241 10.91 -9.92 -13.12
N PRO A 242 9.86 -10.45 -13.77
CA PRO A 242 9.16 -11.59 -13.18
C PRO A 242 10.04 -12.80 -12.99
N GLU A 243 10.95 -13.07 -13.92
CA GLU A 243 11.79 -14.26 -13.84
C GLU A 243 12.81 -14.14 -12.73
N TYR A 244 13.46 -12.98 -12.62
CA TYR A 244 14.48 -12.80 -11.58
C TYR A 244 13.85 -12.72 -10.19
N MET A 245 12.66 -12.13 -10.08
CA MET A 245 11.97 -12.11 -8.79
C MET A 245 11.58 -13.52 -8.35
N ALA A 246 11.07 -14.33 -9.29
CA ALA A 246 10.71 -15.70 -8.95
C ALA A 246 11.94 -16.54 -8.62
N ALA A 247 13.06 -16.29 -9.29
CA ALA A 247 14.31 -16.98 -8.93
C ALA A 247 14.79 -16.57 -7.55
N PHE A 248 14.57 -15.31 -7.17
CA PHE A 248 14.92 -14.89 -5.82
C PHE A 248 13.97 -15.46 -4.78
N HIS A 249 12.69 -15.64 -5.14
CA HIS A 249 11.74 -16.15 -4.17
C HIS A 249 11.86 -17.65 -3.95
N HIS A 250 12.19 -18.41 -5.00
CA HIS A 250 12.24 -19.87 -4.91
C HIS A 250 13.63 -20.41 -4.60
N LEU A 251 14.70 -19.70 -4.95
CA LEU A 251 16.03 -20.26 -4.86
C LEU A 251 16.99 -19.39 -4.06
N VAL A 252 17.20 -18.16 -4.54
CA VAL A 252 18.27 -17.31 -3.99
C VAL A 252 18.05 -17.05 -2.51
N MET A 253 16.85 -16.61 -2.13
CA MET A 253 16.62 -16.17 -0.76
C MET A 253 16.46 -17.32 0.23
N PRO A 254 15.69 -18.38 -0.08
CA PRO A 254 15.65 -19.51 0.87
C PRO A 254 16.98 -20.20 1.07
N ILE A 255 17.84 -20.26 0.05
CA ILE A 255 19.17 -20.83 0.23
C ILE A 255 20.05 -19.87 1.02
N ALA A 256 19.95 -18.58 0.72
CA ALA A 256 20.79 -17.60 1.41
C ALA A 256 20.46 -17.52 2.90
N ARG A 257 19.17 -17.52 3.24
CA ARG A 257 18.79 -17.42 4.65
C ARG A 257 19.22 -18.66 5.44
N GLU A 258 19.24 -19.84 4.81
CA GLU A 258 19.73 -21.03 5.49
C GLU A 258 21.24 -21.01 5.61
N PHE A 259 21.94 -20.50 4.59
CA PHE A 259 23.39 -20.36 4.66
C PHE A 259 23.79 -19.34 5.73
N ALA A 260 22.96 -18.31 5.94
CA ALA A 260 23.16 -17.27 6.95
C ALA A 260 24.49 -16.56 6.74
N PRO A 261 24.63 -15.76 5.69
CA PRO A 261 25.90 -15.08 5.45
C PRO A 261 26.16 -13.98 6.47
N GLU A 262 27.44 -13.76 6.75
CA GLU A 262 27.88 -12.61 7.52
C GLU A 262 28.22 -11.41 6.64
N LEU A 263 28.28 -11.60 5.33
CA LEU A 263 28.61 -10.54 4.39
C LEU A 263 28.06 -10.94 3.02
N VAL A 264 27.47 -9.98 2.32
CA VAL A 264 26.88 -10.21 1.00
C VAL A 264 27.63 -9.35 -0.01
N LEU A 265 28.27 -9.99 -0.97
CA LEU A 265 28.87 -9.32 -2.11
C LEU A 265 28.02 -9.59 -3.34
N VAL A 266 27.75 -8.54 -4.11
CA VAL A 266 26.94 -8.65 -5.31
C VAL A 266 27.81 -8.32 -6.51
N SER A 267 28.11 -9.34 -7.33
CA SER A 267 28.66 -9.08 -8.65
C SER A 267 27.57 -8.43 -9.50
N ALA A 268 27.44 -7.11 -9.39
CA ALA A 268 26.31 -6.40 -9.97
C ALA A 268 26.65 -5.92 -11.38
N GLY A 269 26.54 -6.85 -12.33
CA GLY A 269 26.51 -6.46 -13.71
C GLY A 269 25.11 -6.01 -14.11
N PHE A 270 25.05 -5.11 -15.08
CA PHE A 270 23.77 -4.58 -15.53
C PHE A 270 23.59 -4.78 -17.03
N ASP A 271 24.23 -5.81 -17.59
CA ASP A 271 24.05 -6.16 -18.98
C ASP A 271 22.83 -7.04 -19.23
N ALA A 272 22.10 -7.40 -18.18
CA ALA A 272 20.79 -8.01 -18.34
C ALA A 272 19.67 -6.98 -18.29
N ALA A 273 20.02 -5.69 -18.19
CA ALA A 273 19.02 -4.64 -18.13
C ALA A 273 18.37 -4.42 -19.49
N ARG A 274 17.17 -3.85 -19.46
CA ARG A 274 16.50 -3.47 -20.70
C ARG A 274 17.33 -2.44 -21.44
N GLY A 275 17.54 -2.67 -22.73
CA GLY A 275 18.30 -1.77 -23.57
C GLY A 275 19.77 -2.06 -23.69
N ASP A 276 20.26 -3.13 -23.07
CA ASP A 276 21.66 -3.49 -23.22
C ASP A 276 21.92 -4.01 -24.64
N PRO A 277 23.00 -3.58 -25.29
CA PRO A 277 23.22 -3.96 -26.69
C PRO A 277 23.65 -5.40 -26.90
N LEU A 278 24.02 -6.15 -25.85
CA LEU A 278 24.45 -7.53 -26.02
C LEU A 278 23.80 -8.52 -25.06
N GLY A 279 23.18 -8.06 -23.97
CA GLY A 279 22.59 -9.00 -23.02
C GLY A 279 21.33 -9.66 -23.55
N GLY A 280 20.43 -8.87 -24.11
CA GLY A 280 19.21 -9.40 -24.67
C GLY A 280 18.09 -9.64 -23.69
N PHE A 281 18.21 -9.18 -22.45
CA PHE A 281 17.16 -9.29 -21.45
C PHE A 281 16.51 -7.92 -21.23
N GLN A 282 15.57 -7.88 -20.30
CA GLN A 282 14.76 -6.67 -20.10
C GLN A 282 14.48 -6.44 -18.62
N VAL A 283 15.48 -6.65 -17.77
CA VAL A 283 15.36 -6.28 -16.37
C VAL A 283 15.30 -4.76 -16.26
N THR A 284 14.35 -4.25 -15.47
CA THR A 284 14.16 -2.83 -15.31
C THR A 284 14.96 -2.31 -14.12
N PRO A 285 15.19 -0.99 -14.03
CA PRO A 285 15.85 -0.47 -12.82
C PRO A 285 15.07 -0.74 -11.55
N GLU A 286 13.74 -0.73 -11.61
CA GLU A 286 12.95 -1.13 -10.45
C GLU A 286 13.16 -2.60 -10.11
N GLY A 287 13.44 -3.43 -11.12
CA GLY A 287 13.75 -4.83 -10.85
C GLY A 287 15.02 -4.99 -10.05
N TYR A 288 16.07 -4.26 -10.42
CA TYR A 288 17.32 -4.30 -9.66
C TYR A 288 17.12 -3.73 -8.25
N ALA A 289 16.30 -2.69 -8.14
CA ALA A 289 16.01 -2.13 -6.82
C ALA A 289 15.34 -3.16 -5.92
N HIS A 290 14.39 -3.93 -6.48
CA HIS A 290 13.73 -4.96 -5.69
C HIS A 290 14.70 -6.05 -5.28
N LEU A 291 15.58 -6.48 -6.19
CA LEU A 291 16.57 -7.50 -5.86
C LEU A 291 17.51 -7.02 -4.75
N THR A 292 17.87 -5.73 -4.79
CA THR A 292 18.75 -5.19 -3.76
C THR A 292 18.06 -5.17 -2.39
N HIS A 293 16.81 -4.68 -2.36
CA HIS A 293 16.06 -4.65 -1.09
C HIS A 293 15.93 -6.04 -0.49
N GLN A 294 15.78 -7.06 -1.34
CA GLN A 294 15.75 -8.44 -0.87
C GLN A 294 17.05 -8.80 -0.15
N LEU A 295 18.19 -8.61 -0.84
CA LEU A 295 19.48 -8.99 -0.27
C LEU A 295 19.80 -8.21 0.99
N MET A 296 19.22 -7.02 1.16
CA MET A 296 19.48 -6.21 2.35
C MET A 296 18.95 -6.86 3.62
N SER A 297 17.98 -7.78 3.51
CA SER A 297 17.46 -8.48 4.68
C SER A 297 18.41 -9.55 5.20
N LEU A 298 19.56 -9.73 4.55
CA LEU A 298 20.55 -10.72 4.96
C LEU A 298 21.73 -10.03 5.63
N ALA A 299 22.40 -10.80 6.50
CA ALA A 299 23.71 -10.42 7.05
C ALA A 299 23.66 -9.07 7.77
N ALA A 300 22.55 -8.81 8.47
CA ALA A 300 22.37 -7.55 9.21
C ALA A 300 22.54 -6.34 8.30
N GLY A 301 22.19 -6.51 7.02
CA GLY A 301 22.25 -5.42 6.06
C GLY A 301 23.62 -5.12 5.49
N ARG A 302 24.59 -6.02 5.65
CA ARG A 302 25.95 -5.77 5.20
C ARG A 302 26.10 -6.25 3.75
N VAL A 303 25.72 -5.37 2.82
CA VAL A 303 25.72 -5.66 1.40
C VAL A 303 26.72 -4.73 0.71
N LEU A 304 27.60 -5.32 -0.11
CA LEU A 304 28.53 -4.56 -0.93
C LEU A 304 28.23 -4.85 -2.39
N ILE A 305 27.89 -3.82 -3.14
CA ILE A 305 27.50 -3.95 -4.55
C ILE A 305 28.68 -3.53 -5.42
N ILE A 306 29.19 -4.48 -6.19
CA ILE A 306 30.38 -4.28 -7.03
C ILE A 306 29.95 -4.30 -8.48
N LEU A 307 30.26 -3.22 -9.20
CA LEU A 307 29.92 -3.15 -10.62
C LEU A 307 30.72 -4.17 -11.41
N GLU A 308 30.02 -4.98 -12.21
CA GLU A 308 30.67 -5.84 -13.19
C GLU A 308 30.44 -5.29 -14.59
N GLY A 309 29.61 -5.95 -15.37
CA GLY A 309 29.33 -5.56 -16.74
C GLY A 309 28.15 -4.62 -16.85
N GLY A 310 27.69 -4.45 -18.10
CA GLY A 310 26.63 -3.51 -18.41
C GLY A 310 27.12 -2.45 -19.38
N TYR A 311 26.44 -2.30 -20.52
CA TYR A 311 27.04 -1.57 -21.64
C TYR A 311 26.12 -0.58 -22.32
N ASN A 312 24.88 -0.41 -21.85
CA ASN A 312 24.05 0.74 -22.20
C ASN A 312 24.27 1.78 -21.10
N LEU A 313 24.87 2.91 -21.46
CA LEU A 313 25.26 3.90 -20.46
C LEU A 313 24.06 4.41 -19.68
N THR A 314 22.94 4.64 -20.36
CA THR A 314 21.74 5.08 -19.67
C THR A 314 21.17 3.97 -18.80
N SER A 315 21.23 2.72 -19.27
CA SER A 315 20.65 1.61 -18.51
C SER A 315 21.42 1.37 -17.21
N ILE A 316 22.76 1.29 -17.30
CA ILE A 316 23.54 0.95 -16.11
C ILE A 316 23.54 2.10 -15.12
N SER A 317 23.43 3.35 -15.60
CA SER A 317 23.41 4.49 -14.69
C SER A 317 22.11 4.53 -13.90
N GLU A 318 20.97 4.30 -14.57
CA GLU A 318 19.69 4.29 -13.86
C GLU A 318 19.54 3.05 -12.99
N SER A 319 20.09 1.92 -13.43
CA SER A 319 19.95 0.68 -12.67
C SER A 319 20.76 0.73 -11.38
N MET A 320 22.04 1.11 -11.47
CA MET A 320 22.87 1.14 -10.28
C MET A 320 22.44 2.25 -9.31
N SER A 321 21.93 3.35 -9.85
CA SER A 321 21.41 4.41 -8.98
C SER A 321 20.21 3.90 -8.17
N MET A 322 19.37 3.08 -8.79
CA MET A 322 18.24 2.50 -8.06
C MET A 322 18.72 1.59 -6.94
N CYS A 323 19.84 0.87 -7.16
CA CYS A 323 20.39 0.02 -6.11
C CYS A 323 20.89 0.85 -4.94
N THR A 324 21.64 1.91 -5.22
CA THR A 324 22.14 2.78 -4.15
C THR A 324 21.00 3.40 -3.37
N SER A 325 19.91 3.76 -4.05
CA SER A 325 18.76 4.32 -3.34
CA SER A 325 18.75 4.32 -3.35
C SER A 325 18.15 3.30 -2.38
N MET A 326 18.22 2.01 -2.71
CA MET A 326 17.74 0.99 -1.80
C MET A 326 18.66 0.85 -0.60
N LEU A 327 19.98 0.85 -0.83
CA LEU A 327 20.92 0.78 0.28
C LEU A 327 20.80 1.97 1.21
N LEU A 328 20.39 3.13 0.67
CA LEU A 328 20.16 4.31 1.49
C LEU A 328 18.88 4.23 2.32
N GLY A 329 18.00 3.28 2.01
CA GLY A 329 16.78 3.09 2.78
C GLY A 329 15.52 3.59 2.14
N ASP A 330 15.56 4.00 0.88
CA ASP A 330 14.35 4.46 0.21
C ASP A 330 13.38 3.30 -0.01
N SER A 331 12.11 3.65 -0.18
CA SER A 331 11.06 2.64 -0.24
C SER A 331 11.18 1.81 -1.52
N PRO A 332 11.08 0.49 -1.44
CA PRO A 332 11.24 -0.33 -2.64
C PRO A 332 10.10 -0.10 -3.60
N PRO A 333 10.34 -0.21 -4.91
CA PRO A 333 9.24 -0.05 -5.88
C PRO A 333 8.24 -1.19 -5.77
N SER A 334 7.00 -0.88 -6.13
N SER A 334 7.00 -0.87 -6.16
CA SER A 334 5.94 -1.87 -6.22
CA SER A 334 5.94 -1.87 -6.23
C SER A 334 5.95 -2.48 -7.62
C SER A 334 5.94 -2.48 -7.63
N LEU A 335 6.07 -3.80 -7.69
CA LEU A 335 6.12 -4.52 -8.96
C LEU A 335 4.94 -5.48 -9.05
N ASP A 336 4.89 -6.22 -10.17
CA ASP A 336 3.74 -7.03 -10.53
C ASP A 336 3.46 -8.16 -9.56
N HIS A 337 4.35 -9.15 -9.53
CA HIS A 337 4.26 -10.40 -8.74
C HIS A 337 3.27 -11.40 -9.33
N LEU A 338 2.20 -10.92 -9.96
CA LEU A 338 1.22 -11.82 -10.57
C LEU A 338 1.45 -12.01 -12.06
N THR A 339 2.51 -11.44 -12.61
CA THR A 339 2.85 -11.68 -14.02
C THR A 339 3.37 -13.11 -14.17
N PRO A 340 2.74 -13.96 -14.97
CA PRO A 340 3.23 -15.32 -15.15
C PRO A 340 4.57 -15.33 -15.86
N LEU A 341 5.41 -16.29 -15.47
CA LEU A 341 6.75 -16.38 -16.03
C LEU A 341 6.72 -17.05 -17.40
N LYS A 342 7.78 -16.81 -18.17
CA LYS A 342 8.01 -17.59 -19.37
C LYS A 342 8.25 -19.04 -19.00
N THR A 343 7.76 -19.95 -19.85
CA THR A 343 7.74 -21.36 -19.50
C THR A 343 9.14 -21.90 -19.26
N SER A 344 10.11 -21.50 -20.09
CA SER A 344 11.48 -21.98 -19.91
C SER A 344 12.11 -21.50 -18.61
N ALA A 345 11.61 -20.41 -18.04
CA ALA A 345 12.12 -19.95 -16.75
C ALA A 345 11.64 -20.85 -15.62
N THR A 346 10.38 -21.28 -15.67
CA THR A 346 9.89 -22.25 -14.70
C THR A 346 10.65 -23.56 -14.80
N VAL A 347 11.01 -23.96 -16.03
CA VAL A 347 11.82 -25.16 -16.22
C VAL A 347 13.19 -24.99 -15.56
N SER A 348 13.82 -23.84 -15.77
CA SER A 348 15.15 -23.59 -15.20
C SER A 348 15.10 -23.61 -13.68
N ILE A 349 14.11 -22.92 -13.10
CA ILE A 349 14.01 -22.86 -11.64
C ILE A 349 13.75 -24.25 -11.07
N ASN A 350 12.93 -25.05 -11.74
CA ASN A 350 12.66 -26.41 -11.26
C ASN A 350 13.89 -27.30 -11.38
N ASN A 351 14.70 -27.10 -12.42
CA ASN A 351 15.91 -27.90 -12.57
C ASN A 351 16.90 -27.61 -11.45
N VAL A 352 17.01 -26.33 -11.04
CA VAL A 352 17.93 -25.98 -9.97
C VAL A 352 17.41 -26.51 -8.63
N LEU A 353 16.11 -26.37 -8.37
CA LEU A 353 15.52 -26.93 -7.16
C LEU A 353 15.81 -28.42 -7.05
N ARG A 354 15.72 -29.14 -8.16
CA ARG A 354 15.95 -30.57 -8.16
C ARG A 354 17.40 -30.90 -7.84
N ALA A 355 18.34 -30.12 -8.39
CA ALA A 355 19.75 -30.39 -8.18
C ALA A 355 20.24 -30.02 -6.79
N HIS A 356 19.54 -29.10 -6.10
CA HIS A 356 20.03 -28.58 -4.82
C HIS A 356 19.17 -28.96 -3.63
N ALA A 357 18.01 -29.58 -3.84
CA ALA A 357 17.20 -30.04 -2.72
C ALA A 357 17.95 -30.98 -1.78
N PRO A 358 18.82 -31.88 -2.23
CA PRO A 358 19.57 -32.72 -1.26
C PRO A 358 20.43 -31.93 -0.29
N PHE A 359 20.83 -30.71 -0.64
CA PHE A 359 21.79 -29.96 0.16
C PHE A 359 21.16 -28.86 1.00
N TRP A 360 19.88 -28.54 0.79
CA TRP A 360 19.25 -27.42 1.48
C TRP A 360 17.86 -27.84 1.93
N SER A 361 17.68 -27.97 3.25
CA SER A 361 16.41 -28.40 3.80
C SER A 361 15.29 -27.40 3.56
N SER A 362 15.61 -26.13 3.31
CA SER A 362 14.59 -25.14 3.00
C SER A 362 14.02 -25.30 1.60
N LEU A 363 14.61 -26.17 0.77
CA LEU A 363 14.17 -26.37 -0.60
C LEU A 363 13.28 -27.60 -0.75
N ARG A 364 12.82 -28.19 0.34
CA ARG A 364 12.07 -29.44 0.26
C ARG A 364 10.66 -29.22 -0.28
N PRO B 8 -10.58 1.19 -36.94
CA PRO B 8 -10.80 1.55 -35.54
C PRO B 8 -9.53 1.44 -34.71
N ILE B 9 -8.67 2.47 -34.79
CA ILE B 9 -7.35 2.45 -34.18
C ILE B 9 -7.33 3.44 -33.01
N THR B 10 -6.64 3.07 -31.94
CA THR B 10 -6.47 3.91 -30.78
C THR B 10 -5.04 4.46 -30.76
N GLY B 11 -4.91 5.77 -30.60
CA GLY B 11 -3.61 6.39 -30.47
C GLY B 11 -3.15 6.47 -29.03
N LEU B 12 -1.83 6.57 -28.87
CA LEU B 12 -1.23 6.76 -27.55
C LEU B 12 0.00 7.64 -27.71
N VAL B 13 0.09 8.66 -26.86
CA VAL B 13 1.28 9.51 -26.79
C VAL B 13 1.85 9.45 -25.38
N TYR B 14 3.15 9.22 -25.29
CA TYR B 14 3.89 9.27 -24.03
C TYR B 14 5.33 9.59 -24.36
N ASP B 15 5.92 10.56 -23.67
CA ASP B 15 7.32 10.90 -23.87
C ASP B 15 8.01 10.96 -22.52
N GLN B 16 9.13 10.23 -22.40
CA GLN B 16 9.86 10.17 -21.15
C GLN B 16 10.36 11.54 -20.71
N ARG B 17 10.60 12.44 -21.66
CA ARG B 17 11.15 13.76 -21.33
C ARG B 17 10.25 14.54 -20.39
N MET B 18 8.97 14.18 -20.29
CA MET B 18 8.09 14.88 -19.35
C MET B 18 8.33 14.47 -17.91
N MET B 19 9.26 13.55 -17.65
CA MET B 19 9.65 13.23 -16.29
C MET B 19 10.67 14.20 -15.71
N LEU B 20 11.21 15.10 -16.54
CA LEU B 20 12.26 16.01 -16.07
C LEU B 20 11.71 17.12 -15.19
N HIS B 21 10.40 17.39 -15.26
CA HIS B 21 9.76 18.33 -14.34
C HIS B 21 9.67 17.70 -12.96
N HIS B 22 10.25 18.38 -11.96
CA HIS B 22 10.35 17.78 -10.62
C HIS B 22 10.48 18.88 -9.58
N ASN B 23 10.30 18.47 -8.33
CA ASN B 23 10.34 19.38 -7.17
C ASN B 23 11.71 19.26 -6.52
N MET B 24 12.52 20.32 -6.66
CA MET B 24 13.90 20.26 -6.19
C MET B 24 14.03 20.31 -4.67
N TRP B 25 12.98 20.71 -3.96
CA TRP B 25 13.06 20.91 -2.52
C TRP B 25 12.19 19.96 -1.72
N ASP B 26 11.48 19.05 -2.39
CA ASP B 26 10.65 18.04 -1.72
C ASP B 26 10.60 16.82 -2.64
N SER B 27 11.55 15.90 -2.44
CA SER B 27 11.60 14.69 -3.25
C SER B 27 10.41 13.78 -3.05
N HIS B 28 9.60 14.01 -2.01
CA HIS B 28 8.40 13.22 -1.75
C HIS B 28 7.13 13.96 -2.10
N HIS B 29 7.24 15.03 -2.90
CA HIS B 29 6.05 15.72 -3.35
C HIS B 29 5.19 14.77 -4.19
N PRO B 30 3.87 14.77 -4.00
CA PRO B 30 3.03 13.73 -4.65
C PRO B 30 3.02 13.79 -6.16
N GLU B 31 3.28 14.94 -6.78
CA GLU B 31 3.31 15.04 -8.24
C GLU B 31 4.69 14.60 -8.72
N LEU B 32 4.89 13.28 -8.75
CA LEU B 32 6.12 12.58 -9.04
C LEU B 32 6.31 12.37 -10.55
N PRO B 33 7.56 12.42 -11.02
CA PRO B 33 7.83 12.02 -12.41
C PRO B 33 7.38 10.60 -12.73
N GLN B 34 7.41 9.70 -11.74
CA GLN B 34 7.05 8.30 -11.97
C GLN B 34 5.58 8.11 -12.29
N ARG B 35 4.75 9.15 -12.12
CA ARG B 35 3.32 9.01 -12.38
C ARG B 35 3.07 8.56 -13.83
N ILE B 36 3.77 9.17 -14.78
CA ILE B 36 3.54 8.82 -16.18
C ILE B 36 4.31 7.56 -16.57
N SER B 37 5.51 7.37 -16.01
CA SER B 37 6.29 6.19 -16.37
C SER B 37 5.66 4.91 -15.84
N ARG B 38 5.04 4.98 -14.65
CA ARG B 38 4.31 3.82 -14.13
C ARG B 38 3.06 3.54 -14.96
N ILE B 39 2.34 4.59 -15.35
CA ILE B 39 1.17 4.40 -16.21
C ILE B 39 1.60 3.79 -17.54
N PHE B 40 2.70 4.28 -18.11
CA PHE B 40 3.20 3.71 -19.36
C PHE B 40 3.67 2.27 -19.17
N SER B 41 4.37 2.00 -18.06
CA SER B 41 4.82 0.64 -17.79
C SER B 41 3.66 -0.32 -17.68
N ARG B 42 2.56 0.10 -17.03
CA ARG B 42 1.40 -0.77 -16.89
C ARG B 42 0.76 -1.08 -18.25
N HIS B 43 0.83 -0.15 -19.20
CA HIS B 43 0.30 -0.41 -20.53
C HIS B 43 1.13 -1.48 -21.24
N GLU B 44 2.44 -1.46 -21.07
CA GLU B 44 3.29 -2.48 -21.68
C GLU B 44 3.02 -3.85 -21.06
N GLU B 45 2.94 -3.91 -19.74
CA GLU B 45 2.74 -5.18 -19.05
C GLU B 45 1.42 -5.84 -19.46
N LEU B 46 0.37 -5.05 -19.62
CA LEU B 46 -0.94 -5.58 -20.01
C LEU B 46 -1.07 -5.74 -21.53
N ARG B 47 0.03 -5.56 -22.28
CA ARG B 47 0.06 -5.67 -23.73
C ARG B 47 -0.87 -4.67 -24.42
N LEU B 48 -1.17 -3.55 -23.75
CA LEU B 48 -2.01 -2.54 -24.38
C LEU B 48 -1.24 -1.69 -25.37
N LEU B 49 0.05 -1.45 -25.10
CA LEU B 49 0.85 -0.55 -25.94
C LEU B 49 0.95 -1.07 -27.37
N SER B 50 1.19 -2.38 -27.53
CA SER B 50 1.35 -2.94 -28.87
C SER B 50 0.08 -2.84 -29.69
N ARG B 51 -1.07 -2.68 -29.06
CA ARG B 51 -2.33 -2.56 -29.79
C ARG B 51 -2.62 -1.12 -30.23
N CYS B 52 -1.88 -0.14 -29.73
CA CYS B 52 -2.12 1.26 -30.02
C CYS B 52 -1.20 1.75 -31.13
N HIS B 53 -1.61 2.84 -31.76
CA HIS B 53 -0.78 3.57 -32.72
C HIS B 53 -0.01 4.64 -31.96
N ARG B 54 1.32 4.55 -31.99
CA ARG B 54 2.14 5.47 -31.21
C ARG B 54 2.18 6.83 -31.88
N ILE B 55 1.65 7.84 -31.21
CA ILE B 55 1.63 9.22 -31.70
C ILE B 55 2.80 9.96 -31.06
N PRO B 56 3.65 10.61 -31.83
CA PRO B 56 4.82 11.28 -31.23
C PRO B 56 4.44 12.57 -30.53
N ALA B 57 5.21 12.89 -29.49
CA ALA B 57 5.05 14.15 -28.78
C ALA B 57 5.80 15.25 -29.51
N ARG B 58 5.29 16.48 -29.37
CA ARG B 58 5.97 17.64 -29.93
C ARG B 58 5.76 18.83 -28.99
N LEU B 59 6.60 19.84 -29.17
CA LEU B 59 6.46 21.06 -28.39
C LEU B 59 5.29 21.89 -28.89
N ALA B 60 4.51 22.43 -27.97
CA ALA B 60 3.56 23.46 -28.33
C ALA B 60 4.32 24.75 -28.62
N THR B 61 3.86 25.50 -29.62
CA THR B 61 4.48 26.77 -29.94
C THR B 61 3.89 27.86 -29.06
N GLU B 62 4.58 29.00 -29.02
CA GLU B 62 4.09 30.13 -28.23
C GLU B 62 2.80 30.69 -28.80
N GLU B 63 2.63 30.67 -30.12
CA GLU B 63 1.38 31.15 -30.70
C GLU B 63 0.22 30.25 -30.32
N GLU B 64 0.47 28.94 -30.22
CA GLU B 64 -0.58 28.02 -29.76
C GLU B 64 -0.91 28.25 -28.31
N LEU B 65 0.09 28.59 -27.49
CA LEU B 65 -0.18 28.89 -26.08
C LEU B 65 -1.08 30.10 -25.93
N ALA B 66 -0.98 31.07 -26.85
CA ALA B 66 -1.81 32.26 -26.79
C ALA B 66 -3.27 31.98 -27.14
N LEU B 67 -3.59 30.75 -27.55
CA LEU B 67 -4.99 30.40 -27.78
C LEU B 67 -5.82 30.54 -26.50
N CYS B 68 -5.18 30.41 -25.35
CA CYS B 68 -5.89 30.47 -24.07
C CYS B 68 -5.21 31.39 -23.08
N HIS B 69 -3.90 31.56 -23.18
CA HIS B 69 -3.12 32.22 -22.15
C HIS B 69 -2.58 33.57 -22.63
N SER B 70 -2.35 34.46 -21.68
CA SER B 70 -1.86 35.80 -21.96
C SER B 70 -0.36 35.77 -22.28
N SER B 71 0.09 36.82 -22.97
CA SER B 71 1.51 36.90 -23.32
C SER B 71 2.38 37.13 -22.10
N LYS B 72 1.86 37.81 -21.08
CA LYS B 72 2.64 38.02 -19.85
C LYS B 72 2.86 36.71 -19.12
N HIS B 73 1.80 35.92 -18.95
CA HIS B 73 1.94 34.62 -18.29
C HIS B 73 2.86 33.70 -19.08
N ILE B 74 2.76 33.72 -20.42
CA ILE B 74 3.58 32.85 -21.25
C ILE B 74 5.06 33.18 -21.07
N SER B 75 5.40 34.47 -21.09
CA SER B 75 6.80 34.86 -21.02
C SER B 75 7.40 34.62 -19.64
N ILE B 76 6.58 34.67 -18.59
CA ILE B 76 7.09 34.42 -17.24
C ILE B 76 7.50 32.95 -17.10
N ILE B 77 6.62 32.04 -17.49
CA ILE B 77 6.94 30.62 -17.41
C ILE B 77 8.10 30.27 -18.33
N LYS B 78 8.10 30.85 -19.53
CA LYS B 78 9.20 30.63 -20.47
C LYS B 78 10.54 31.05 -19.86
N SER B 79 10.56 32.19 -19.17
CA SER B 79 11.80 32.69 -18.58
C SER B 79 12.34 31.77 -17.50
N SER B 80 11.49 30.92 -16.90
CA SER B 80 11.94 30.03 -15.85
C SER B 80 12.96 29.01 -16.36
N GLU B 81 13.01 28.79 -17.67
CA GLU B 81 13.91 27.79 -18.23
C GLU B 81 15.37 28.11 -17.90
N HIS B 82 15.70 29.40 -17.72
CA HIS B 82 17.08 29.82 -17.50
C HIS B 82 17.33 30.30 -16.08
N MET B 83 16.36 30.17 -15.18
CA MET B 83 16.55 30.60 -13.81
C MET B 83 17.41 29.60 -13.04
N LYS B 84 18.07 30.10 -12.01
CA LYS B 84 18.84 29.29 -11.07
C LYS B 84 17.92 28.81 -9.95
N PRO B 85 18.38 27.83 -9.15
CA PRO B 85 17.48 27.20 -8.16
C PRO B 85 16.66 28.15 -7.29
N ARG B 86 17.33 29.05 -6.57
CA ARG B 86 16.62 29.88 -5.60
C ARG B 86 15.67 30.87 -6.27
N ASP B 87 16.00 31.31 -7.49
CA ASP B 87 15.07 32.15 -8.23
C ASP B 87 13.84 31.35 -8.66
N LEU B 88 14.03 30.08 -9.03
CA LEU B 88 12.89 29.22 -9.32
C LEU B 88 12.01 29.03 -8.09
N ASN B 89 12.64 28.86 -6.91
CA ASN B 89 11.88 28.69 -5.67
C ASN B 89 11.05 29.92 -5.37
N ARG B 90 11.60 31.11 -5.59
CA ARG B 90 10.84 32.34 -5.37
C ARG B 90 9.68 32.47 -6.34
N LEU B 91 9.93 32.18 -7.62
CA LEU B 91 8.87 32.31 -8.63
C LEU B 91 7.73 31.35 -8.35
N GLY B 92 8.05 30.08 -8.06
CA GLY B 92 7.00 29.13 -7.75
C GLY B 92 6.22 29.50 -6.50
N ASP B 93 6.89 30.10 -5.51
CA ASP B 93 6.23 30.49 -4.27
C ASP B 93 5.24 31.63 -4.47
N GLU B 94 5.26 32.32 -5.60
CA GLU B 94 4.29 33.36 -5.89
C GLU B 94 2.95 32.81 -6.38
N TYR B 95 2.88 31.53 -6.71
CA TYR B 95 1.65 30.89 -7.16
C TYR B 95 1.06 30.03 -6.05
N ASN B 96 -0.19 29.63 -6.24
CA ASN B 96 -0.87 28.70 -5.35
C ASN B 96 -0.49 27.28 -5.74
N SER B 97 0.36 26.64 -4.93
CA SER B 97 0.71 25.23 -5.08
C SER B 97 1.41 24.96 -6.41
N ILE B 98 2.62 25.50 -6.55
CA ILE B 98 3.42 25.34 -7.76
C ILE B 98 4.88 25.16 -7.37
N PHE B 99 5.53 24.16 -7.94
CA PHE B 99 6.98 24.04 -7.94
C PHE B 99 7.47 24.09 -9.37
N ILE B 100 8.67 24.67 -9.57
CA ILE B 100 9.23 24.87 -10.89
C ILE B 100 10.69 24.43 -10.90
N SER B 101 11.06 23.64 -11.90
CA SER B 101 12.45 23.34 -12.21
C SER B 101 12.79 23.96 -13.57
N ASN B 102 14.05 23.83 -13.99
CA ASN B 102 14.51 24.38 -15.25
CA ASN B 102 14.42 24.45 -15.26
C ASN B 102 13.92 23.65 -16.46
N GLU B 103 13.27 22.52 -16.26
CA GLU B 103 12.68 21.74 -17.33
C GLU B 103 11.16 21.80 -17.34
N SER B 104 10.57 22.57 -16.42
CA SER B 104 9.11 22.63 -16.33
C SER B 104 8.50 23.22 -17.58
N TYR B 105 9.11 24.27 -18.13
CA TYR B 105 8.57 24.92 -19.33
C TYR B 105 8.51 23.93 -20.49
N THR B 106 9.62 23.24 -20.76
CA THR B 106 9.64 22.26 -21.85
C THR B 106 8.63 21.15 -21.60
N CYS B 107 8.49 20.70 -20.35
CA CYS B 107 7.57 19.61 -20.05
C CYS B 107 6.12 20.02 -20.28
N ALA B 108 5.73 21.22 -19.82
CA ALA B 108 4.38 21.70 -20.09
C ALA B 108 4.15 21.92 -21.58
N LEU B 109 5.18 22.35 -22.31
CA LEU B 109 5.06 22.45 -23.76
C LEU B 109 4.84 21.09 -24.39
N LEU B 110 5.54 20.06 -23.88
CA LEU B 110 5.37 18.72 -24.41
C LEU B 110 3.98 18.17 -24.12
N ALA B 111 3.44 18.46 -22.94
CA ALA B 111 2.11 17.98 -22.59
C ALA B 111 1.05 18.56 -23.53
N ALA B 112 1.15 19.86 -23.83
CA ALA B 112 0.19 20.50 -24.72
C ALA B 112 0.34 19.99 -26.15
N GLY B 113 1.57 20.04 -26.68
CA GLY B 113 1.79 19.60 -28.05
C GLY B 113 1.49 18.13 -28.28
N SER B 114 1.60 17.32 -27.22
CA SER B 114 1.23 15.90 -27.34
C SER B 114 -0.26 15.75 -27.65
N CYS B 115 -1.10 16.51 -26.95
CA CYS B 115 -2.53 16.41 -27.19
C CYS B 115 -2.94 17.09 -28.48
N PHE B 116 -2.21 18.13 -28.90
CA PHE B 116 -2.47 18.73 -30.20
C PHE B 116 -2.30 17.71 -31.32
N ASN B 117 -1.25 16.89 -31.25
CA ASN B 117 -1.07 15.83 -32.24
C ASN B 117 -2.15 14.77 -32.12
N SER B 118 -2.59 14.46 -30.90
CA SER B 118 -3.64 13.47 -30.71
C SER B 118 -4.97 13.97 -31.27
N ALA B 119 -5.30 15.24 -31.03
CA ALA B 119 -6.53 15.80 -31.59
C ALA B 119 -6.45 15.88 -33.10
N GLN B 120 -5.27 16.18 -33.65
CA GLN B 120 -5.11 16.23 -35.09
C GLN B 120 -5.30 14.84 -35.71
N ALA B 121 -4.70 13.82 -35.08
CA ALA B 121 -4.85 12.46 -35.58
C ALA B 121 -6.30 12.00 -35.49
N ILE B 122 -7.01 12.42 -34.45
CA ILE B 122 -8.42 12.04 -34.31
C ILE B 122 -9.27 12.78 -35.35
N LEU B 123 -9.02 14.08 -35.54
CA LEU B 123 -9.86 14.88 -36.42
C LEU B 123 -9.53 14.71 -37.90
N THR B 124 -8.39 14.12 -38.24
CA THR B 124 -8.04 13.87 -39.63
C THR B 124 -8.23 12.42 -40.03
N GLY B 125 -8.84 11.60 -39.16
CA GLY B 125 -9.16 10.24 -39.52
C GLY B 125 -7.99 9.27 -39.44
N GLN B 126 -6.92 9.61 -38.71
CA GLN B 126 -5.81 8.67 -38.56
C GLN B 126 -6.11 7.65 -37.47
N VAL B 127 -6.76 8.08 -36.39
CA VAL B 127 -7.18 7.20 -35.30
C VAL B 127 -8.60 7.58 -34.92
N ARG B 128 -9.30 6.63 -34.29
CA ARG B 128 -10.63 6.93 -33.78
C ARG B 128 -10.57 7.69 -32.46
N ASN B 129 -9.66 7.31 -31.58
CA ASN B 129 -9.54 7.94 -30.26
C ASN B 129 -8.08 7.83 -29.82
N ALA B 130 -7.78 8.40 -28.66
CA ALA B 130 -6.39 8.43 -28.19
C ALA B 130 -6.33 8.65 -26.69
N VAL B 131 -5.19 8.30 -26.12
CA VAL B 131 -4.88 8.51 -24.70
C VAL B 131 -3.56 9.27 -24.60
N ALA B 132 -3.51 10.25 -23.71
CA ALA B 132 -2.35 11.13 -23.55
C ALA B 132 -1.79 10.94 -22.16
N ILE B 133 -0.62 10.31 -22.05
CA ILE B 133 0.01 10.10 -20.74
C ILE B 133 1.01 11.22 -20.53
N VAL B 134 0.53 12.35 -20.00
CA VAL B 134 1.30 13.59 -19.99
C VAL B 134 1.29 14.18 -18.60
N ARG B 135 2.28 15.05 -18.36
CA ARG B 135 2.40 15.83 -17.14
C ARG B 135 3.32 17.00 -17.46
N PRO B 136 3.23 18.13 -16.74
CA PRO B 136 2.34 18.45 -15.61
C PRO B 136 0.86 18.59 -16.02
N PRO B 137 -0.06 18.51 -15.03
CA PRO B 137 -1.48 18.65 -15.35
C PRO B 137 -1.84 20.04 -15.85
N GLY B 138 -3.12 20.29 -16.12
CA GLY B 138 -3.47 21.54 -16.77
C GLY B 138 -4.72 22.27 -16.32
N HIS B 139 -5.70 21.56 -15.74
CA HIS B 139 -7.02 22.17 -15.62
C HIS B 139 -7.12 23.23 -14.52
N HIS B 140 -6.07 23.43 -13.72
CA HIS B 140 -6.07 24.53 -12.75
C HIS B 140 -5.43 25.80 -13.31
N ALA B 141 -4.71 25.71 -14.41
CA ALA B 141 -4.03 26.88 -14.95
C ALA B 141 -5.04 27.85 -15.54
N GLU B 142 -4.96 29.12 -15.12
CA GLU B 142 -5.85 30.17 -15.60
C GLU B 142 -5.23 30.85 -16.82
N LYS B 143 -5.96 31.82 -17.37
CA LYS B 143 -5.48 32.51 -18.56
C LYS B 143 -4.12 33.16 -18.34
N ASP B 144 -3.91 33.78 -17.18
CA ASP B 144 -2.64 34.47 -16.93
C ASP B 144 -2.02 34.09 -15.59
N THR B 145 -2.28 32.90 -15.09
CA THR B 145 -1.57 32.44 -13.90
C THR B 145 -1.51 30.92 -13.88
N ALA B 146 -0.46 30.40 -13.24
CA ALA B 146 -0.34 28.99 -12.95
C ALA B 146 -0.93 28.70 -11.58
N CYS B 147 -1.36 27.46 -11.39
CA CYS B 147 -2.05 27.10 -10.16
C CYS B 147 -2.13 25.59 -10.04
N GLY B 148 -2.07 25.11 -8.79
CA GLY B 148 -2.29 23.71 -8.45
C GLY B 148 -1.61 22.70 -9.34
N PHE B 149 -0.30 22.82 -9.50
CA PHE B 149 0.60 21.95 -10.27
C PHE B 149 0.47 22.16 -11.76
N CYS B 150 -0.36 23.10 -12.22
CA CYS B 150 -0.63 23.29 -13.65
C CYS B 150 -0.02 24.61 -14.12
N PHE B 151 0.63 24.57 -15.28
CA PHE B 151 1.22 25.76 -15.90
C PHE B 151 0.40 26.27 -17.07
N PHE B 152 0.00 25.39 -17.98
CA PHE B 152 -0.88 25.74 -19.08
C PHE B 152 -2.05 24.78 -19.10
N ASN B 153 -3.22 25.30 -19.47
CA ASN B 153 -4.45 24.50 -19.47
C ASN B 153 -4.45 23.63 -20.72
N THR B 154 -3.93 22.41 -20.56
CA THR B 154 -3.76 21.51 -21.70
C THR B 154 -5.09 21.17 -22.35
N ALA B 155 -6.11 20.87 -21.54
CA ALA B 155 -7.41 20.52 -22.11
C ALA B 155 -8.04 21.71 -22.84
N ALA B 156 -7.97 22.90 -22.24
CA ALA B 156 -8.52 24.08 -22.89
C ALA B 156 -7.79 24.41 -24.18
N LEU B 157 -6.46 24.28 -24.18
CA LEU B 157 -5.68 24.53 -25.38
C LEU B 157 -6.04 23.54 -26.49
N THR B 158 -6.24 22.27 -26.13
CA THR B 158 -6.58 21.26 -27.13
C THR B 158 -7.94 21.55 -27.75
N ALA B 159 -8.90 22.03 -26.95
CA ALA B 159 -10.20 22.38 -27.48
C ALA B 159 -10.09 23.54 -28.48
N ARG B 160 -9.32 24.57 -28.13
CA ARG B 160 -9.12 25.68 -29.05
C ARG B 160 -8.30 25.25 -30.27
N TYR B 161 -7.30 24.39 -30.07
CA TYR B 161 -6.54 23.88 -31.21
C TYR B 161 -7.43 23.09 -32.14
N ALA B 162 -8.29 22.23 -31.59
CA ALA B 162 -9.23 21.47 -32.40
C ALA B 162 -10.12 22.40 -33.22
N GLN B 163 -10.54 23.51 -32.61
CA GLN B 163 -11.37 24.47 -33.34
C GLN B 163 -10.58 25.18 -34.44
N SER B 164 -9.29 25.39 -34.23
CA SER B 164 -8.51 26.15 -35.21
C SER B 164 -8.22 25.33 -36.46
N ILE B 165 -8.21 24.00 -36.37
CA ILE B 165 -7.92 23.15 -37.52
C ILE B 165 -9.17 22.57 -38.16
N THR B 166 -10.35 22.89 -37.63
CA THR B 166 -11.59 22.44 -38.25
C THR B 166 -12.48 23.64 -38.56
N ARG B 167 -13.30 24.05 -37.59
CA ARG B 167 -14.07 25.29 -37.70
C ARG B 167 -14.18 25.88 -36.31
N GLU B 168 -14.36 27.20 -36.26
CA GLU B 168 -14.29 27.90 -34.97
C GLU B 168 -15.40 27.47 -34.03
N SER B 169 -16.55 27.02 -34.55
CA SER B 169 -17.68 26.65 -33.72
C SER B 169 -17.80 25.14 -33.52
N LEU B 170 -16.70 24.40 -33.72
CA LEU B 170 -16.70 22.96 -33.47
C LEU B 170 -17.10 22.70 -32.02
N ARG B 171 -18.06 21.80 -31.84
CA ARG B 171 -18.62 21.55 -30.51
C ARG B 171 -17.72 20.54 -29.79
N VAL B 172 -17.03 21.01 -28.76
CA VAL B 172 -16.13 20.19 -27.95
C VAL B 172 -16.75 20.00 -26.57
N LEU B 173 -16.85 18.74 -26.14
CA LEU B 173 -17.26 18.42 -24.78
C LEU B 173 -16.01 18.12 -23.95
N ILE B 174 -15.87 18.82 -22.84
CA ILE B 174 -14.79 18.58 -21.88
C ILE B 174 -15.43 18.01 -20.62
N VAL B 175 -15.18 16.72 -20.36
CA VAL B 175 -15.58 16.07 -19.13
C VAL B 175 -14.38 16.05 -18.20
N ASP B 176 -14.55 16.56 -16.99
CA ASP B 176 -13.48 16.68 -16.00
C ASP B 176 -13.89 15.84 -14.79
N TRP B 177 -13.39 14.60 -14.72
CA TRP B 177 -13.70 13.74 -13.59
C TRP B 177 -12.57 13.67 -12.58
N ASP B 178 -11.54 14.52 -12.72
CA ASP B 178 -10.59 14.75 -11.64
C ASP B 178 -11.34 15.15 -10.39
N VAL B 179 -10.81 14.78 -9.23
CA VAL B 179 -11.52 15.02 -7.98
C VAL B 179 -11.64 16.51 -7.67
N HIS B 180 -10.81 17.34 -8.29
CA HIS B 180 -10.84 18.78 -8.06
C HIS B 180 -11.60 19.48 -9.19
N HIS B 181 -12.24 20.59 -8.85
CA HIS B 181 -12.87 21.42 -9.86
C HIS B 181 -11.80 22.04 -10.76
N GLY B 182 -12.00 21.92 -12.07
CA GLY B 182 -11.10 22.56 -13.01
C GLY B 182 -11.41 24.04 -13.14
N ASN B 183 -10.97 24.83 -12.15
CA ASN B 183 -11.28 26.26 -12.13
C ASN B 183 -10.81 26.95 -13.40
N GLY B 184 -9.60 26.62 -13.86
CA GLY B 184 -9.06 27.27 -15.04
C GLY B 184 -9.86 26.98 -16.29
N THR B 185 -10.32 25.73 -16.43
CA THR B 185 -11.09 25.37 -17.63
C THR B 185 -12.44 26.05 -17.65
N GLN B 186 -13.14 26.10 -16.50
CA GLN B 186 -14.43 26.76 -16.44
C GLN B 186 -14.32 28.23 -16.82
N HIS B 187 -13.34 28.93 -16.27
CA HIS B 187 -13.19 30.36 -16.53
C HIS B 187 -12.87 30.63 -17.98
N ILE B 188 -12.03 29.79 -18.60
CA ILE B 188 -11.63 30.00 -19.98
C ILE B 188 -12.83 29.92 -20.92
N PHE B 189 -13.78 29.04 -20.65
CA PHE B 189 -14.92 28.83 -21.53
C PHE B 189 -16.24 29.33 -20.94
N GLU B 190 -16.18 30.18 -19.93
CA GLU B 190 -17.40 30.54 -19.19
C GLU B 190 -18.43 31.23 -20.06
N GLU B 191 -18.00 32.00 -21.06
CA GLU B 191 -18.91 32.71 -21.94
C GLU B 191 -19.03 32.07 -23.31
N ASP B 192 -18.60 30.83 -23.47
CA ASP B 192 -18.52 30.18 -24.77
C ASP B 192 -19.53 29.04 -24.84
N ASP B 193 -20.29 28.98 -25.93
CA ASP B 193 -21.28 27.92 -26.13
C ASP B 193 -20.81 26.84 -27.09
N SER B 194 -19.58 26.95 -27.60
CA SER B 194 -19.01 25.90 -28.44
C SER B 194 -18.27 24.84 -27.63
N VAL B 195 -17.94 25.12 -26.38
CA VAL B 195 -17.24 24.20 -25.51
C VAL B 195 -18.09 23.96 -24.27
N LEU B 196 -18.70 22.79 -24.17
CA LEU B 196 -19.45 22.40 -22.99
C LEU B 196 -18.50 21.81 -21.95
N TYR B 197 -18.50 22.40 -20.76
CA TYR B 197 -17.63 21.96 -19.67
C TYR B 197 -18.48 21.34 -18.58
N ILE B 198 -18.22 20.07 -18.29
CA ILE B 198 -18.90 19.34 -17.22
C ILE B 198 -17.84 18.84 -16.26
N SER B 199 -17.95 19.23 -15.00
CA SER B 199 -16.99 18.87 -13.96
C SER B 199 -17.71 18.22 -12.79
N LEU B 200 -17.25 17.04 -12.39
CA LEU B 200 -17.63 16.41 -11.14
C LEU B 200 -16.46 16.54 -10.18
N HIS B 201 -16.73 17.02 -8.96
CA HIS B 201 -15.63 17.36 -8.08
C HIS B 201 -16.07 17.37 -6.63
N ARG B 202 -15.17 16.94 -5.75
CA ARG B 202 -15.36 17.13 -4.33
C ARG B 202 -15.36 18.61 -4.00
N TYR B 203 -16.38 19.06 -3.28
CA TYR B 203 -16.60 20.48 -3.06
C TYR B 203 -16.61 20.87 -1.59
N GLU B 204 -17.25 20.08 -0.74
CA GLU B 204 -17.32 20.32 0.71
C GLU B 204 -17.70 21.76 1.02
N ASP B 205 -18.71 22.26 0.30
CA ASP B 205 -19.26 23.59 0.52
C ASP B 205 -18.20 24.69 0.37
N GLY B 206 -17.26 24.47 -0.54
CA GLY B 206 -16.25 25.47 -0.85
C GLY B 206 -14.93 25.32 -0.11
N ALA B 207 -14.78 24.31 0.74
CA ALA B 207 -13.59 24.16 1.57
C ALA B 207 -12.51 23.30 0.91
N PHE B 208 -12.86 22.47 -0.06
CA PHE B 208 -11.88 21.65 -0.75
C PHE B 208 -11.20 22.45 -1.85
N PHE B 209 -9.95 22.13 -2.12
CA PHE B 209 -9.20 22.80 -3.17
C PHE B 209 -9.97 22.71 -4.49
N PRO B 210 -10.04 23.78 -5.29
CA PRO B 210 -9.34 25.07 -5.11
C PRO B 210 -10.08 26.14 -4.29
N ASN B 211 -10.97 25.73 -3.38
CA ASN B 211 -11.46 26.61 -2.31
C ASN B 211 -12.22 27.82 -2.84
N SER B 212 -13.03 27.63 -3.86
CA SER B 212 -13.79 28.73 -4.45
C SER B 212 -15.23 28.31 -4.69
N GLU B 213 -16.16 29.23 -4.42
CA GLU B 213 -17.57 28.99 -4.69
C GLU B 213 -17.90 29.01 -6.18
N ASP B 214 -16.92 29.25 -7.05
CA ASP B 214 -17.13 29.10 -8.48
C ASP B 214 -17.47 27.67 -8.87
N ALA B 215 -17.12 26.70 -8.03
CA ALA B 215 -17.32 25.29 -8.33
C ALA B 215 -18.73 24.80 -8.00
N ASN B 216 -19.60 25.67 -7.50
CA ASN B 216 -20.91 25.21 -7.06
C ASN B 216 -21.86 25.04 -8.25
N TYR B 217 -22.99 24.38 -7.98
CA TYR B 217 -23.90 23.98 -9.04
C TYR B 217 -24.59 25.16 -9.70
N ASP B 218 -24.68 26.31 -9.03
CA ASP B 218 -25.41 27.45 -9.57
C ASP B 218 -24.59 28.27 -10.57
N LYS B 219 -23.33 27.91 -10.80
CA LYS B 219 -22.50 28.56 -11.82
C LYS B 219 -22.72 27.82 -13.13
N VAL B 220 -23.60 28.36 -13.97
CA VAL B 220 -24.06 27.68 -15.18
C VAL B 220 -23.48 28.29 -16.45
N GLY B 221 -22.63 29.29 -16.33
CA GLY B 221 -22.12 30.02 -17.48
C GLY B 221 -22.66 31.44 -17.51
N LEU B 222 -22.07 32.23 -18.40
CA LEU B 222 -22.37 33.66 -18.52
C LEU B 222 -22.69 34.01 -19.96
N GLY B 223 -23.63 34.93 -20.12
CA GLY B 223 -23.97 35.42 -21.45
C GLY B 223 -24.46 34.31 -22.36
N LYS B 224 -23.86 34.20 -23.55
CA LYS B 224 -24.21 33.12 -24.47
C LYS B 224 -23.74 31.77 -23.98
N GLY B 225 -22.89 31.72 -22.95
CA GLY B 225 -22.44 30.48 -22.38
C GLY B 225 -23.34 29.88 -21.32
N ARG B 226 -24.46 30.53 -21.02
CA ARG B 226 -25.35 30.04 -19.97
C ARG B 226 -25.89 28.67 -20.34
N GLY B 227 -25.76 27.72 -19.41
CA GLY B 227 -26.12 26.34 -19.63
C GLY B 227 -24.98 25.45 -20.05
N TYR B 228 -23.88 26.03 -20.51
CA TYR B 228 -22.75 25.26 -21.04
C TYR B 228 -21.64 25.08 -20.01
N ASN B 229 -21.93 25.29 -18.74
CA ASN B 229 -21.01 25.01 -17.65
C ASN B 229 -21.78 24.25 -16.58
N VAL B 230 -21.48 22.96 -16.42
CA VAL B 230 -22.22 22.07 -15.53
C VAL B 230 -21.28 21.65 -14.40
N ASN B 231 -21.51 22.18 -13.21
CA ASN B 231 -20.76 21.81 -12.02
C ASN B 231 -21.56 20.79 -11.21
N ILE B 232 -20.93 19.66 -10.92
CA ILE B 232 -21.56 18.61 -10.10
C ILE B 232 -20.76 18.49 -8.82
N PRO B 233 -21.11 19.23 -7.77
CA PRO B 233 -20.29 19.26 -6.56
C PRO B 233 -20.74 18.27 -5.49
N TRP B 234 -19.80 17.53 -4.91
CA TRP B 234 -20.08 16.58 -3.85
C TRP B 234 -19.80 17.21 -2.49
N ASN B 235 -20.64 16.91 -1.51
CA ASN B 235 -20.52 17.43 -0.16
C ASN B 235 -20.74 16.32 0.84
N GLY B 236 -19.84 16.20 1.81
CA GLY B 236 -19.99 15.30 2.94
C GLY B 236 -20.35 13.87 2.58
N GLY B 237 -19.37 13.12 2.06
CA GLY B 237 -19.60 11.74 1.69
C GLY B 237 -18.48 11.13 0.88
N LYS B 238 -18.13 9.89 1.18
CA LYS B 238 -17.11 9.16 0.43
C LYS B 238 -17.76 8.65 -0.86
N MET B 239 -17.53 9.38 -1.96
CA MET B 239 -18.22 9.10 -3.21
C MET B 239 -17.49 8.04 -4.02
N GLY B 240 -18.28 7.22 -4.73
CA GLY B 240 -17.71 6.15 -5.51
C GLY B 240 -18.47 5.84 -6.79
N ASP B 241 -18.35 4.61 -7.26
CA ASP B 241 -18.98 4.21 -8.52
C ASP B 241 -20.48 4.45 -8.57
N PRO B 242 -21.27 4.16 -7.52
CA PRO B 242 -22.72 4.44 -7.62
C PRO B 242 -23.03 5.91 -7.84
N GLU B 243 -22.30 6.81 -7.18
CA GLU B 243 -22.59 8.23 -7.30
C GLU B 243 -22.19 8.75 -8.68
N TYR B 244 -21.07 8.29 -9.22
CA TYR B 244 -20.62 8.77 -10.51
C TYR B 244 -21.44 8.17 -11.66
N MET B 245 -21.89 6.93 -11.49
CA MET B 245 -22.81 6.35 -12.47
C MET B 245 -24.15 7.08 -12.45
N ALA B 246 -24.64 7.43 -11.26
CA ALA B 246 -25.89 8.18 -11.17
C ALA B 246 -25.75 9.58 -11.77
N ALA B 247 -24.62 10.24 -11.53
CA ALA B 247 -24.40 11.56 -12.11
C ALA B 247 -24.32 11.49 -13.63
N PHE B 248 -23.68 10.46 -14.16
CA PHE B 248 -23.65 10.28 -15.61
C PHE B 248 -25.04 9.95 -16.15
N HIS B 249 -25.85 9.22 -15.40
CA HIS B 249 -27.16 8.82 -15.88
C HIS B 249 -28.14 9.99 -15.89
N HIS B 250 -28.16 10.77 -14.81
CA HIS B 250 -29.14 11.84 -14.68
C HIS B 250 -28.68 13.15 -15.33
N LEU B 251 -27.37 13.34 -15.51
CA LEU B 251 -26.88 14.66 -15.89
C LEU B 251 -25.95 14.62 -17.09
N VAL B 252 -24.82 13.93 -16.97
CA VAL B 252 -23.75 14.05 -17.96
C VAL B 252 -24.22 13.56 -19.33
N MET B 253 -24.73 12.34 -19.39
CA MET B 253 -25.09 11.76 -20.68
C MET B 253 -26.33 12.38 -21.31
N PRO B 254 -27.38 12.72 -20.56
CA PRO B 254 -28.50 13.45 -21.18
C PRO B 254 -28.09 14.79 -21.75
N ILE B 255 -27.24 15.53 -21.04
CA ILE B 255 -26.82 16.84 -21.51
C ILE B 255 -25.86 16.69 -22.69
N ALA B 256 -24.92 15.75 -22.60
CA ALA B 256 -23.95 15.58 -23.68
C ALA B 256 -24.62 15.13 -24.96
N ARG B 257 -25.66 14.30 -24.85
CA ARG B 257 -26.35 13.83 -26.06
C ARG B 257 -27.11 14.95 -26.75
N GLU B 258 -27.74 15.83 -25.96
CA GLU B 258 -28.40 16.99 -26.56
C GLU B 258 -27.38 17.96 -27.15
N PHE B 259 -26.23 18.10 -26.48
CA PHE B 259 -25.15 18.94 -27.02
C PHE B 259 -24.62 18.36 -28.32
N ALA B 260 -24.57 17.02 -28.43
CA ALA B 260 -24.07 16.31 -29.59
C ALA B 260 -22.66 16.77 -29.94
N PRO B 261 -21.67 16.48 -29.11
CA PRO B 261 -20.32 16.99 -29.38
C PRO B 261 -19.71 16.30 -30.59
N GLU B 262 -18.86 17.05 -31.28
CA GLU B 262 -18.10 16.51 -32.40
C GLU B 262 -16.73 15.98 -31.96
N LEU B 263 -16.34 16.23 -30.72
CA LEU B 263 -15.11 15.71 -30.15
C LEU B 263 -15.25 15.74 -28.63
N VAL B 264 -14.79 14.67 -27.97
CA VAL B 264 -14.87 14.55 -26.52
C VAL B 264 -13.45 14.56 -25.95
N LEU B 265 -13.19 15.53 -25.08
CA LEU B 265 -11.95 15.59 -24.31
C LEU B 265 -12.26 15.26 -22.86
N VAL B 266 -11.42 14.44 -22.24
CA VAL B 266 -11.60 14.04 -20.85
C VAL B 266 -10.39 14.53 -20.06
N SER B 267 -10.61 15.51 -19.19
CA SER B 267 -9.62 15.80 -18.16
C SER B 267 -9.63 14.66 -17.16
N ALA B 268 -8.86 13.60 -17.44
CA ALA B 268 -8.90 12.36 -16.67
C ALA B 268 -7.89 12.44 -15.54
N GLY B 269 -8.27 13.17 -14.49
CA GLY B 269 -7.58 13.04 -13.23
C GLY B 269 -8.11 11.82 -12.49
N PHE B 270 -7.18 11.07 -11.90
CA PHE B 270 -7.52 9.84 -11.20
C PHE B 270 -7.28 9.97 -9.70
N ASP B 271 -7.43 11.18 -9.16
CA ASP B 271 -7.33 11.41 -7.74
C ASP B 271 -8.65 11.18 -7.00
N ALA B 272 -9.71 10.81 -7.71
CA ALA B 272 -10.93 10.33 -7.08
C ALA B 272 -10.93 8.81 -6.92
N ALA B 273 -9.87 8.14 -7.33
CA ALA B 273 -9.83 6.69 -7.31
C ALA B 273 -9.65 6.16 -5.89
N ARG B 274 -10.11 4.93 -5.67
CA ARG B 274 -9.85 4.24 -4.42
C ARG B 274 -8.34 4.15 -4.18
N GLY B 275 -7.92 4.50 -2.97
CA GLY B 275 -6.52 4.42 -2.61
C GLY B 275 -5.73 5.70 -2.82
N ASP B 276 -6.33 6.74 -3.39
CA ASP B 276 -5.60 7.98 -3.59
C ASP B 276 -5.41 8.68 -2.25
N PRO B 277 -4.21 9.21 -1.98
CA PRO B 277 -3.96 9.85 -0.68
C PRO B 277 -4.65 11.19 -0.51
N LEU B 278 -5.08 11.83 -1.60
CA LEU B 278 -5.59 13.19 -1.54
C LEU B 278 -7.11 13.29 -1.71
N GLY B 279 -7.69 12.46 -2.57
CA GLY B 279 -9.07 12.68 -2.99
C GLY B 279 -10.11 12.31 -1.96
N GLY B 280 -9.88 11.22 -1.24
CA GLY B 280 -10.82 10.74 -0.28
C GLY B 280 -12.02 10.02 -0.87
N PHE B 281 -12.03 9.79 -2.18
CA PHE B 281 -13.10 9.06 -2.84
C PHE B 281 -12.66 7.63 -3.13
N GLN B 282 -13.52 6.87 -3.81
CA GLN B 282 -13.29 5.43 -3.99
C GLN B 282 -13.79 4.95 -5.35
N VAL B 283 -13.55 5.73 -6.40
CA VAL B 283 -13.88 5.27 -7.75
C VAL B 283 -12.92 4.14 -8.12
N THR B 284 -13.48 2.98 -8.44
CA THR B 284 -12.68 1.81 -8.79
C THR B 284 -12.20 1.89 -10.23
N PRO B 285 -11.20 1.09 -10.61
CA PRO B 285 -10.80 1.06 -12.03
C PRO B 285 -11.94 0.66 -12.96
N GLU B 286 -12.80 -0.25 -12.51
CA GLU B 286 -13.96 -0.64 -13.31
C GLU B 286 -14.92 0.52 -13.45
N GLY B 287 -14.99 1.41 -12.46
CA GLY B 287 -15.83 2.59 -12.59
C GLY B 287 -15.35 3.53 -13.68
N TYR B 288 -14.04 3.81 -13.70
CA TYR B 288 -13.47 4.65 -14.74
C TYR B 288 -13.68 4.04 -16.12
N ALA B 289 -13.56 2.71 -16.23
CA ALA B 289 -13.82 2.05 -17.50
C ALA B 289 -15.27 2.21 -17.91
N HIS B 290 -16.20 2.09 -16.95
CA HIS B 290 -17.61 2.27 -17.25
C HIS B 290 -17.89 3.68 -17.74
N LEU B 291 -17.29 4.69 -17.09
CA LEU B 291 -17.48 6.06 -17.52
C LEU B 291 -16.88 6.30 -18.89
N THR B 292 -15.76 5.64 -19.19
CA THR B 292 -15.12 5.80 -20.50
C THR B 292 -15.99 5.22 -21.61
N HIS B 293 -16.43 3.97 -21.45
CA HIS B 293 -17.33 3.35 -22.41
C HIS B 293 -18.58 4.19 -22.62
N GLN B 294 -19.06 4.85 -21.56
CA GLN B 294 -20.19 5.74 -21.68
C GLN B 294 -19.89 6.89 -22.64
N LEU B 295 -18.76 7.58 -22.43
CA LEU B 295 -18.39 8.69 -23.29
C LEU B 295 -18.11 8.25 -24.72
N MET B 296 -17.74 6.99 -24.94
CA MET B 296 -17.50 6.51 -26.29
C MET B 296 -18.77 6.41 -27.11
N SER B 297 -19.94 6.40 -26.47
CA SER B 297 -21.19 6.47 -27.22
C SER B 297 -21.44 7.85 -27.80
N LEU B 298 -20.64 8.84 -27.43
CA LEU B 298 -20.73 10.19 -27.96
C LEU B 298 -19.70 10.40 -29.07
N ALA B 299 -20.02 11.32 -29.98
CA ALA B 299 -19.10 11.77 -31.02
C ALA B 299 -18.52 10.60 -31.82
N ALA B 300 -19.31 9.55 -32.00
CA ALA B 300 -18.91 8.35 -32.74
C ALA B 300 -17.61 7.78 -32.19
N GLY B 301 -17.39 7.93 -30.89
CA GLY B 301 -16.22 7.36 -30.24
C GLY B 301 -14.96 8.20 -30.30
N ARG B 302 -15.04 9.45 -30.76
CA ARG B 302 -13.88 10.33 -30.82
C ARG B 302 -13.65 10.92 -29.43
N VAL B 303 -12.86 10.19 -28.63
CA VAL B 303 -12.56 10.56 -27.25
C VAL B 303 -11.06 10.73 -27.10
N LEU B 304 -10.65 11.81 -26.46
CA LEU B 304 -9.24 12.04 -26.13
C LEU B 304 -9.13 12.15 -24.61
N ILE B 305 -8.44 11.18 -24.02
CA ILE B 305 -8.30 11.10 -22.57
C ILE B 305 -6.95 11.70 -22.19
N ILE B 306 -7.00 12.79 -21.42
CA ILE B 306 -5.80 13.54 -21.04
C ILE B 306 -5.61 13.39 -19.54
N LEU B 307 -4.39 13.02 -19.14
CA LEU B 307 -4.11 12.83 -17.71
C LEU B 307 -4.04 14.17 -16.99
N GLU B 308 -4.71 14.25 -15.83
CA GLU B 308 -4.55 15.42 -14.98
C GLU B 308 -3.85 15.00 -13.70
N GLY B 309 -4.62 14.86 -12.62
CA GLY B 309 -4.08 14.48 -11.33
C GLY B 309 -4.18 12.99 -11.06
N GLY B 310 -3.92 12.63 -9.81
CA GLY B 310 -3.90 11.24 -9.39
C GLY B 310 -2.56 10.81 -8.83
N TYR B 311 -2.53 10.33 -7.58
CA TYR B 311 -1.26 10.25 -6.85
C TYR B 311 -0.99 8.92 -6.16
N ASN B 312 -1.88 7.95 -6.27
CA ASN B 312 -1.54 6.55 -5.95
C ASN B 312 -1.05 5.92 -7.25
N LEU B 313 0.25 5.61 -7.30
CA LEU B 313 0.86 5.13 -8.54
C LEU B 313 0.19 3.85 -9.03
N THR B 314 -0.22 2.98 -8.10
CA THR B 314 -0.90 1.76 -8.50
C THR B 314 -2.31 2.06 -8.98
N SER B 315 -3.01 2.98 -8.30
CA SER B 315 -4.39 3.29 -8.69
C SER B 315 -4.44 3.94 -10.07
N ILE B 316 -3.61 4.96 -10.30
CA ILE B 316 -3.65 5.66 -11.58
C ILE B 316 -3.18 4.76 -12.72
N SER B 317 -2.32 3.78 -12.42
CA SER B 317 -1.86 2.87 -13.46
C SER B 317 -2.95 1.87 -13.84
N GLU B 318 -3.66 1.33 -12.84
CA GLU B 318 -4.76 0.42 -13.13
C GLU B 318 -5.92 1.15 -13.80
N SER B 319 -6.20 2.38 -13.36
CA SER B 319 -7.39 3.07 -13.83
C SER B 319 -7.26 3.53 -15.27
N MET B 320 -6.13 4.14 -15.62
CA MET B 320 -5.97 4.63 -16.99
C MET B 320 -5.78 3.48 -17.97
N SER B 321 -5.15 2.39 -17.53
CA SER B 321 -5.08 1.20 -18.39
C SER B 321 -6.48 0.68 -18.71
N MET B 322 -7.37 0.68 -17.73
CA MET B 322 -8.76 0.29 -17.97
C MET B 322 -9.43 1.21 -18.98
N CYS B 323 -9.13 2.51 -18.90
CA CYS B 323 -9.70 3.47 -19.86
C CYS B 323 -9.19 3.20 -21.26
N THR B 324 -7.86 3.01 -21.41
CA THR B 324 -7.30 2.68 -22.71
C THR B 324 -7.91 1.40 -23.27
N SER B 325 -8.09 0.39 -22.42
CA SER B 325 -8.72 -0.86 -22.84
C SER B 325 -10.11 -0.61 -23.43
N MET B 326 -10.85 0.34 -22.85
CA MET B 326 -12.17 0.67 -23.39
C MET B 326 -12.05 1.35 -24.75
N LEU B 327 -11.14 2.32 -24.87
CA LEU B 327 -10.90 2.96 -26.15
C LEU B 327 -10.56 1.95 -27.24
N LEU B 328 -9.89 0.87 -26.87
CA LEU B 328 -9.53 -0.20 -27.81
C LEU B 328 -10.70 -1.12 -28.12
N GLY B 329 -11.87 -0.90 -27.53
CA GLY B 329 -13.05 -1.68 -27.85
C GLY B 329 -13.27 -2.90 -26.99
N ASP B 330 -12.54 -3.05 -25.89
CA ASP B 330 -12.74 -4.21 -25.03
C ASP B 330 -14.07 -4.12 -24.30
N SER B 331 -14.53 -5.26 -23.82
CA SER B 331 -15.84 -5.34 -23.18
C SER B 331 -15.84 -4.52 -21.89
N PRO B 332 -16.86 -3.69 -21.66
CA PRO B 332 -16.90 -2.93 -20.42
C PRO B 332 -17.26 -3.83 -19.25
N PRO B 333 -16.77 -3.52 -18.05
CA PRO B 333 -17.18 -4.30 -16.87
C PRO B 333 -18.65 -4.08 -16.56
N SER B 334 -19.24 -5.07 -15.88
CA SER B 334 -20.64 -5.02 -15.48
C SER B 334 -20.73 -4.52 -14.05
N LEU B 335 -21.34 -3.35 -13.87
CA LEU B 335 -21.45 -2.71 -12.56
C LEU B 335 -22.91 -2.68 -12.13
N ASP B 336 -23.12 -2.69 -10.82
CA ASP B 336 -24.47 -2.67 -10.25
C ASP B 336 -24.97 -1.24 -10.20
N HIS B 337 -26.13 -0.98 -10.81
CA HIS B 337 -26.73 0.34 -10.85
C HIS B 337 -27.80 0.54 -9.78
N LEU B 338 -28.12 -0.51 -9.02
CA LEU B 338 -29.15 -0.44 -8.00
C LEU B 338 -28.58 -0.22 -6.60
N THR B 339 -27.27 -0.02 -6.48
CA THR B 339 -26.70 0.34 -5.18
C THR B 339 -27.20 1.72 -4.80
N PRO B 340 -27.90 1.87 -3.67
CA PRO B 340 -28.44 3.19 -3.31
C PRO B 340 -27.31 4.17 -3.05
N LEU B 341 -27.58 5.44 -3.35
CA LEU B 341 -26.58 6.48 -3.22
C LEU B 341 -26.51 6.99 -1.79
N LYS B 342 -25.34 7.50 -1.43
CA LYS B 342 -25.23 8.27 -0.21
C LYS B 342 -26.10 9.51 -0.32
N THR B 343 -26.82 9.82 0.77
CA THR B 343 -27.94 10.76 0.68
C THR B 343 -27.51 12.15 0.25
N SER B 344 -26.27 12.55 0.56
CA SER B 344 -25.83 13.87 0.13
C SER B 344 -25.61 13.94 -1.37
N ALA B 345 -25.34 12.80 -2.01
CA ALA B 345 -25.17 12.79 -3.46
C ALA B 345 -26.50 12.93 -4.18
N THR B 346 -27.58 12.40 -3.60
CA THR B 346 -28.90 12.65 -4.16
C THR B 346 -29.24 14.14 -4.11
N VAL B 347 -28.86 14.81 -3.02
CA VAL B 347 -29.11 16.25 -2.90
C VAL B 347 -28.32 17.01 -3.96
N SER B 348 -27.06 16.63 -4.16
CA SER B 348 -26.23 17.31 -5.15
C SER B 348 -26.79 17.16 -6.55
N ILE B 349 -27.13 15.93 -6.93
CA ILE B 349 -27.65 15.67 -8.28
C ILE B 349 -28.94 16.44 -8.53
N ASN B 350 -29.83 16.47 -7.53
CA ASN B 350 -31.08 17.21 -7.69
C ASN B 350 -30.85 18.72 -7.76
N ASN B 351 -29.79 19.20 -7.12
CA ASN B 351 -29.47 20.63 -7.22
C ASN B 351 -28.99 20.99 -8.63
N VAL B 352 -28.15 20.13 -9.22
CA VAL B 352 -27.68 20.38 -10.58
C VAL B 352 -28.85 20.30 -11.56
N LEU B 353 -29.73 19.32 -11.38
CA LEU B 353 -30.89 19.19 -12.25
C LEU B 353 -31.76 20.43 -12.22
N ARG B 354 -31.98 21.00 -11.03
CA ARG B 354 -32.74 22.24 -10.94
C ARG B 354 -32.05 23.38 -11.68
N ALA B 355 -30.72 23.47 -11.54
CA ALA B 355 -30.01 24.60 -12.15
C ALA B 355 -29.99 24.53 -13.66
N HIS B 356 -30.06 23.33 -14.24
CA HIS B 356 -29.89 23.17 -15.67
C HIS B 356 -31.13 22.73 -16.42
N ALA B 357 -32.22 22.38 -15.72
CA ALA B 357 -33.47 22.07 -16.39
C ALA B 357 -33.95 23.16 -17.34
N PRO B 358 -33.79 24.46 -17.04
CA PRO B 358 -34.18 25.48 -18.04
C PRO B 358 -33.36 25.46 -19.32
N PHE B 359 -32.19 24.83 -19.33
CA PHE B 359 -31.28 24.92 -20.46
C PHE B 359 -31.26 23.69 -21.34
N TRP B 360 -31.66 22.52 -20.83
CA TRP B 360 -31.51 21.26 -21.56
C TRP B 360 -32.84 20.53 -21.55
N SER B 361 -33.45 20.38 -22.73
CA SER B 361 -34.79 19.82 -22.85
C SER B 361 -34.87 18.34 -22.46
N SER B 362 -33.75 17.64 -22.40
CA SER B 362 -33.77 16.20 -22.20
C SER B 362 -33.67 15.78 -20.74
N LEU B 363 -33.71 16.73 -19.79
CA LEU B 363 -33.19 16.44 -18.47
C LEU B 363 -34.17 15.64 -17.61
N ARG B 364 -35.39 16.15 -17.44
CA ARG B 364 -36.37 15.63 -16.47
C ARG B 364 -35.87 15.80 -15.03
N PRO C 8 -6.69 29.92 43.16
CA PRO C 8 -5.86 29.12 42.26
C PRO C 8 -5.69 29.79 40.90
N ILE C 9 -4.47 29.78 40.37
CA ILE C 9 -4.15 30.54 39.16
C ILE C 9 -3.77 29.58 38.04
N THR C 10 -3.86 30.09 36.82
CA THR C 10 -3.51 29.38 35.61
C THR C 10 -2.21 29.96 35.06
N GLY C 11 -1.26 29.08 34.73
CA GLY C 11 -0.06 29.50 34.06
C GLY C 11 -0.21 29.54 32.55
N LEU C 12 0.59 30.38 31.92
CA LEU C 12 0.63 30.48 30.47
C LEU C 12 2.06 30.75 30.04
N VAL C 13 2.53 30.03 29.03
CA VAL C 13 3.87 30.22 28.50
C VAL C 13 3.78 30.42 27.00
N TYR C 14 4.55 31.38 26.50
CA TYR C 14 4.62 31.70 25.08
C TYR C 14 5.87 32.55 24.87
N ASP C 15 6.61 32.24 23.81
CA ASP C 15 7.81 33.00 23.47
C ASP C 15 7.88 33.11 21.95
N GLN C 16 7.93 34.35 21.44
CA GLN C 16 7.94 34.60 20.01
C GLN C 16 9.19 34.08 19.32
N ARG C 17 10.24 33.73 20.07
CA ARG C 17 11.40 33.11 19.45
C ARG C 17 11.02 31.79 18.79
N MET C 18 9.97 31.13 19.27
CA MET C 18 9.51 29.90 18.65
C MET C 18 8.87 30.13 17.28
N MET C 19 8.69 31.39 16.87
CA MET C 19 8.24 31.69 15.51
C MET C 19 9.38 31.62 14.50
N LEU C 20 10.62 31.46 14.93
CA LEU C 20 11.75 31.51 14.01
C LEU C 20 11.88 30.25 13.17
N HIS C 21 11.32 29.13 13.63
CA HIS C 21 11.34 27.89 12.87
C HIS C 21 10.33 27.99 11.71
N HIS C 22 10.82 27.79 10.49
CA HIS C 22 9.95 27.96 9.32
C HIS C 22 10.52 27.16 8.15
N ASN C 23 9.63 26.92 7.17
CA ASN C 23 9.97 26.21 5.95
C ASN C 23 10.61 27.19 4.97
N MET C 24 11.93 27.04 4.75
CA MET C 24 12.65 27.97 3.90
C MET C 24 12.11 28.00 2.48
N TRP C 25 11.57 26.89 1.98
CA TRP C 25 11.24 26.75 0.57
C TRP C 25 9.75 26.86 0.29
N ASP C 26 8.92 26.99 1.31
CA ASP C 26 7.47 27.13 1.12
C ASP C 26 6.94 28.00 2.26
N SER C 27 6.58 29.24 1.93
CA SER C 27 6.01 30.17 2.89
C SER C 27 4.51 29.99 3.07
N HIS C 28 3.88 29.06 2.34
CA HIS C 28 2.48 28.74 2.49
C HIS C 28 2.27 27.39 3.18
N HIS C 29 3.34 26.78 3.66
CA HIS C 29 3.23 25.52 4.38
C HIS C 29 2.33 25.70 5.61
N PRO C 30 1.49 24.72 5.93
CA PRO C 30 0.52 24.92 7.02
C PRO C 30 1.16 25.13 8.40
N GLU C 31 2.31 24.52 8.67
CA GLU C 31 2.95 24.66 9.98
C GLU C 31 3.85 25.91 9.96
N LEU C 32 3.19 27.06 9.96
CA LEU C 32 3.88 28.34 9.81
C LEU C 32 3.97 29.07 11.15
N PRO C 33 4.89 30.05 11.26
CA PRO C 33 5.10 30.69 12.56
C PRO C 33 3.88 31.37 13.16
N GLN C 34 2.99 31.91 12.32
CA GLN C 34 1.85 32.66 12.85
C GLN C 34 0.87 31.80 13.62
N ARG C 35 1.07 30.47 13.65
CA ARG C 35 0.18 29.60 14.42
C ARG C 35 0.15 29.99 15.88
N ILE C 36 1.33 30.21 16.48
CA ILE C 36 1.38 30.53 17.90
C ILE C 36 1.12 32.01 18.16
N SER C 37 1.50 32.88 17.22
CA SER C 37 1.26 34.31 17.44
C SER C 37 -0.23 34.65 17.33
N ARG C 38 -0.96 33.93 16.48
CA ARG C 38 -2.40 34.16 16.38
C ARG C 38 -3.13 33.63 17.60
N ILE C 39 -2.71 32.47 18.12
CA ILE C 39 -3.29 31.95 19.36
C ILE C 39 -3.04 32.92 20.50
N PHE C 40 -1.80 33.41 20.60
CA PHE C 40 -1.45 34.33 21.70
C PHE C 40 -2.24 35.63 21.59
N SER C 41 -2.30 36.21 20.39
CA SER C 41 -3.05 37.44 20.20
CA SER C 41 -3.05 37.44 20.20
C SER C 41 -4.52 37.26 20.53
N ARG C 42 -5.07 36.07 20.25
CA ARG C 42 -6.48 35.82 20.57
C ARG C 42 -6.70 35.78 22.08
N HIS C 43 -5.73 35.29 22.84
CA HIS C 43 -5.80 35.38 24.30
C HIS C 43 -5.77 36.83 24.75
N GLU C 44 -4.91 37.65 24.14
CA GLU C 44 -4.85 39.07 24.46
C GLU C 44 -6.19 39.75 24.22
N GLU C 45 -6.77 39.55 23.05
CA GLU C 45 -8.02 40.21 22.69
C GLU C 45 -9.15 39.78 23.62
N LEU C 46 -9.24 38.49 23.92
CA LEU C 46 -10.28 37.96 24.80
C LEU C 46 -9.98 38.19 26.27
N ARG C 47 -8.94 38.97 26.59
CA ARG C 47 -8.63 39.37 27.96
C ARG C 47 -8.35 38.17 28.86
N LEU C 48 -7.84 37.08 28.28
CA LEU C 48 -7.43 35.93 29.08
C LEU C 48 -6.02 36.10 29.62
N LEU C 49 -5.15 36.78 28.85
CA LEU C 49 -3.73 36.84 29.20
C LEU C 49 -3.51 37.52 30.54
N SER C 50 -4.20 38.63 30.78
CA SER C 50 -4.03 39.37 32.03
C SER C 50 -4.48 38.59 33.25
N ARG C 51 -5.19 37.48 33.07
CA ARG C 51 -5.66 36.65 34.17
C ARG C 51 -4.76 35.47 34.47
N CYS C 52 -3.75 35.23 33.65
CA CYS C 52 -2.82 34.13 33.84
C CYS C 52 -1.51 34.60 34.43
N HIS C 53 -0.81 33.68 35.09
CA HIS C 53 0.54 33.91 35.57
C HIS C 53 1.52 33.55 34.45
N ARG C 54 2.25 34.55 33.96
CA ARG C 54 3.16 34.34 32.84
C ARG C 54 4.35 33.49 33.30
N ILE C 55 4.52 32.34 32.67
CA ILE C 55 5.62 31.42 32.97
C ILE C 55 6.70 31.64 31.93
N PRO C 56 7.96 31.83 32.33
CA PRO C 56 9.01 32.09 31.34
C PRO C 56 9.38 30.83 30.57
N ALA C 57 9.68 31.00 29.29
CA ALA C 57 10.23 29.92 28.51
C ALA C 57 11.69 29.70 28.90
N ARG C 58 12.19 28.50 28.59
CA ARG C 58 13.60 28.20 28.79
C ARG C 58 13.99 27.10 27.83
N LEU C 59 15.30 26.88 27.72
CA LEU C 59 15.84 25.86 26.85
C LEU C 59 15.90 24.52 27.58
N ALA C 60 15.51 23.46 26.89
CA ALA C 60 15.77 22.13 27.40
C ALA C 60 17.27 21.83 27.32
N THR C 61 17.75 21.02 28.25
CA THR C 61 19.13 20.57 28.20
C THR C 61 19.21 19.27 27.42
N GLU C 62 20.41 18.98 26.92
CA GLU C 62 20.61 17.71 26.21
C GLU C 62 20.42 16.53 27.15
N GLU C 63 20.70 16.72 28.44
CA GLU C 63 20.45 15.66 29.42
C GLU C 63 18.95 15.39 29.55
N GLU C 64 18.13 16.44 29.45
CA GLU C 64 16.68 16.26 29.51
C GLU C 64 16.12 15.64 28.23
N LEU C 65 16.72 15.96 27.08
CA LEU C 65 16.28 15.31 25.84
C LEU C 65 16.59 13.83 25.87
N ALA C 66 17.65 13.42 26.56
CA ALA C 66 18.02 12.01 26.64
C ALA C 66 17.05 11.19 27.48
N LEU C 67 16.12 11.84 28.19
CA LEU C 67 15.11 11.09 28.94
C LEU C 67 14.24 10.25 28.01
N CYS C 68 14.04 10.70 26.77
CA CYS C 68 13.24 9.97 25.80
C CYS C 68 13.92 9.73 24.47
N HIS C 69 14.99 10.45 24.14
CA HIS C 69 15.62 10.34 22.84
C HIS C 69 17.06 9.87 22.97
N SER C 70 17.53 9.13 21.97
CA SER C 70 18.90 8.64 22.00
C SER C 70 19.87 9.73 21.56
N SER C 71 21.16 9.48 21.82
CA SER C 71 22.18 10.48 21.57
C SER C 71 22.37 10.74 20.08
N LYS C 72 22.18 9.71 19.24
CA LYS C 72 22.36 9.90 17.81
C LYS C 72 21.32 10.84 17.23
N HIS C 73 20.07 10.71 17.66
CA HIS C 73 19.01 11.60 17.16
C HIS C 73 19.21 13.03 17.63
N ILE C 74 19.58 13.21 18.90
CA ILE C 74 19.88 14.54 19.41
C ILE C 74 21.03 15.17 18.63
N SER C 75 22.09 14.39 18.39
CA SER C 75 23.27 14.92 17.73
C SER C 75 23.00 15.31 16.28
N ILE C 76 22.10 14.59 15.60
CA ILE C 76 21.81 14.89 14.21
C ILE C 76 20.98 16.16 14.09
N ILE C 77 19.94 16.30 14.92
CA ILE C 77 19.12 17.50 14.89
C ILE C 77 19.94 18.72 15.30
N LYS C 78 20.84 18.55 16.28
CA LYS C 78 21.66 19.67 16.73
C LYS C 78 22.61 20.13 15.62
N SER C 79 23.14 19.19 14.85
CA SER C 79 24.08 19.55 13.78
C SER C 79 23.43 20.43 12.72
N SER C 80 22.10 20.38 12.60
CA SER C 80 21.41 21.12 11.54
C SER C 80 21.58 22.63 11.68
N GLU C 81 21.84 23.14 12.88
CA GLU C 81 21.96 24.58 13.07
C GLU C 81 23.21 25.17 12.42
N HIS C 82 24.16 24.33 12.00
CA HIS C 82 25.36 24.80 11.34
C HIS C 82 25.29 24.70 9.81
N MET C 83 24.27 24.05 9.27
CA MET C 83 24.24 23.70 7.86
C MET C 83 23.77 24.85 6.99
N LYS C 84 24.26 24.85 5.75
CA LYS C 84 23.76 25.74 4.72
C LYS C 84 22.43 25.21 4.19
N PRO C 85 21.68 26.04 3.45
CA PRO C 85 20.34 25.58 2.99
C PRO C 85 20.36 24.29 2.20
N ARG C 86 21.36 24.08 1.34
CA ARG C 86 21.40 22.86 0.53
C ARG C 86 21.44 21.61 1.41
N ASP C 87 22.21 21.65 2.50
CA ASP C 87 22.31 20.50 3.38
C ASP C 87 21.10 20.41 4.31
N LEU C 88 20.50 21.54 4.68
CA LEU C 88 19.26 21.51 5.45
C LEU C 88 18.16 20.82 4.65
N ASN C 89 18.16 21.02 3.33
CA ASN C 89 17.15 20.39 2.48
C ASN C 89 17.35 18.88 2.41
N ARG C 90 18.59 18.43 2.27
CA ARG C 90 18.87 17.00 2.21
C ARG C 90 18.50 16.31 3.53
N LEU C 91 18.89 16.91 4.65
CA LEU C 91 18.63 16.30 5.95
C LEU C 91 17.13 16.15 6.19
N GLY C 92 16.36 17.20 5.89
CA GLY C 92 14.91 17.12 6.06
C GLY C 92 14.27 16.08 5.15
N ASP C 93 14.84 15.88 3.96
CA ASP C 93 14.31 14.89 3.03
C ASP C 93 14.48 13.46 3.52
N GLU C 94 15.38 13.24 4.48
CA GLU C 94 15.60 11.89 5.00
C GLU C 94 14.51 11.44 5.97
N TYR C 95 13.66 12.35 6.43
CA TYR C 95 12.58 12.02 7.35
C TYR C 95 11.24 12.04 6.62
N ASN C 96 10.21 11.57 7.32
CA ASN C 96 8.83 11.63 6.84
C ASN C 96 8.22 12.96 7.28
N SER C 97 7.97 13.84 6.31
CA SER C 97 7.26 15.09 6.54
C SER C 97 7.96 15.97 7.59
N ILE C 98 9.17 16.41 7.24
CA ILE C 98 9.98 17.25 8.11
C ILE C 98 10.66 18.33 7.26
N PHE C 99 10.53 19.58 7.68
CA PHE C 99 11.35 20.66 7.16
C PHE C 99 12.19 21.23 8.29
N ILE C 100 13.41 21.64 7.96
CA ILE C 100 14.39 22.09 8.95
C ILE C 100 15.02 23.39 8.48
N SER C 101 15.21 24.32 9.41
CA SER C 101 15.98 25.53 9.17
C SER C 101 17.00 25.69 10.29
N ASN C 102 17.86 26.71 10.18
CA ASN C 102 18.95 26.87 11.13
C ASN C 102 18.47 27.12 12.55
N GLU C 103 17.23 27.57 12.73
CA GLU C 103 16.69 27.88 14.04
C GLU C 103 15.83 26.76 14.61
N SER C 104 15.68 25.65 13.87
CA SER C 104 14.75 24.60 14.27
C SER C 104 15.18 23.96 15.59
N TYR C 105 16.48 23.76 15.79
CA TYR C 105 16.96 23.11 17.02
C TYR C 105 16.64 23.97 18.24
N THR C 106 17.05 25.24 18.21
CA THR C 106 16.77 26.14 19.33
C THR C 106 15.27 26.22 19.61
N CYS C 107 14.45 26.31 18.55
CA CYS C 107 13.01 26.40 18.74
CA CYS C 107 13.01 26.39 18.72
C CYS C 107 12.46 25.13 19.39
N ALA C 108 13.01 23.97 19.04
CA ALA C 108 12.57 22.72 19.65
C ALA C 108 12.98 22.66 21.12
N LEU C 109 14.18 23.16 21.44
CA LEU C 109 14.61 23.22 22.83
C LEU C 109 13.67 24.10 23.65
N LEU C 110 13.27 25.24 23.10
CA LEU C 110 12.40 26.16 23.83
C LEU C 110 11.01 25.57 24.02
N ALA C 111 10.51 24.84 23.01
CA ALA C 111 9.19 24.22 23.14
C ALA C 111 9.15 23.22 24.28
N ALA C 112 10.18 22.38 24.38
CA ALA C 112 10.24 21.40 25.46
C ALA C 112 10.49 22.07 26.80
N GLY C 113 11.49 22.96 26.86
CA GLY C 113 11.81 23.62 28.12
C GLY C 113 10.69 24.48 28.65
N SER C 114 9.88 25.06 27.76
CA SER C 114 8.71 25.81 28.21
C SER C 114 7.72 24.90 28.90
N CYS C 115 7.57 23.67 28.42
CA CYS C 115 6.66 22.73 29.06
C CYS C 115 7.24 22.20 30.36
N PHE C 116 8.57 22.09 30.46
CA PHE C 116 9.19 21.71 31.72
C PHE C 116 8.93 22.74 32.80
N ASN C 117 9.06 24.03 32.46
CA ASN C 117 8.76 25.10 33.41
C ASN C 117 7.29 25.08 33.81
N SER C 118 6.40 24.68 32.89
CA SER C 118 4.98 24.62 33.22
C SER C 118 4.68 23.47 34.15
N ALA C 119 5.24 22.28 33.88
CA ALA C 119 5.07 21.15 34.78
C ALA C 119 5.70 21.44 36.15
N GLN C 120 6.85 22.12 36.14
CA GLN C 120 7.49 22.49 37.41
C GLN C 120 6.59 23.40 38.24
N ALA C 121 6.01 24.41 37.60
CA ALA C 121 5.10 25.31 38.31
C ALA C 121 3.90 24.57 38.85
N ILE C 122 3.36 23.63 38.08
CA ILE C 122 2.18 22.88 38.50
C ILE C 122 2.51 22.00 39.70
N LEU C 123 3.62 21.25 39.62
CA LEU C 123 3.94 20.28 40.66
C LEU C 123 4.42 20.95 41.95
N THR C 124 4.99 22.14 41.87
CA THR C 124 5.40 22.87 43.06
C THR C 124 4.30 23.75 43.62
N GLY C 125 3.10 23.71 43.04
CA GLY C 125 1.96 24.45 43.55
C GLY C 125 1.92 25.92 43.20
N GLN C 126 2.86 26.41 42.39
CA GLN C 126 2.85 27.83 42.02
C GLN C 126 1.63 28.19 41.19
N VAL C 127 1.17 27.26 40.35
CA VAL C 127 -0.06 27.42 39.59
C VAL C 127 -0.84 26.11 39.69
N ARG C 128 -2.17 26.20 39.55
CA ARG C 128 -2.98 24.99 39.58
C ARG C 128 -2.90 24.24 38.26
N ASN C 129 -2.93 24.96 37.14
CA ASN C 129 -2.87 24.35 35.82
C ASN C 129 -2.14 25.32 34.89
N ALA C 130 -1.93 24.90 33.65
CA ALA C 130 -1.14 25.72 32.74
C ALA C 130 -1.51 25.40 31.30
N VAL C 131 -1.17 26.33 30.41
CA VAL C 131 -1.34 26.17 28.97
C VAL C 131 -0.03 26.59 28.30
N ALA C 132 0.34 25.86 27.25
CA ALA C 132 1.65 26.03 26.60
C ALA C 132 1.45 26.24 25.11
N ILE C 133 1.65 27.47 24.65
CA ILE C 133 1.50 27.83 23.24
C ILE C 133 2.87 27.68 22.61
N VAL C 134 3.16 26.48 22.09
CA VAL C 134 4.50 26.12 21.67
C VAL C 134 4.49 25.53 20.26
N ARG C 135 5.62 25.65 19.59
CA ARG C 135 5.90 24.98 18.33
C ARG C 135 7.41 24.83 18.20
N PRO C 136 7.90 23.84 17.45
CA PRO C 136 7.18 22.81 16.69
C PRO C 136 6.52 21.75 17.58
N PRO C 137 5.54 21.02 17.05
CA PRO C 137 4.86 19.99 17.86
C PRO C 137 5.78 18.82 18.19
N GLY C 138 5.27 17.81 18.89
CA GLY C 138 6.15 16.77 19.37
C GLY C 138 5.69 15.33 19.26
N HIS C 139 4.37 15.07 19.22
CA HIS C 139 3.89 13.72 19.49
C HIS C 139 4.19 12.71 18.39
N HIS C 140 4.70 13.15 17.24
CA HIS C 140 5.15 12.18 16.23
C HIS C 140 6.61 11.79 16.38
N ALA C 141 7.39 12.57 17.12
CA ALA C 141 8.81 12.30 17.28
C ALA C 141 9.01 11.00 18.03
N GLU C 142 9.74 10.07 17.41
CA GLU C 142 10.07 8.79 18.03
C GLU C 142 11.35 8.92 18.84
N LYS C 143 11.79 7.81 19.41
CA LYS C 143 12.99 7.84 20.26
C LYS C 143 14.20 8.29 19.48
N ASP C 144 14.38 7.80 18.25
CA ASP C 144 15.58 8.15 17.48
C ASP C 144 15.27 8.62 16.07
N THR C 145 14.10 9.22 15.84
CA THR C 145 13.83 9.86 14.57
C THR C 145 12.81 10.96 14.74
N ALA C 146 12.90 11.97 13.87
CA ALA C 146 11.92 13.02 13.75
C ALA C 146 10.88 12.65 12.69
N CYS C 147 9.68 13.22 12.84
CA CYS C 147 8.57 12.82 11.99
C CYS C 147 7.45 13.83 12.11
N GLY C 148 6.76 14.06 10.98
CA GLY C 148 5.56 14.88 10.95
C GLY C 148 5.66 16.22 11.66
N PHE C 149 6.64 17.04 11.26
CA PHE C 149 6.90 18.36 11.81
C PHE C 149 7.35 18.33 13.27
N CYS C 150 7.59 17.14 13.83
CA CYS C 150 8.02 16.98 15.21
C CYS C 150 9.48 16.56 15.24
N PHE C 151 10.25 17.20 16.10
CA PHE C 151 11.66 16.87 16.29
C PHE C 151 11.92 16.12 17.58
N PHE C 152 11.45 16.65 18.71
CA PHE C 152 11.50 15.96 19.98
C PHE C 152 10.10 15.84 20.54
N ASN C 153 9.83 14.73 21.23
CA ASN C 153 8.49 14.45 21.74
C ASN C 153 8.29 15.26 23.02
N THR C 154 7.69 16.44 22.86
CA THR C 154 7.55 17.37 23.98
C THR C 154 6.71 16.78 25.11
N ALA C 155 5.56 16.20 24.77
CA ALA C 155 4.68 15.65 25.79
C ALA C 155 5.34 14.49 26.54
N ALA C 156 6.01 13.59 25.81
CA ALA C 156 6.66 12.47 26.45
C ALA C 156 7.82 12.92 27.34
N LEU C 157 8.59 13.91 26.88
CA LEU C 157 9.69 14.43 27.68
C LEU C 157 9.18 15.11 28.95
N THR C 158 8.04 15.79 28.87
CA THR C 158 7.48 16.44 30.06
C THR C 158 7.02 15.40 31.07
N ALA C 159 6.51 14.26 30.60
CA ALA C 159 6.13 13.18 31.50
C ALA C 159 7.34 12.63 32.24
N ARG C 160 8.45 12.39 31.54
CA ARG C 160 9.66 11.90 32.19
C ARG C 160 10.30 12.97 33.07
N TYR C 161 10.21 14.24 32.66
CA TYR C 161 10.75 15.30 33.50
C TYR C 161 9.97 15.43 34.80
N ALA C 162 8.65 15.28 34.74
CA ALA C 162 7.84 15.34 35.95
C ALA C 162 8.23 14.23 36.92
N GLN C 163 8.49 13.03 36.40
CA GLN C 163 8.92 11.94 37.26
C GLN C 163 10.33 12.17 37.81
N SER C 164 11.13 12.99 37.13
CA SER C 164 12.50 13.22 37.57
C SER C 164 12.58 14.23 38.72
N ILE C 165 11.62 15.16 38.82
CA ILE C 165 11.60 16.13 39.90
C ILE C 165 10.64 15.74 41.01
N THR C 166 9.94 14.61 40.89
CA THR C 166 9.15 14.07 41.97
C THR C 166 9.71 12.70 42.30
N ARG C 167 9.08 11.62 41.86
CA ARG C 167 9.61 10.28 41.97
C ARG C 167 9.35 9.56 40.65
N GLU C 168 10.05 8.45 40.44
CA GLU C 168 9.97 7.76 39.16
C GLU C 168 8.59 7.13 38.92
N SER C 169 7.82 6.86 39.98
CA SER C 169 6.55 6.18 39.85
C SER C 169 5.37 7.15 39.74
N LEU C 170 5.61 8.44 39.59
CA LEU C 170 4.53 9.40 39.45
C LEU C 170 3.66 9.06 38.25
N ARG C 171 2.37 8.87 38.50
CA ARG C 171 1.43 8.41 37.48
C ARG C 171 0.97 9.58 36.64
N VAL C 172 1.37 9.59 35.36
CA VAL C 172 1.08 10.68 34.43
C VAL C 172 0.11 10.17 33.38
N LEU C 173 -0.95 10.94 33.14
CA LEU C 173 -1.91 10.65 32.08
C LEU C 173 -1.69 11.60 30.92
N ILE C 174 -1.55 11.04 29.72
CA ILE C 174 -1.41 11.80 28.49
C ILE C 174 -2.65 11.59 27.65
N VAL C 175 -3.46 12.63 27.51
CA VAL C 175 -4.63 12.61 26.64
C VAL C 175 -4.25 13.33 25.34
N ASP C 176 -4.33 12.62 24.22
CA ASP C 176 -3.94 13.13 22.91
C ASP C 176 -5.20 13.26 22.06
N TRP C 177 -5.76 14.48 21.99
CA TRP C 177 -6.94 14.71 21.18
C TRP C 177 -6.62 15.38 19.85
N ASP C 178 -5.34 15.46 19.49
CA ASP C 178 -4.96 15.82 18.13
C ASP C 178 -5.58 14.82 17.15
N VAL C 179 -5.87 15.30 15.93
CA VAL C 179 -6.56 14.43 14.98
C VAL C 179 -5.67 13.28 14.52
N HIS C 180 -4.36 13.40 14.71
CA HIS C 180 -3.42 12.36 14.31
C HIS C 180 -2.97 11.53 15.52
N HIS C 181 -2.73 10.25 15.26
CA HIS C 181 -2.22 9.36 16.31
C HIS C 181 -0.81 9.77 16.69
N GLY C 182 -0.57 9.90 17.99
CA GLY C 182 0.77 10.21 18.48
C GLY C 182 1.65 8.97 18.50
N ASN C 183 2.14 8.58 17.31
CA ASN C 183 2.92 7.36 17.20
C ASN C 183 4.16 7.39 18.08
N GLY C 184 4.83 8.54 18.15
CA GLY C 184 6.00 8.65 19.01
C GLY C 184 5.69 8.45 20.48
N THR C 185 4.59 9.06 20.95
CA THR C 185 4.24 8.97 22.36
C THR C 185 3.86 7.54 22.75
N GLN C 186 3.12 6.85 21.88
CA GLN C 186 2.75 5.46 22.15
C GLN C 186 3.98 4.58 22.27
N HIS C 187 4.91 4.71 21.32
CA HIS C 187 6.09 3.86 21.30
C HIS C 187 7.00 4.14 22.50
N ILE C 188 7.03 5.38 22.98
CA ILE C 188 7.92 5.72 24.08
C ILE C 188 7.46 5.05 25.38
N PHE C 189 6.15 4.96 25.58
CA PHE C 189 5.60 4.47 26.84
C PHE C 189 4.91 3.11 26.71
N GLU C 190 5.13 2.37 25.62
CA GLU C 190 4.32 1.19 25.36
C GLU C 190 4.47 0.12 26.44
N GLU C 191 5.68 -0.02 26.99
CA GLU C 191 5.93 -1.00 28.05
C GLU C 191 5.91 -0.37 29.44
N ASP C 192 5.33 0.80 29.58
CA ASP C 192 5.32 1.55 30.84
C ASP C 192 3.91 1.59 31.40
N ASP C 193 3.78 1.28 32.69
CA ASP C 193 2.50 1.36 33.38
C ASP C 193 2.37 2.61 34.24
N SER C 194 3.43 3.44 34.32
CA SER C 194 3.35 4.68 35.06
C SER C 194 2.83 5.84 34.22
N VAL C 195 2.84 5.71 32.90
CA VAL C 195 2.37 6.75 31.99
C VAL C 195 1.24 6.15 31.15
N LEU C 196 0.01 6.56 31.43
CA LEU C 196 -1.16 6.13 30.67
C LEU C 196 -1.35 7.04 29.47
N TYR C 197 -1.41 6.44 28.28
CA TYR C 197 -1.56 7.17 27.04
C TYR C 197 -2.91 6.85 26.40
N ILE C 198 -3.73 7.88 26.22
CA ILE C 198 -5.03 7.75 25.58
C ILE C 198 -5.04 8.67 24.37
N SER C 199 -5.31 8.12 23.19
CA SER C 199 -5.30 8.88 21.95
C SER C 199 -6.61 8.66 21.21
N LEU C 200 -7.25 9.76 20.82
CA LEU C 200 -8.36 9.76 19.89
C LEU C 200 -7.86 10.33 18.57
N HIS C 201 -8.11 9.63 17.47
CA HIS C 201 -7.50 10.02 16.22
C HIS C 201 -8.28 9.46 15.05
N ARG C 202 -8.27 10.20 13.95
CA ARG C 202 -8.74 9.66 12.68
C ARG C 202 -7.82 8.54 12.23
N TYR C 203 -8.41 7.43 11.78
CA TYR C 203 -7.64 6.24 11.45
C TYR C 203 -7.88 5.77 10.02
N GLU C 204 -9.13 5.57 9.63
CA GLU C 204 -9.49 5.15 8.27
C GLU C 204 -8.73 3.89 7.87
N ASP C 205 -8.73 2.90 8.77
CA ASP C 205 -8.12 1.60 8.52
C ASP C 205 -6.63 1.71 8.20
N GLY C 206 -5.95 2.68 8.81
CA GLY C 206 -4.54 2.89 8.56
C GLY C 206 -4.21 3.73 7.34
N ALA C 207 -5.23 4.28 6.66
CA ALA C 207 -4.98 5.09 5.47
C ALA C 207 -4.67 6.55 5.80
N PHE C 208 -4.91 6.97 7.04
CA PHE C 208 -4.67 8.34 7.47
C PHE C 208 -3.31 8.44 8.16
N PHE C 209 -2.62 9.55 7.93
CA PHE C 209 -1.32 9.76 8.56
C PHE C 209 -1.44 9.56 10.08
N PRO C 210 -0.47 8.89 10.72
CA PRO C 210 0.81 8.41 10.18
C PRO C 210 0.80 7.03 9.48
N ASN C 211 -0.37 6.58 9.01
CA ASN C 211 -0.45 5.45 8.08
C ASN C 211 0.09 4.14 8.68
N SER C 212 -0.27 3.86 9.93
CA SER C 212 0.22 2.65 10.59
C SER C 212 -0.89 1.96 11.36
N GLU C 213 -0.85 0.62 11.37
CA GLU C 213 -1.77 -0.14 12.19
C GLU C 213 -1.42 -0.07 13.67
N ASP C 214 -0.29 0.55 14.03
CA ASP C 214 0.01 0.81 15.43
C ASP C 214 -1.08 1.64 16.11
N ALA C 215 -1.88 2.35 15.33
CA ALA C 215 -2.90 3.26 15.87
C ALA C 215 -4.23 2.58 16.14
N ASN C 216 -4.38 1.30 15.83
CA ASN C 216 -5.68 0.67 15.96
C ASN C 216 -5.96 0.30 17.41
N TYR C 217 -7.22 -0.03 17.68
CA TYR C 217 -7.68 -0.17 19.06
C TYR C 217 -7.08 -1.37 19.78
N ASP C 218 -6.57 -2.37 19.05
CA ASP C 218 -6.07 -3.57 19.71
C ASP C 218 -4.64 -3.41 20.21
N LYS C 219 -3.97 -2.29 19.93
CA LYS C 219 -2.65 -2.02 20.48
C LYS C 219 -2.84 -1.48 21.89
N VAL C 220 -2.75 -2.37 22.87
CA VAL C 220 -3.11 -2.05 24.26
C VAL C 220 -1.90 -1.89 25.16
N GLY C 221 -0.70 -2.04 24.63
CA GLY C 221 0.50 -2.00 25.44
C GLY C 221 1.19 -3.36 25.50
N LEU C 222 2.44 -3.33 25.94
CA LEU C 222 3.28 -4.53 25.99
C LEU C 222 3.79 -4.74 27.41
N GLY C 223 3.89 -6.02 27.79
CA GLY C 223 4.48 -6.38 29.06
C GLY C 223 3.73 -5.76 30.23
N LYS C 224 4.48 -5.09 31.11
CA LYS C 224 3.88 -4.41 32.25
C LYS C 224 2.91 -3.32 31.82
N GLY C 225 3.06 -2.79 30.60
CA GLY C 225 2.21 -1.74 30.10
C GLY C 225 0.91 -2.19 29.46
N ARG C 226 0.56 -3.47 29.57
CA ARG C 226 -0.68 -3.95 28.99
C ARG C 226 -1.87 -3.29 29.68
N GLY C 227 -2.68 -2.57 28.90
CA GLY C 227 -3.82 -1.83 29.40
C GLY C 227 -3.58 -0.34 29.57
N TYR C 228 -2.34 0.12 29.44
CA TYR C 228 -2.00 1.52 29.65
C TYR C 228 -1.77 2.27 28.36
N ASN C 229 -2.22 1.72 27.23
CA ASN C 229 -2.20 2.39 25.94
C ASN C 229 -3.59 2.22 25.33
N VAL C 230 -4.34 3.32 25.24
CA VAL C 230 -5.73 3.29 24.81
C VAL C 230 -5.84 4.06 23.50
N ASN C 231 -5.90 3.35 22.39
CA ASN C 231 -6.12 3.96 21.08
C ASN C 231 -7.61 3.96 20.77
N ILE C 232 -8.15 5.14 20.46
CA ILE C 232 -9.56 5.28 20.07
C ILE C 232 -9.60 5.73 18.62
N PRO C 233 -9.61 4.79 17.66
CA PRO C 233 -9.49 5.18 16.25
C PRO C 233 -10.82 5.42 15.56
N TRP C 234 -10.94 6.49 14.80
CA TRP C 234 -12.14 6.82 14.06
C TRP C 234 -12.03 6.36 12.62
N ASN C 235 -13.14 5.88 12.06
CA ASN C 235 -13.20 5.41 10.68
C ASN C 235 -14.49 5.88 10.03
N GLY C 236 -14.38 6.39 8.80
CA GLY C 236 -15.53 6.74 8.00
C GLY C 236 -16.61 7.53 8.71
N GLY C 237 -16.36 8.82 8.91
CA GLY C 237 -17.30 9.68 9.60
C GLY C 237 -16.72 11.03 9.94
N LYS C 238 -17.54 12.08 9.86
CA LYS C 238 -17.09 13.42 10.20
C LYS C 238 -17.37 13.65 11.68
N MET C 239 -16.46 13.17 12.51
CA MET C 239 -16.65 13.20 13.95
C MET C 239 -16.60 14.63 14.48
N GLY C 240 -17.40 14.88 15.51
CA GLY C 240 -17.48 16.18 16.13
C GLY C 240 -17.76 16.07 17.61
N ASP C 241 -18.50 17.05 18.13
CA ASP C 241 -18.75 17.11 19.57
C ASP C 241 -19.41 15.87 20.13
N PRO C 242 -20.55 15.38 19.60
CA PRO C 242 -21.20 14.21 20.25
C PRO C 242 -20.32 12.98 20.29
N GLU C 243 -19.50 12.75 19.26
CA GLU C 243 -18.67 11.55 19.24
C GLU C 243 -17.52 11.66 20.24
N TYR C 244 -16.92 12.84 20.37
CA TYR C 244 -15.85 13.01 21.34
C TYR C 244 -16.41 13.08 22.76
N MET C 245 -17.60 13.65 22.94
CA MET C 245 -18.25 13.59 24.24
C MET C 245 -18.57 12.14 24.62
N ALA C 246 -19.02 11.35 23.65
CA ALA C 246 -19.34 9.95 23.92
C ALA C 246 -18.08 9.15 24.24
N ALA C 247 -16.96 9.47 23.59
CA ALA C 247 -15.73 8.74 23.85
C ALA C 247 -15.18 9.05 25.24
N PHE C 248 -15.36 10.28 25.72
CA PHE C 248 -14.91 10.61 27.06
C PHE C 248 -15.81 9.97 28.13
N HIS C 249 -17.10 9.86 27.85
CA HIS C 249 -18.03 9.29 28.83
C HIS C 249 -17.75 7.81 29.06
N HIS C 250 -17.59 7.04 27.98
CA HIS C 250 -17.48 5.59 28.09
C HIS C 250 -16.04 5.09 28.21
N LEU C 251 -15.04 5.91 27.90
CA LEU C 251 -13.68 5.40 27.84
C LEU C 251 -12.68 6.26 28.62
N VAL C 252 -12.51 7.51 28.20
CA VAL C 252 -11.42 8.32 28.73
C VAL C 252 -11.61 8.57 30.23
N MET C 253 -12.80 9.01 30.64
CA MET C 253 -13.01 9.39 32.03
C MET C 253 -13.05 8.19 32.97
N PRO C 254 -13.78 7.10 32.67
CA PRO C 254 -13.72 5.95 33.60
C PRO C 254 -12.34 5.33 33.72
N ILE C 255 -11.58 5.26 32.63
CA ILE C 255 -10.23 4.69 32.70
C ILE C 255 -9.31 5.63 33.47
N ALA C 256 -9.38 6.94 33.19
CA ALA C 256 -8.54 7.89 33.89
C ALA C 256 -8.80 7.87 35.38
N ARG C 257 -10.08 7.83 35.76
CA ARG C 257 -10.40 7.85 37.19
C ARG C 257 -9.92 6.58 37.89
N GLU C 258 -9.97 5.44 37.20
CA GLU C 258 -9.39 4.22 37.76
C GLU C 258 -7.87 4.28 37.78
N PHE C 259 -7.27 4.99 36.83
CA PHE C 259 -5.83 5.17 36.83
C PHE C 259 -5.38 6.12 37.93
N ALA C 260 -6.23 7.10 38.28
CA ALA C 260 -5.97 8.09 39.32
C ALA C 260 -4.65 8.82 39.05
N PRO C 261 -4.56 9.60 37.97
CA PRO C 261 -3.29 10.25 37.66
C PRO C 261 -2.98 11.37 38.65
N GLU C 262 -1.70 11.64 38.82
CA GLU C 262 -1.23 12.75 39.62
C GLU C 262 -0.83 13.95 38.77
N LEU C 263 -0.63 13.75 37.47
CA LEU C 263 -0.40 14.83 36.53
C LEU C 263 -1.08 14.47 35.22
N VAL C 264 -1.82 15.43 34.65
CA VAL C 264 -2.53 15.23 33.39
C VAL C 264 -1.86 16.11 32.34
N LEU C 265 -1.29 15.48 31.32
CA LEU C 265 -0.73 16.18 30.17
C LEU C 265 -1.70 16.02 28.99
N VAL C 266 -1.98 17.12 28.31
CA VAL C 266 -2.90 17.12 27.19
C VAL C 266 -2.11 17.44 25.93
N SER C 267 -1.88 16.42 25.10
CA SER C 267 -1.33 16.65 23.76
C SER C 267 -2.40 17.31 22.91
N ALA C 268 -2.49 18.63 22.97
CA ALA C 268 -3.65 19.37 22.49
C ALA C 268 -3.41 19.89 21.08
N GLY C 269 -3.54 19.00 20.10
CA GLY C 269 -3.70 19.43 18.73
C GLY C 269 -5.13 19.89 18.46
N PHE C 270 -5.27 20.81 17.52
CA PHE C 270 -6.57 21.36 17.17
C PHE C 270 -6.87 21.20 15.70
N ASP C 271 -6.38 20.12 15.08
CA ASP C 271 -6.68 19.80 13.69
C ASP C 271 -7.91 18.94 13.53
N ALA C 272 -8.53 18.49 14.63
CA ALA C 272 -9.87 17.93 14.58
C ALA C 272 -10.94 19.00 14.64
N ALA C 273 -10.54 20.27 14.69
CA ALA C 273 -11.50 21.35 14.85
C ALA C 273 -12.25 21.61 13.54
N ARG C 274 -13.44 22.19 13.67
CA ARG C 274 -14.20 22.60 12.51
C ARG C 274 -13.44 23.67 11.74
N GLY C 275 -13.35 23.49 10.42
CA GLY C 275 -12.64 24.43 9.57
C GLY C 275 -11.18 24.11 9.34
N ASP C 276 -10.68 23.01 9.88
CA ASP C 276 -9.29 22.63 9.63
C ASP C 276 -9.14 22.13 8.20
N PRO C 277 -8.16 22.60 7.44
CA PRO C 277 -8.00 22.14 6.06
C PRO C 277 -7.50 20.70 5.94
N LEU C 278 -7.17 20.04 7.05
CA LEU C 278 -6.50 18.75 7.03
C LEU C 278 -7.28 17.66 7.75
N GLY C 279 -7.77 17.94 8.96
CA GLY C 279 -8.35 16.88 9.77
C GLY C 279 -9.66 16.34 9.21
N GLY C 280 -10.52 17.23 8.71
CA GLY C 280 -11.80 16.81 8.18
C GLY C 280 -12.85 16.53 9.23
N PHE C 281 -12.61 16.86 10.49
CA PHE C 281 -13.60 16.71 11.55
C PHE C 281 -14.25 18.07 11.82
N GLN C 282 -15.09 18.14 12.85
CA GLN C 282 -15.83 19.37 13.13
C GLN C 282 -16.05 19.55 14.63
N VAL C 283 -15.01 19.29 15.41
CA VAL C 283 -15.05 19.62 16.83
C VAL C 283 -15.10 21.14 16.98
N THR C 284 -16.00 21.62 17.81
CA THR C 284 -16.21 23.05 17.99
C THR C 284 -15.43 23.57 19.19
N PRO C 285 -15.21 24.88 19.27
CA PRO C 285 -14.55 25.44 20.47
C PRO C 285 -15.25 25.07 21.76
N GLU C 286 -16.59 25.09 21.77
CA GLU C 286 -17.32 24.68 22.95
C GLU C 286 -17.05 23.21 23.28
N GLY C 287 -16.85 22.38 22.25
CA GLY C 287 -16.52 20.99 22.50
C GLY C 287 -15.18 20.83 23.19
N TYR C 288 -14.17 21.58 22.74
CA TYR C 288 -12.87 21.54 23.40
C TYR C 288 -12.96 22.05 24.83
N ALA C 289 -13.81 23.04 25.08
CA ALA C 289 -14.03 23.52 26.44
C ALA C 289 -14.56 22.40 27.33
N HIS C 290 -15.50 21.60 26.82
CA HIS C 290 -16.08 20.55 27.64
C HIS C 290 -15.08 19.43 27.91
N LEU C 291 -14.26 19.09 26.92
CA LEU C 291 -13.22 18.08 27.15
C LEU C 291 -12.22 18.56 28.21
N THR C 292 -11.86 19.85 28.16
CA THR C 292 -10.95 20.39 29.16
C THR C 292 -11.60 20.40 30.54
N HIS C 293 -12.87 20.81 30.62
CA HIS C 293 -13.55 20.86 31.91
C HIS C 293 -13.66 19.49 32.55
N GLN C 294 -13.76 18.43 31.74
CA GLN C 294 -13.82 17.08 32.29
C GLN C 294 -12.47 16.63 32.81
N LEU C 295 -11.38 16.96 32.10
CA LEU C 295 -10.06 16.58 32.56
C LEU C 295 -9.66 17.32 33.83
N MET C 296 -10.24 18.51 34.05
CA MET C 296 -9.94 19.27 35.26
C MET C 296 -10.43 18.58 36.53
N SER C 297 -11.36 17.64 36.41
CA SER C 297 -11.82 16.86 37.57
C SER C 297 -10.81 15.80 37.97
N LEU C 298 -9.69 15.67 37.27
CA LEU C 298 -8.67 14.67 37.54
C LEU C 298 -7.46 15.33 38.18
N ALA C 299 -6.70 14.52 38.93
CA ALA C 299 -5.39 14.90 39.46
C ALA C 299 -5.45 16.20 40.26
N ALA C 300 -6.56 16.42 40.95
CA ALA C 300 -6.78 17.65 41.72
C ALA C 300 -6.63 18.90 40.85
N GLY C 301 -6.93 18.75 39.56
CA GLY C 301 -6.89 19.86 38.63
C GLY C 301 -5.54 20.15 38.02
N ARG C 302 -4.54 19.30 38.24
CA ARG C 302 -3.19 19.53 37.73
C ARG C 302 -3.16 19.13 36.26
N VAL C 303 -3.55 20.06 35.40
CA VAL C 303 -3.69 19.82 33.96
C VAL C 303 -2.78 20.77 33.21
N LEU C 304 -2.01 20.24 32.26
CA LEU C 304 -1.14 21.04 31.40
C LEU C 304 -1.51 20.78 29.95
N ILE C 305 -1.93 21.82 29.26
CA ILE C 305 -2.38 21.73 27.87
C ILE C 305 -1.23 22.15 26.97
N ILE C 306 -0.78 21.23 26.11
CA ILE C 306 0.37 21.44 25.25
C ILE C 306 -0.10 21.45 23.80
N LEU C 307 0.20 22.53 23.08
CA LEU C 307 -0.22 22.66 21.69
C LEU C 307 0.53 21.66 20.82
N GLU C 308 -0.22 20.92 20.00
CA GLU C 308 0.37 20.10 18.96
C GLU C 308 -0.01 20.65 17.59
N GLY C 309 -0.91 19.97 16.89
CA GLY C 309 -1.31 20.36 15.56
C GLY C 309 -2.39 21.44 15.56
N GLY C 310 -3.02 21.59 14.41
CA GLY C 310 -4.02 22.63 14.22
C GLY C 310 -3.56 23.66 13.20
N TYR C 311 -4.33 23.83 12.12
CA TYR C 311 -3.84 24.57 10.96
C TYR C 311 -4.81 25.57 10.38
N ASN C 312 -6.00 25.73 10.96
CA ASN C 312 -6.86 26.87 10.70
C ASN C 312 -6.58 27.88 11.80
N LEU C 313 -5.99 29.02 11.43
CA LEU C 313 -5.55 30.00 12.41
C LEU C 313 -6.72 30.49 13.27
N THR C 314 -7.88 30.74 12.65
CA THR C 314 -9.04 31.16 13.41
C THR C 314 -9.54 30.04 14.33
N SER C 315 -9.53 28.81 13.83
CA SER C 315 -10.05 27.68 14.62
C SER C 315 -9.18 27.41 15.84
N ILE C 316 -7.86 27.27 15.64
CA ILE C 316 -6.98 26.94 16.76
C ILE C 316 -6.91 28.08 17.77
N SER C 317 -7.10 29.32 17.30
CA SER C 317 -7.08 30.45 18.24
C SER C 317 -8.35 30.48 19.08
N GLU C 318 -9.49 30.19 18.45
CA GLU C 318 -10.74 30.15 19.20
C GLU C 318 -10.77 28.95 20.15
N SER C 319 -10.21 27.81 19.72
CA SER C 319 -10.33 26.58 20.51
C SER C 319 -9.41 26.61 21.72
N MET C 320 -8.14 26.96 21.54
CA MET C 320 -7.20 26.93 22.66
C MET C 320 -7.53 28.00 23.69
N SER C 321 -8.00 29.17 23.23
N SER C 321 -8.00 29.17 23.23
CA SER C 321 -8.44 30.19 24.17
CA SER C 321 -8.44 30.19 24.17
C SER C 321 -9.65 29.72 24.97
C SER C 321 -9.65 29.72 24.97
N MET C 322 -10.50 28.88 24.37
CA MET C 322 -11.63 28.32 25.09
C MET C 322 -11.17 27.39 26.20
N CYS C 323 -10.10 26.64 25.94
CA CYS C 323 -9.57 25.74 26.97
C CYS C 323 -8.94 26.52 28.12
N THR C 324 -8.19 27.59 27.81
CA THR C 324 -7.63 28.42 28.86
C THR C 324 -8.72 29.04 29.71
N SER C 325 -9.83 29.45 29.09
CA SER C 325 -10.97 29.96 29.84
C SER C 325 -11.50 28.93 30.82
N MET C 326 -11.50 27.65 30.43
CA MET C 326 -11.94 26.60 31.34
C MET C 326 -10.96 26.41 32.49
N LEU C 327 -9.66 26.36 32.18
CA LEU C 327 -8.65 26.20 33.22
C LEU C 327 -8.70 27.33 34.23
N LEU C 328 -9.06 28.54 33.79
CA LEU C 328 -9.21 29.67 34.69
C LEU C 328 -10.47 29.57 35.56
N GLY C 329 -11.36 28.63 35.26
CA GLY C 329 -12.54 28.42 36.07
C GLY C 329 -13.84 28.95 35.51
N ASP C 330 -13.86 29.36 34.24
CA ASP C 330 -15.08 29.89 33.66
C ASP C 330 -16.08 28.76 33.38
N SER C 331 -17.36 29.14 33.29
CA SER C 331 -18.40 28.15 33.10
CA SER C 331 -18.41 28.15 33.11
CA SER C 331 -18.41 28.15 33.11
C SER C 331 -18.32 27.55 31.71
N PRO C 332 -18.54 26.24 31.56
CA PRO C 332 -18.54 25.63 30.24
C PRO C 332 -19.72 26.12 29.41
N PRO C 333 -19.49 26.50 28.16
CA PRO C 333 -20.58 27.04 27.35
C PRO C 333 -21.63 25.97 27.08
N SER C 334 -22.85 26.45 26.80
CA SER C 334 -23.93 25.54 26.48
C SER C 334 -23.61 24.73 25.23
N LEU C 335 -24.00 23.46 25.24
CA LEU C 335 -23.61 22.54 24.18
C LEU C 335 -24.65 21.44 24.11
N ASP C 336 -25.20 21.21 22.92
CA ASP C 336 -26.25 20.21 22.76
C ASP C 336 -25.75 18.82 23.11
N HIS C 337 -26.39 18.19 24.09
CA HIS C 337 -26.13 16.81 24.44
C HIS C 337 -27.27 15.94 23.90
N LEU C 338 -27.13 14.63 24.07
CA LEU C 338 -28.12 13.66 23.63
C LEU C 338 -28.42 13.78 22.14
N THR C 339 -27.42 14.16 21.35
CA THR C 339 -27.64 14.10 19.91
C THR C 339 -27.11 12.79 19.35
N PRO C 340 -27.85 12.13 18.47
CA PRO C 340 -27.44 10.81 17.96
C PRO C 340 -26.09 10.89 17.27
N LEU C 341 -25.17 10.02 17.68
CA LEU C 341 -23.81 10.03 17.17
C LEU C 341 -23.70 9.15 15.94
N LYS C 342 -22.69 9.45 15.11
CA LYS C 342 -22.44 8.67 13.90
C LYS C 342 -22.29 7.19 14.23
N THR C 343 -22.78 6.33 13.34
CA THR C 343 -22.81 4.90 13.63
C THR C 343 -21.42 4.32 13.76
N SER C 344 -20.49 4.73 12.89
CA SER C 344 -19.13 4.19 12.94
C SER C 344 -18.45 4.54 14.25
N ALA C 345 -18.79 5.68 14.85
CA ALA C 345 -18.20 6.05 16.13
C ALA C 345 -18.67 5.13 17.25
N THR C 346 -19.93 4.67 17.18
CA THR C 346 -20.42 3.70 18.15
C THR C 346 -19.66 2.38 18.04
N VAL C 347 -19.35 1.96 16.81
CA VAL C 347 -18.57 0.74 16.62
C VAL C 347 -17.16 0.92 17.17
N SER C 348 -16.53 2.07 16.89
CA SER C 348 -15.19 2.34 17.38
C SER C 348 -15.15 2.28 18.91
N ILE C 349 -16.11 2.93 19.56
CA ILE C 349 -16.14 2.96 21.02
C ILE C 349 -16.35 1.55 21.57
N ASN C 350 -17.25 0.78 20.97
CA ASN C 350 -17.46 -0.60 21.42
C ASN C 350 -16.21 -1.44 21.21
N ASN C 351 -15.46 -1.17 20.14
CA ASN C 351 -14.23 -1.94 19.90
C ASN C 351 -13.19 -1.68 20.97
N VAL C 352 -13.12 -0.45 21.49
CA VAL C 352 -12.16 -0.14 22.53
C VAL C 352 -12.59 -0.73 23.87
N LEU C 353 -13.90 -0.71 24.16
CA LEU C 353 -14.40 -1.36 25.36
C LEU C 353 -14.03 -2.83 25.37
N ARG C 354 -14.23 -3.51 24.24
CA ARG C 354 -13.92 -4.94 24.16
C ARG C 354 -12.44 -5.20 24.40
N ALA C 355 -11.58 -4.34 23.86
CA ALA C 355 -10.14 -4.57 23.95
C ALA C 355 -9.58 -4.23 25.33
N HIS C 356 -10.24 -3.33 26.07
CA HIS C 356 -9.69 -2.83 27.32
C HIS C 356 -10.49 -3.23 28.55
N ALA C 357 -11.68 -3.80 28.40
CA ALA C 357 -12.40 -4.33 29.55
C ALA C 357 -11.59 -5.32 30.38
N PRO C 358 -10.77 -6.21 29.81
CA PRO C 358 -9.96 -7.09 30.66
C PRO C 358 -9.03 -6.36 31.61
N PHE C 359 -8.73 -5.08 31.38
CA PHE C 359 -7.75 -4.37 32.20
C PHE C 359 -8.36 -3.35 33.15
N TRP C 360 -9.56 -2.85 32.88
CA TRP C 360 -10.15 -1.77 33.66
C TRP C 360 -11.52 -2.21 34.18
N SER C 361 -11.62 -2.38 35.50
CA SER C 361 -12.88 -2.81 36.10
C SER C 361 -13.99 -1.77 35.96
N SER C 362 -13.63 -0.51 35.71
CA SER C 362 -14.66 0.49 35.45
C SER C 362 -15.38 0.26 34.13
N LEU C 363 -14.76 -0.50 33.22
CA LEU C 363 -15.42 -0.89 31.98
C LEU C 363 -16.13 -2.24 32.10
N ARG C 364 -15.77 -3.05 33.10
CA ARG C 364 -16.47 -4.31 33.36
C ARG C 364 -17.62 -4.10 34.34
N PRO D 8 2.08 -18.54 15.02
CA PRO D 8 0.80 -19.17 14.67
C PRO D 8 0.81 -19.74 13.25
N ILE D 9 0.36 -20.98 13.10
CA ILE D 9 0.47 -21.70 11.84
C ILE D 9 -0.91 -21.81 11.21
N THR D 10 -0.95 -21.74 9.87
CA THR D 10 -2.16 -21.98 9.10
C THR D 10 -2.01 -23.30 8.35
N GLY D 11 -2.98 -24.20 8.52
CA GLY D 11 -2.96 -25.45 7.82
C GLY D 11 -3.75 -25.41 6.52
N LEU D 12 -3.40 -26.31 5.60
CA LEU D 12 -4.10 -26.45 4.34
C LEU D 12 -4.15 -27.92 3.95
N VAL D 13 -5.32 -28.40 3.54
CA VAL D 13 -5.48 -29.77 3.08
C VAL D 13 -6.06 -29.74 1.67
N TYR D 14 -5.48 -30.58 0.80
CA TYR D 14 -5.95 -30.73 -0.57
C TYR D 14 -5.43 -32.06 -1.09
N ASP D 15 -6.30 -32.80 -1.76
CA ASP D 15 -5.92 -34.07 -2.39
C ASP D 15 -6.60 -34.16 -3.74
N GLN D 16 -5.80 -34.21 -4.81
CA GLN D 16 -6.35 -34.25 -6.16
C GLN D 16 -7.17 -35.50 -6.43
N ARG D 17 -7.07 -36.52 -5.57
CA ARG D 17 -7.94 -37.69 -5.73
C ARG D 17 -9.42 -37.34 -5.55
N MET D 18 -9.73 -36.19 -4.95
CA MET D 18 -11.11 -35.75 -4.89
C MET D 18 -11.63 -35.25 -6.23
N MET D 19 -10.79 -35.20 -7.27
CA MET D 19 -11.26 -34.91 -8.61
C MET D 19 -11.84 -36.12 -9.31
N LEU D 20 -11.73 -37.31 -8.72
CA LEU D 20 -12.25 -38.52 -9.34
C LEU D 20 -13.77 -38.51 -9.42
N HIS D 21 -14.43 -37.81 -8.49
CA HIS D 21 -15.88 -37.68 -8.52
C HIS D 21 -16.30 -36.81 -9.70
N HIS D 22 -17.07 -37.38 -10.63
CA HIS D 22 -17.41 -36.67 -11.85
C HIS D 22 -18.77 -37.12 -12.37
N ASN D 23 -19.35 -36.29 -13.23
CA ASN D 23 -20.64 -36.53 -13.87
C ASN D 23 -20.36 -37.15 -15.23
N MET D 24 -20.53 -38.48 -15.34
CA MET D 24 -20.15 -39.19 -16.55
C MET D 24 -21.19 -39.08 -17.66
N TRP D 25 -22.24 -38.27 -17.49
CA TRP D 25 -23.20 -38.01 -18.55
C TRP D 25 -23.32 -36.54 -18.91
N ASP D 26 -22.56 -35.67 -18.25
CA ASP D 26 -22.54 -34.24 -18.58
C ASP D 26 -21.18 -33.71 -18.12
N SER D 27 -20.23 -33.67 -19.06
CA SER D 27 -18.89 -33.16 -18.76
C SER D 27 -18.87 -31.68 -18.44
N HIS D 28 -19.97 -30.96 -18.71
CA HIS D 28 -20.05 -29.53 -18.45
C HIS D 28 -20.92 -29.22 -17.23
N HIS D 29 -21.26 -30.23 -16.43
CA HIS D 29 -22.00 -29.99 -15.21
C HIS D 29 -21.19 -29.07 -14.30
N PRO D 30 -21.82 -28.07 -13.67
CA PRO D 30 -21.03 -27.02 -12.99
C PRO D 30 -20.20 -27.51 -11.81
N GLU D 31 -20.56 -28.61 -11.15
CA GLU D 31 -19.74 -29.16 -10.06
C GLU D 31 -18.57 -29.93 -10.67
N LEU D 32 -17.66 -29.17 -11.27
CA LEU D 32 -16.55 -29.70 -12.03
C LEU D 32 -15.44 -30.20 -11.10
N PRO D 33 -14.72 -31.25 -11.50
CA PRO D 33 -13.54 -31.66 -10.71
C PRO D 33 -12.51 -30.55 -10.57
N GLN D 34 -12.33 -29.72 -11.58
CA GLN D 34 -11.30 -28.69 -11.55
C GLN D 34 -11.67 -27.50 -10.70
N ARG D 35 -12.78 -27.56 -9.94
CA ARG D 35 -13.06 -26.53 -8.96
C ARG D 35 -11.98 -26.46 -7.90
N ILE D 36 -11.53 -27.62 -7.41
CA ILE D 36 -10.54 -27.64 -6.34
C ILE D 36 -9.12 -27.49 -6.90
N SER D 37 -8.85 -28.03 -8.10
CA SER D 37 -7.50 -27.89 -8.66
CA SER D 37 -7.51 -27.89 -8.66
C SER D 37 -7.21 -26.45 -9.08
N ARG D 38 -8.23 -25.72 -9.52
CA ARG D 38 -8.03 -24.30 -9.86
C ARG D 38 -7.78 -23.48 -8.60
N ILE D 39 -8.53 -23.76 -7.53
CA ILE D 39 -8.31 -23.09 -6.25
C ILE D 39 -6.91 -23.39 -5.75
N PHE D 40 -6.50 -24.66 -5.82
CA PHE D 40 -5.16 -25.03 -5.34
C PHE D 40 -4.09 -24.36 -6.18
N SER D 41 -4.25 -24.37 -7.51
CA SER D 41 -3.28 -23.71 -8.38
CA SER D 41 -3.28 -23.71 -8.38
C SER D 41 -3.19 -22.22 -8.08
N ARG D 42 -4.32 -21.61 -7.71
CA ARG D 42 -4.32 -20.19 -7.39
C ARG D 42 -3.58 -19.90 -6.09
N HIS D 43 -3.68 -20.81 -5.12
CA HIS D 43 -2.86 -20.68 -3.90
C HIS D 43 -1.38 -20.75 -4.23
N GLU D 44 -1.01 -21.64 -5.17
CA GLU D 44 0.39 -21.77 -5.55
C GLU D 44 0.87 -20.55 -6.33
N GLU D 45 0.02 -20.02 -7.22
CA GLU D 45 0.38 -18.85 -8.01
C GLU D 45 0.58 -17.63 -7.13
N LEU D 46 -0.21 -17.48 -6.07
CA LEU D 46 -0.10 -16.36 -5.16
C LEU D 46 0.90 -16.59 -4.04
N ARG D 47 1.62 -17.73 -4.05
CA ARG D 47 2.65 -18.05 -3.08
C ARG D 47 2.09 -18.17 -1.66
N LEU D 48 0.81 -18.52 -1.54
CA LEU D 48 0.22 -18.79 -0.24
C LEU D 48 0.50 -20.22 0.22
N LEU D 49 0.57 -21.17 -0.71
CA LEU D 49 0.74 -22.57 -0.35
C LEU D 49 2.02 -22.78 0.45
N SER D 50 3.13 -22.18 -0.01
CA SER D 50 4.40 -22.34 0.68
C SER D 50 4.38 -21.73 2.08
N ARG D 51 3.41 -20.87 2.37
CA ARG D 51 3.28 -20.27 3.69
C ARG D 51 2.40 -21.09 4.63
N CYS D 52 1.75 -22.14 4.12
CA CYS D 52 0.87 -22.98 4.92
C CYS D 52 1.55 -24.28 5.30
N HIS D 53 1.10 -24.86 6.42
CA HIS D 53 1.52 -26.19 6.82
C HIS D 53 0.59 -27.21 6.18
N ARG D 54 1.16 -28.15 5.43
CA ARG D 54 0.37 -29.10 4.66
C ARG D 54 -0.17 -30.19 5.57
N ILE D 55 -1.50 -30.30 5.65
CA ILE D 55 -2.17 -31.32 6.44
C ILE D 55 -2.58 -32.45 5.50
N PRO D 56 -2.27 -33.70 5.82
CA PRO D 56 -2.57 -34.79 4.89
C PRO D 56 -4.06 -35.14 4.86
N ALA D 57 -4.50 -35.59 3.70
CA ALA D 57 -5.86 -36.08 3.55
C ALA D 57 -5.96 -37.52 4.05
N ARG D 58 -7.18 -37.91 4.42
CA ARG D 58 -7.44 -39.28 4.82
C ARG D 58 -8.92 -39.57 4.63
N LEU D 59 -9.26 -40.85 4.69
CA LEU D 59 -10.63 -41.30 4.57
C LEU D 59 -11.34 -41.22 5.91
N ALA D 60 -12.58 -40.74 5.89
CA ALA D 60 -13.45 -40.93 7.04
C ALA D 60 -13.84 -42.41 7.13
N THR D 61 -14.09 -42.85 8.36
CA THR D 61 -14.54 -44.22 8.60
C THR D 61 -16.06 -44.26 8.68
N GLU D 62 -16.60 -45.47 8.48
CA GLU D 62 -18.05 -45.63 8.58
C GLU D 62 -18.55 -45.28 9.97
N GLU D 63 -17.76 -45.58 11.00
CA GLU D 63 -18.12 -45.19 12.36
C GLU D 63 -18.22 -43.68 12.48
N GLU D 64 -17.32 -42.95 11.83
CA GLU D 64 -17.36 -41.49 11.88
C GLU D 64 -18.54 -40.95 11.08
N LEU D 65 -18.90 -41.61 9.98
CA LEU D 65 -20.08 -41.18 9.22
C LEU D 65 -21.35 -41.31 10.05
N ALA D 66 -21.41 -42.32 10.92
CA ALA D 66 -22.60 -42.56 11.73
C ALA D 66 -22.82 -41.48 12.79
N LEU D 67 -21.88 -40.54 12.94
CA LEU D 67 -22.09 -39.45 13.88
C LEU D 67 -23.25 -38.55 13.46
N CYS D 68 -23.54 -38.51 12.17
CA CYS D 68 -24.65 -37.71 11.65
C CYS D 68 -25.58 -38.45 10.71
N HIS D 69 -25.18 -39.58 10.15
CA HIS D 69 -25.93 -40.24 9.08
C HIS D 69 -26.36 -41.63 9.51
N SER D 70 -27.53 -42.03 9.01
CA SER D 70 -28.08 -43.34 9.31
C SER D 70 -27.29 -44.44 8.60
N SER D 71 -27.42 -45.65 9.12
CA SER D 71 -26.72 -46.80 8.53
C SER D 71 -27.25 -47.10 7.14
N LYS D 72 -28.56 -46.92 6.92
CA LYS D 72 -29.15 -47.16 5.61
C LYS D 72 -28.53 -46.24 4.55
N HIS D 73 -28.44 -44.95 4.84
CA HIS D 73 -27.87 -44.00 3.89
C HIS D 73 -26.39 -44.29 3.63
N ILE D 74 -25.66 -44.67 4.68
CA ILE D 74 -24.23 -44.94 4.54
C ILE D 74 -24.01 -46.13 3.60
N SER D 75 -24.75 -47.21 3.82
CA SER D 75 -24.56 -48.42 3.02
C SER D 75 -24.96 -48.22 1.56
N ILE D 76 -25.96 -47.36 1.31
CA ILE D 76 -26.40 -47.14 -0.06
C ILE D 76 -25.33 -46.42 -0.87
N ILE D 77 -24.81 -45.31 -0.34
CA ILE D 77 -23.74 -44.59 -1.03
C ILE D 77 -22.51 -45.47 -1.16
N LYS D 78 -22.19 -46.21 -0.09
CA LYS D 78 -21.05 -47.14 -0.12
C LYS D 78 -21.20 -48.15 -1.24
N SER D 79 -22.42 -48.68 -1.43
CA SER D 79 -22.64 -49.70 -2.45
C SER D 79 -22.40 -49.19 -3.87
N SER D 80 -22.47 -47.86 -4.08
CA SER D 80 -22.29 -47.31 -5.42
C SER D 80 -20.86 -47.47 -5.93
N GLU D 81 -19.90 -47.80 -5.06
CA GLU D 81 -18.51 -47.99 -5.46
C GLU D 81 -18.35 -49.15 -6.44
N HIS D 82 -19.24 -50.14 -6.40
CA HIS D 82 -19.14 -51.33 -7.25
C HIS D 82 -20.27 -51.42 -8.27
N MET D 83 -20.95 -50.31 -8.54
CA MET D 83 -22.07 -50.30 -9.46
C MET D 83 -21.60 -50.08 -10.90
N LYS D 84 -22.41 -50.57 -11.84
CA LYS D 84 -22.22 -50.32 -13.25
C LYS D 84 -22.76 -48.93 -13.62
N PRO D 85 -22.34 -48.38 -14.77
CA PRO D 85 -22.75 -47.01 -15.11
C PRO D 85 -24.24 -46.74 -15.09
N ARG D 86 -25.06 -47.62 -15.67
CA ARG D 86 -26.50 -47.37 -15.71
C ARG D 86 -27.15 -47.53 -14.34
N ASP D 87 -26.64 -48.46 -13.53
CA ASP D 87 -27.13 -48.56 -12.15
C ASP D 87 -26.77 -47.32 -11.34
N LEU D 88 -25.61 -46.71 -11.65
CA LEU D 88 -25.25 -45.45 -11.01
C LEU D 88 -26.19 -44.33 -11.43
N ASN D 89 -26.55 -44.28 -12.72
CA ASN D 89 -27.46 -43.25 -13.20
C ASN D 89 -28.82 -43.37 -12.50
N ARG D 90 -29.33 -44.60 -12.39
CA ARG D 90 -30.63 -44.79 -11.74
C ARG D 90 -30.58 -44.41 -10.27
N LEU D 91 -29.49 -44.74 -9.58
CA LEU D 91 -29.38 -44.38 -8.17
C LEU D 91 -29.35 -42.87 -7.99
N GLY D 92 -28.54 -42.17 -8.79
CA GLY D 92 -28.48 -40.72 -8.68
C GLY D 92 -29.80 -40.04 -9.00
N ASP D 93 -30.58 -40.61 -9.91
CA ASP D 93 -31.84 -40.01 -10.30
C ASP D 93 -32.91 -40.10 -9.22
N GLU D 94 -32.72 -40.97 -8.23
CA GLU D 94 -33.67 -41.06 -7.12
C GLU D 94 -33.50 -39.94 -6.10
N TYR D 95 -32.44 -39.14 -6.20
CA TYR D 95 -32.21 -38.01 -5.31
C TYR D 95 -32.51 -36.70 -6.03
N ASN D 96 -32.44 -35.61 -5.26
CA ASN D 96 -32.59 -34.26 -5.78
C ASN D 96 -31.21 -33.70 -6.10
N SER D 97 -30.92 -33.53 -7.39
CA SER D 97 -29.70 -32.88 -7.87
C SER D 97 -28.44 -33.63 -7.41
N ILE D 98 -28.28 -34.85 -7.93
CA ILE D 98 -27.17 -35.72 -7.57
C ILE D 98 -26.70 -36.48 -8.80
N PHE D 99 -25.39 -36.47 -9.04
CA PHE D 99 -24.75 -37.42 -9.95
C PHE D 99 -23.74 -38.24 -9.17
N ILE D 100 -23.59 -39.51 -9.56
CA ILE D 100 -22.74 -40.46 -8.83
C ILE D 100 -21.85 -41.19 -9.82
N SER D 101 -20.60 -41.43 -9.41
CA SER D 101 -19.66 -42.24 -10.18
C SER D 101 -19.05 -43.29 -9.27
N ASN D 102 -18.23 -44.16 -9.88
CA ASN D 102 -17.57 -45.23 -9.13
C ASN D 102 -16.81 -44.70 -7.93
N GLU D 103 -16.23 -43.51 -8.04
CA GLU D 103 -15.31 -42.97 -7.05
C GLU D 103 -15.95 -41.95 -6.12
N SER D 104 -17.25 -41.67 -6.30
CA SER D 104 -17.90 -40.62 -5.52
C SER D 104 -17.82 -40.91 -4.02
N TYR D 105 -18.14 -42.14 -3.63
CA TYR D 105 -18.09 -42.52 -2.22
C TYR D 105 -16.70 -42.29 -1.64
N THR D 106 -15.66 -42.72 -2.36
CA THR D 106 -14.29 -42.47 -1.91
C THR D 106 -14.03 -40.97 -1.77
N CYS D 107 -14.48 -40.17 -2.73
CA CYS D 107 -14.23 -38.73 -2.69
C CYS D 107 -14.96 -38.08 -1.53
N ALA D 108 -16.19 -38.51 -1.23
CA ALA D 108 -16.91 -37.97 -0.10
C ALA D 108 -16.21 -38.30 1.22
N LEU D 109 -15.67 -39.52 1.32
CA LEU D 109 -14.94 -39.89 2.52
C LEU D 109 -13.66 -39.08 2.67
N LEU D 110 -12.95 -38.84 1.57
CA LEU D 110 -11.74 -38.03 1.62
C LEU D 110 -12.04 -36.61 2.07
N ALA D 111 -13.14 -36.02 1.56
CA ALA D 111 -13.50 -34.66 1.94
C ALA D 111 -13.76 -34.56 3.44
N ALA D 112 -14.50 -35.51 3.99
CA ALA D 112 -14.80 -35.48 5.42
C ALA D 112 -13.56 -35.77 6.25
N GLY D 113 -12.77 -36.77 5.84
CA GLY D 113 -11.57 -37.11 6.60
C GLY D 113 -10.53 -36.01 6.58
N SER D 114 -10.43 -35.30 5.45
CA SER D 114 -9.51 -34.17 5.38
C SER D 114 -9.90 -33.07 6.35
N CYS D 115 -11.22 -32.87 6.54
CA CYS D 115 -11.67 -31.89 7.51
C CYS D 115 -11.50 -32.40 8.94
N PHE D 116 -11.62 -33.72 9.14
CA PHE D 116 -11.33 -34.28 10.46
C PHE D 116 -9.89 -34.00 10.87
N ASN D 117 -8.94 -34.28 9.96
CA ASN D 117 -7.53 -34.02 10.25
C ASN D 117 -7.28 -32.55 10.52
N SER D 118 -7.97 -31.67 9.77
CA SER D 118 -7.80 -30.24 9.98
C SER D 118 -8.31 -29.81 11.36
N ALA D 119 -9.50 -30.28 11.73
CA ALA D 119 -10.06 -29.95 13.04
C ALA D 119 -9.21 -30.51 14.17
N GLN D 120 -8.63 -31.69 13.97
CA GLN D 120 -7.75 -32.27 14.98
C GLN D 120 -6.49 -31.43 15.14
N ALA D 121 -5.91 -30.96 14.04
CA ALA D 121 -4.70 -30.14 14.12
C ALA D 121 -4.98 -28.82 14.81
N ILE D 122 -6.18 -28.26 14.62
CA ILE D 122 -6.51 -27.00 15.26
C ILE D 122 -6.71 -27.21 16.76
N LEU D 123 -7.43 -28.27 17.14
CA LEU D 123 -7.78 -28.47 18.54
C LEU D 123 -6.61 -28.93 19.38
N THR D 124 -5.60 -29.56 18.78
CA THR D 124 -4.38 -29.93 19.50
C THR D 124 -3.27 -28.90 19.36
N GLY D 125 -3.54 -27.78 18.70
CA GLY D 125 -2.59 -26.69 18.66
C GLY D 125 -1.41 -26.89 17.74
N GLN D 126 -1.50 -27.83 16.79
CA GLN D 126 -0.45 -27.95 15.79
C GLN D 126 -0.53 -26.81 14.77
N VAL D 127 -1.73 -26.32 14.51
CA VAL D 127 -1.95 -25.12 13.71
C VAL D 127 -2.96 -24.25 14.45
N ARG D 128 -3.02 -22.98 14.05
CA ARG D 128 -4.00 -22.05 14.61
C ARG D 128 -5.32 -22.10 13.85
N ASN D 129 -5.25 -22.18 12.52
CA ASN D 129 -6.43 -22.24 11.68
C ASN D 129 -6.10 -23.06 10.44
N ALA D 130 -7.11 -23.33 9.62
CA ALA D 130 -6.90 -24.21 8.48
C ALA D 130 -7.92 -23.92 7.40
N VAL D 131 -7.58 -24.34 6.18
CA VAL D 131 -8.46 -24.23 5.02
C VAL D 131 -8.53 -25.61 4.36
N ALA D 132 -9.72 -26.00 3.92
CA ALA D 132 -9.96 -27.32 3.34
C ALA D 132 -10.49 -27.15 1.93
N ILE D 133 -9.67 -27.50 0.95
CA ILE D 133 -10.05 -27.43 -0.47
C ILE D 133 -10.54 -28.84 -0.84
N VAL D 134 -11.85 -29.06 -0.69
CA VAL D 134 -12.42 -30.40 -0.78
C VAL D 134 -13.65 -30.38 -1.67
N ARG D 135 -14.01 -31.56 -2.16
CA ARG D 135 -15.25 -31.80 -2.89
C ARG D 135 -15.52 -33.29 -2.88
N PRO D 136 -16.79 -33.71 -3.01
CA PRO D 136 -18.03 -32.91 -3.18
C PRO D 136 -18.42 -32.14 -1.94
N PRO D 137 -19.29 -31.13 -2.08
CA PRO D 137 -19.74 -30.36 -0.91
C PRO D 137 -20.61 -31.18 0.02
N GLY D 138 -21.11 -30.58 1.10
CA GLY D 138 -21.80 -31.37 2.10
C GLY D 138 -23.06 -30.83 2.75
N HIS D 139 -23.24 -29.51 2.80
CA HIS D 139 -24.25 -28.95 3.69
C HIS D 139 -25.68 -29.25 3.28
N HIS D 140 -25.93 -29.74 2.07
CA HIS D 140 -27.28 -30.16 1.70
C HIS D 140 -27.58 -31.60 2.08
N ALA D 141 -26.57 -32.38 2.45
CA ALA D 141 -26.79 -33.77 2.81
C ALA D 141 -27.56 -33.89 4.11
N GLU D 142 -28.66 -34.64 4.09
CA GLU D 142 -29.46 -34.89 5.27
C GLU D 142 -28.95 -36.14 5.99
N LYS D 143 -29.51 -36.39 7.17
CA LYS D 143 -29.13 -37.57 7.95
C LYS D 143 -29.31 -38.85 7.14
N ASP D 144 -30.38 -38.94 6.36
CA ASP D 144 -30.75 -40.18 5.71
C ASP D 144 -30.77 -40.09 4.18
N THR D 145 -30.30 -38.99 3.59
CA THR D 145 -30.35 -38.89 2.13
C THR D 145 -29.35 -37.84 1.64
N ALA D 146 -29.01 -37.97 0.37
CA ALA D 146 -28.13 -37.06 -0.34
C ALA D 146 -28.96 -36.06 -1.14
N CYS D 147 -28.36 -34.89 -1.41
CA CYS D 147 -29.11 -33.80 -2.01
C CYS D 147 -28.15 -32.70 -2.46
N GLY D 148 -28.47 -32.06 -3.58
CA GLY D 148 -27.74 -30.90 -4.05
C GLY D 148 -26.24 -31.06 -4.13
N PHE D 149 -25.78 -32.10 -4.83
CA PHE D 149 -24.36 -32.43 -5.03
C PHE D 149 -23.67 -32.89 -3.76
N CYS D 150 -24.41 -33.11 -2.68
CA CYS D 150 -23.82 -33.49 -1.39
C CYS D 150 -24.22 -34.91 -1.04
N PHE D 151 -23.24 -35.68 -0.55
CA PHE D 151 -23.46 -37.06 -0.11
C PHE D 151 -23.43 -37.19 1.41
N PHE D 152 -22.44 -36.58 2.06
CA PHE D 152 -22.35 -36.56 3.52
C PHE D 152 -22.10 -35.13 3.97
N ASN D 153 -22.69 -34.77 5.10
CA ASN D 153 -22.58 -33.39 5.60
C ASN D 153 -21.23 -33.22 6.27
N THR D 154 -20.28 -32.70 5.48
CA THR D 154 -18.90 -32.59 5.95
C THR D 154 -18.79 -31.72 7.19
N ALA D 155 -19.39 -30.52 7.14
CA ALA D 155 -19.28 -29.60 8.27
C ALA D 155 -19.97 -30.16 9.51
N ALA D 156 -21.12 -30.80 9.34
CA ALA D 156 -21.83 -31.37 10.49
C ALA D 156 -21.03 -32.50 11.12
N LEU D 157 -20.47 -33.38 10.29
CA LEU D 157 -19.62 -34.45 10.81
C LEU D 157 -18.38 -33.89 11.49
N THR D 158 -17.79 -32.84 10.91
CA THR D 158 -16.61 -32.23 11.50
C THR D 158 -16.93 -31.64 12.87
N ALA D 159 -18.11 -31.04 13.02
CA ALA D 159 -18.53 -30.55 14.33
C ALA D 159 -18.65 -31.69 15.32
N ARG D 160 -19.26 -32.81 14.90
CA ARG D 160 -19.41 -33.95 15.80
C ARG D 160 -18.07 -34.65 16.05
N TYR D 161 -17.20 -34.71 15.03
CA TYR D 161 -15.88 -35.28 15.24
C TYR D 161 -15.07 -34.44 16.22
N ALA D 162 -15.13 -33.12 16.09
CA ALA D 162 -14.43 -32.24 17.01
C ALA D 162 -14.86 -32.49 18.45
N GLN D 163 -16.17 -32.62 18.66
CA GLN D 163 -16.67 -32.89 20.01
C GLN D 163 -16.27 -34.28 20.49
N SER D 164 -16.07 -35.24 19.57
CA SER D 164 -15.71 -36.59 19.98
C SER D 164 -14.26 -36.67 20.47
N ILE D 165 -13.40 -35.74 20.07
CA ILE D 165 -12.00 -35.75 20.48
C ILE D 165 -11.69 -34.65 21.48
N THR D 166 -12.70 -33.93 21.97
CA THR D 166 -12.51 -32.99 23.07
C THR D 166 -13.55 -33.24 24.14
N ARG D 167 -14.66 -32.48 24.09
CA ARG D 167 -15.79 -32.68 24.98
C ARG D 167 -17.06 -32.71 24.15
N GLU D 168 -18.07 -33.42 24.66
CA GLU D 168 -19.39 -33.39 24.03
C GLU D 168 -19.97 -31.98 24.05
N SER D 169 -19.56 -31.16 25.02
CA SER D 169 -20.05 -29.80 25.17
C SER D 169 -19.19 -28.77 24.45
N LEU D 170 -18.25 -29.21 23.61
CA LEU D 170 -17.43 -28.28 22.84
C LEU D 170 -18.34 -27.42 21.97
N ARG D 171 -18.30 -26.10 22.20
CA ARG D 171 -19.16 -25.17 21.49
C ARG D 171 -18.58 -24.92 20.10
N VAL D 172 -19.31 -25.36 19.07
CA VAL D 172 -18.93 -25.15 17.68
C VAL D 172 -19.89 -24.16 17.05
N LEU D 173 -19.33 -23.13 16.42
CA LEU D 173 -20.09 -22.23 15.57
C LEU D 173 -19.90 -22.65 14.12
N ILE D 174 -21.01 -22.76 13.38
CA ILE D 174 -20.97 -23.04 11.96
C ILE D 174 -21.56 -21.84 11.24
N VAL D 175 -20.73 -21.15 10.47
CA VAL D 175 -21.15 -20.03 9.64
C VAL D 175 -21.23 -20.53 8.20
N ASP D 176 -22.40 -20.43 7.61
CA ASP D 176 -22.68 -20.94 6.28
C ASP D 176 -23.01 -19.75 5.38
N TRP D 177 -21.99 -19.23 4.69
CA TRP D 177 -22.19 -18.11 3.77
C TRP D 177 -22.32 -18.56 2.32
N ASP D 178 -22.46 -19.86 2.09
CA ASP D 178 -22.88 -20.36 0.79
C ASP D 178 -24.21 -19.71 0.41
N VAL D 179 -24.42 -19.50 -0.88
CA VAL D 179 -25.64 -18.79 -1.30
C VAL D 179 -26.89 -19.61 -1.02
N HIS D 180 -26.77 -20.92 -0.84
CA HIS D 180 -27.90 -21.78 -0.57
C HIS D 180 -27.99 -22.09 0.93
N HIS D 181 -29.22 -22.35 1.39
CA HIS D 181 -29.44 -22.74 2.77
C HIS D 181 -28.92 -24.15 3.00
N GLY D 182 -28.12 -24.32 4.05
CA GLY D 182 -27.66 -25.65 4.42
C GLY D 182 -28.75 -26.41 5.14
N ASN D 183 -29.72 -26.92 4.36
CA ASN D 183 -30.86 -27.62 4.94
C ASN D 183 -30.42 -28.81 5.78
N GLY D 184 -29.42 -29.56 5.30
CA GLY D 184 -28.95 -30.71 6.05
C GLY D 184 -28.34 -30.33 7.37
N THR D 185 -27.52 -29.27 7.38
CA THR D 185 -26.87 -28.86 8.62
C THR D 185 -27.89 -28.34 9.64
N GLN D 186 -28.88 -27.57 9.18
CA GLN D 186 -29.90 -27.06 10.10
C GLN D 186 -30.66 -28.21 10.75
N HIS D 187 -31.03 -29.22 9.97
CA HIS D 187 -31.84 -30.32 10.51
C HIS D 187 -31.03 -31.19 11.46
N ILE D 188 -29.74 -31.36 11.22
CA ILE D 188 -28.92 -32.20 12.08
C ILE D 188 -28.79 -31.60 13.47
N PHE D 189 -28.72 -30.27 13.57
CA PHE D 189 -28.49 -29.59 14.84
C PHE D 189 -29.68 -28.80 15.34
N GLU D 190 -30.87 -29.03 14.78
CA GLU D 190 -32.01 -28.17 15.11
C GLU D 190 -32.38 -28.23 16.59
N GLU D 191 -32.11 -29.36 17.25
CA GLU D 191 -32.43 -29.53 18.67
C GLU D 191 -31.20 -29.42 19.55
N ASP D 192 -30.10 -28.88 19.03
CA ASP D 192 -28.83 -28.88 19.73
C ASP D 192 -28.40 -27.45 20.07
N ASP D 193 -28.04 -27.22 21.32
CA ASP D 193 -27.54 -25.94 21.77
C ASP D 193 -26.02 -25.89 21.89
N SER D 194 -25.34 -27.00 21.58
CA SER D 194 -23.87 -27.01 21.56
C SER D 194 -23.29 -26.60 20.22
N VAL D 195 -24.10 -26.61 19.16
CA VAL D 195 -23.67 -26.23 17.82
C VAL D 195 -24.58 -25.12 17.35
N LEU D 196 -24.04 -23.90 17.29
CA LEU D 196 -24.77 -22.75 16.76
C LEU D 196 -24.62 -22.71 15.26
N TYR D 197 -25.74 -22.72 14.55
CA TYR D 197 -25.76 -22.71 13.09
C TYR D 197 -26.28 -21.37 12.61
N ILE D 198 -25.48 -20.68 11.80
CA ILE D 198 -25.86 -19.39 11.21
C ILE D 198 -25.64 -19.49 9.70
N SER D 199 -26.72 -19.31 8.95
CA SER D 199 -26.69 -19.40 7.49
C SER D 199 -27.25 -18.13 6.88
N LEU D 200 -26.48 -17.53 5.97
CA LEU D 200 -26.96 -16.46 5.11
C LEU D 200 -27.17 -17.04 3.72
N HIS D 201 -28.33 -16.76 3.13
CA HIS D 201 -28.69 -17.46 1.91
C HIS D 201 -29.75 -16.68 1.15
N ARG D 202 -29.74 -16.86 -0.17
CA ARG D 202 -30.80 -16.35 -1.02
C ARG D 202 -32.06 -17.19 -0.86
N TYR D 203 -33.16 -16.55 -0.48
CA TYR D 203 -34.41 -17.24 -0.16
C TYR D 203 -35.51 -17.02 -1.19
N GLU D 204 -35.81 -15.75 -1.50
CA GLU D 204 -36.84 -15.39 -2.48
C GLU D 204 -38.17 -16.06 -2.15
N ASP D 205 -38.54 -16.00 -0.87
CA ASP D 205 -39.85 -16.48 -0.38
C ASP D 205 -40.05 -17.97 -0.66
N GLY D 206 -38.98 -18.75 -0.61
CA GLY D 206 -39.09 -20.18 -0.80
C GLY D 206 -38.93 -20.67 -2.21
N ALA D 207 -38.73 -19.78 -3.19
CA ALA D 207 -38.61 -20.19 -4.57
C ALA D 207 -37.21 -20.64 -4.95
N PHE D 208 -36.19 -20.20 -4.22
CA PHE D 208 -34.81 -20.53 -4.54
C PHE D 208 -34.41 -21.84 -3.87
N PHE D 209 -33.53 -22.58 -4.55
CA PHE D 209 -33.08 -23.87 -4.06
C PHE D 209 -32.50 -23.74 -2.65
N PRO D 210 -32.78 -24.68 -1.74
CA PRO D 210 -33.53 -25.93 -1.93
C PRO D 210 -35.05 -25.87 -1.79
N ASN D 211 -35.65 -24.69 -1.96
CA ASN D 211 -37.09 -24.55 -2.15
C ASN D 211 -37.89 -25.02 -0.93
N SER D 212 -37.49 -24.59 0.27
CA SER D 212 -38.18 -24.99 1.48
C SER D 212 -38.29 -23.81 2.44
N GLU D 213 -39.45 -23.67 3.07
CA GLU D 213 -39.65 -22.62 4.06
C GLU D 213 -38.96 -22.92 5.38
N ASP D 214 -38.24 -24.04 5.49
CA ASP D 214 -37.36 -24.26 6.64
C ASP D 214 -36.26 -23.21 6.73
N ALA D 215 -35.97 -22.51 5.64
CA ALA D 215 -34.88 -21.56 5.58
C ALA D 215 -35.29 -20.14 5.96
N ASN D 216 -36.52 -19.94 6.40
CA ASN D 216 -36.97 -18.60 6.72
C ASN D 216 -36.45 -18.19 8.09
N TYR D 217 -36.61 -16.89 8.39
CA TYR D 217 -36.03 -16.32 9.60
C TYR D 217 -36.73 -16.80 10.86
N ASP D 218 -37.94 -17.34 10.76
CA ASP D 218 -38.70 -17.76 11.93
C ASP D 218 -38.35 -19.16 12.40
N LYS D 219 -37.48 -19.87 11.69
CA LYS D 219 -36.99 -21.18 12.14
C LYS D 219 -35.77 -20.94 13.01
N VAL D 220 -35.98 -20.98 14.33
CA VAL D 220 -34.96 -20.58 15.30
C VAL D 220 -34.43 -21.75 16.10
N GLY D 221 -34.90 -22.96 15.85
CA GLY D 221 -34.50 -24.12 16.61
C GLY D 221 -35.66 -24.73 17.39
N LEU D 222 -35.39 -25.91 17.92
CA LEU D 222 -36.39 -26.69 18.66
C LEU D 222 -35.82 -27.13 19.99
N GLY D 223 -36.70 -27.18 21.00
CA GLY D 223 -36.31 -27.69 22.30
C GLY D 223 -35.21 -26.85 22.94
N LYS D 224 -34.17 -27.54 23.42
CA LYS D 224 -33.01 -26.84 23.97
C LYS D 224 -32.28 -26.02 22.91
N GLY D 225 -32.47 -26.35 21.64
CA GLY D 225 -31.84 -25.63 20.54
C GLY D 225 -32.53 -24.38 20.08
N ARG D 226 -33.51 -23.88 20.83
CA ARG D 226 -34.22 -22.68 20.43
C ARG D 226 -33.30 -21.47 20.58
N GLY D 227 -33.22 -20.65 19.53
CA GLY D 227 -32.28 -19.56 19.46
C GLY D 227 -30.92 -19.93 18.92
N TYR D 228 -30.69 -21.22 18.63
CA TYR D 228 -29.39 -21.70 18.16
C TYR D 228 -29.40 -22.04 16.68
N ASN D 229 -30.46 -21.69 15.96
CA ASN D 229 -30.50 -21.77 14.50
C ASN D 229 -30.88 -20.40 13.97
N VAL D 230 -29.95 -19.76 13.27
CA VAL D 230 -30.14 -18.39 12.79
C VAL D 230 -30.13 -18.40 11.27
N ASN D 231 -31.30 -18.24 10.67
CA ASN D 231 -31.44 -18.14 9.23
C ASN D 231 -31.54 -16.68 8.84
N ILE D 232 -30.65 -16.22 7.97
CA ILE D 232 -30.68 -14.86 7.46
C ILE D 232 -31.06 -14.93 5.99
N PRO D 233 -32.35 -14.84 5.66
CA PRO D 233 -32.77 -15.05 4.27
C PRO D 233 -32.88 -13.75 3.47
N TRP D 234 -32.27 -13.71 2.29
CA TRP D 234 -32.35 -12.55 1.42
C TRP D 234 -33.52 -12.70 0.45
N ASN D 235 -34.21 -11.58 0.21
CA ASN D 235 -35.33 -11.54 -0.72
C ASN D 235 -35.19 -10.33 -1.62
N GLY D 236 -35.60 -10.51 -2.89
CA GLY D 236 -35.68 -9.44 -3.87
C GLY D 236 -34.50 -8.48 -3.91
N GLY D 237 -33.40 -8.89 -4.52
CA GLY D 237 -32.25 -8.01 -4.64
C GLY D 237 -30.92 -8.71 -4.83
N LYS D 238 -30.05 -8.13 -5.64
CA LYS D 238 -28.71 -8.65 -5.85
C LYS D 238 -27.85 -8.20 -4.67
N MET D 239 -27.61 -9.10 -3.73
CA MET D 239 -26.90 -8.76 -2.50
C MET D 239 -25.39 -8.86 -2.69
N GLY D 240 -24.67 -8.02 -1.98
CA GLY D 240 -23.22 -7.95 -2.09
C GLY D 240 -22.58 -7.59 -0.77
N ASP D 241 -21.44 -6.91 -0.85
CA ASP D 241 -20.62 -6.66 0.35
C ASP D 241 -21.36 -5.87 1.43
N PRO D 242 -22.02 -4.74 1.13
CA PRO D 242 -22.70 -4.02 2.22
C PRO D 242 -23.73 -4.85 2.96
N GLU D 243 -24.48 -5.70 2.25
CA GLU D 243 -25.51 -6.50 2.91
C GLU D 243 -24.90 -7.55 3.83
N TYR D 244 -23.81 -8.20 3.39
CA TYR D 244 -23.17 -9.20 4.24
C TYR D 244 -22.39 -8.55 5.37
N MET D 245 -21.83 -7.36 5.13
CA MET D 245 -21.15 -6.64 6.20
C MET D 245 -22.14 -6.23 7.29
N ALA D 246 -23.30 -5.72 6.90
CA ALA D 246 -24.31 -5.31 7.87
C ALA D 246 -24.87 -6.51 8.62
N ALA D 247 -25.06 -7.64 7.91
CA ALA D 247 -25.58 -8.84 8.56
C ALA D 247 -24.61 -9.37 9.60
N PHE D 248 -23.30 -9.31 9.31
CA PHE D 248 -22.31 -9.72 10.29
C PHE D 248 -22.29 -8.78 11.48
N HIS D 249 -22.50 -7.48 11.25
CA HIS D 249 -22.38 -6.51 12.32
C HIS D 249 -23.61 -6.49 13.22
N HIS D 250 -24.80 -6.66 12.65
CA HIS D 250 -26.02 -6.64 13.44
C HIS D 250 -26.41 -8.00 14.01
N LEU D 251 -25.97 -9.08 13.38
CA LEU D 251 -26.49 -10.40 13.74
C LEU D 251 -25.38 -11.39 14.07
N VAL D 252 -24.54 -11.72 13.09
CA VAL D 252 -23.61 -12.85 13.25
C VAL D 252 -22.64 -12.60 14.40
N MET D 253 -21.98 -11.44 14.40
CA MET D 253 -20.97 -11.18 15.43
C MET D 253 -21.60 -10.96 16.81
N PRO D 254 -22.66 -10.16 16.97
CA PRO D 254 -23.27 -10.06 18.31
C PRO D 254 -23.73 -11.40 18.86
N ILE D 255 -24.35 -12.24 18.04
CA ILE D 255 -24.80 -13.55 18.50
C ILE D 255 -23.61 -14.46 18.78
N ALA D 256 -22.62 -14.47 17.88
CA ALA D 256 -21.49 -15.40 18.04
C ALA D 256 -20.64 -15.00 19.23
N ARG D 257 -20.47 -13.70 19.50
CA ARG D 257 -19.67 -13.27 20.63
C ARG D 257 -20.30 -13.70 21.94
N GLU D 258 -21.64 -13.66 22.02
CA GLU D 258 -22.32 -14.14 23.22
C GLU D 258 -22.21 -15.66 23.34
N PHE D 259 -22.33 -16.37 22.22
CA PHE D 259 -22.16 -17.82 22.23
C PHE D 259 -20.74 -18.20 22.63
N ALA D 260 -19.75 -17.42 22.20
CA ALA D 260 -18.34 -17.60 22.50
C ALA D 260 -17.88 -19.00 22.13
N PRO D 261 -17.80 -19.32 20.83
CA PRO D 261 -17.47 -20.68 20.43
C PRO D 261 -16.01 -21.01 20.71
N GLU D 262 -15.73 -22.31 20.77
CA GLU D 262 -14.38 -22.82 20.90
C GLU D 262 -13.80 -23.29 19.58
N LEU D 263 -14.63 -23.44 18.56
CA LEU D 263 -14.20 -23.80 17.21
C LEU D 263 -15.19 -23.19 16.23
N VAL D 264 -14.68 -22.54 15.20
CA VAL D 264 -15.50 -21.92 14.16
C VAL D 264 -15.32 -22.72 12.88
N LEU D 265 -16.42 -23.26 12.37
CA LEU D 265 -16.45 -23.94 11.09
C LEU D 265 -17.19 -23.08 10.08
N VAL D 266 -16.56 -22.81 8.94
CA VAL D 266 -17.16 -22.01 7.89
C VAL D 266 -17.54 -22.95 6.75
N SER D 267 -18.84 -23.15 6.55
CA SER D 267 -19.32 -23.73 5.32
C SER D 267 -19.15 -22.70 4.21
N ALA D 268 -17.95 -22.65 3.63
CA ALA D 268 -17.55 -21.54 2.76
C ALA D 268 -17.84 -21.91 1.31
N GLY D 269 -19.11 -21.80 0.93
CA GLY D 269 -19.45 -21.75 -0.46
C GLY D 269 -19.15 -20.37 -1.03
N PHE D 270 -18.84 -20.34 -2.32
CA PHE D 270 -18.55 -19.07 -3.00
C PHE D 270 -19.45 -18.88 -4.21
N ASP D 271 -20.69 -19.37 -4.13
CA ASP D 271 -21.66 -19.16 -5.19
C ASP D 271 -22.47 -17.88 -4.99
N ALA D 272 -22.26 -17.16 -3.90
CA ALA D 272 -22.73 -15.78 -3.77
C ALA D 272 -21.70 -14.78 -4.30
N ALA D 273 -20.60 -15.27 -4.86
CA ALA D 273 -19.54 -14.39 -5.34
C ALA D 273 -19.95 -13.71 -6.62
N ARG D 274 -19.33 -12.55 -6.86
CA ARG D 274 -19.52 -11.84 -8.12
C ARG D 274 -19.07 -12.71 -9.29
N GLY D 275 -19.93 -12.81 -10.31
CA GLY D 275 -19.61 -13.58 -11.49
C GLY D 275 -20.03 -15.04 -11.44
N ASP D 276 -20.66 -15.48 -10.36
CA ASP D 276 -21.11 -16.86 -10.29
C ASP D 276 -22.29 -17.07 -11.23
N PRO D 277 -22.25 -18.07 -12.12
CA PRO D 277 -23.31 -18.22 -13.12
C PRO D 277 -24.64 -18.68 -12.54
N LEU D 278 -24.70 -18.96 -11.25
CA LEU D 278 -25.81 -19.69 -10.66
C LEU D 278 -26.38 -19.04 -9.40
N GLY D 279 -25.62 -18.18 -8.71
CA GLY D 279 -26.08 -17.59 -7.47
C GLY D 279 -26.76 -16.25 -7.63
N GLY D 280 -26.24 -15.41 -8.52
CA GLY D 280 -26.84 -14.11 -8.77
C GLY D 280 -26.51 -13.02 -7.78
N PHE D 281 -25.50 -13.21 -6.95
CA PHE D 281 -25.05 -12.20 -5.99
C PHE D 281 -23.72 -11.62 -6.45
N GLN D 282 -23.19 -10.69 -5.65
CA GLN D 282 -22.02 -9.92 -6.06
C GLN D 282 -21.07 -9.67 -4.90
N VAL D 283 -20.91 -10.64 -4.01
CA VAL D 283 -19.88 -10.56 -2.99
C VAL D 283 -18.52 -10.65 -3.67
N THR D 284 -17.62 -9.75 -3.31
CA THR D 284 -16.31 -9.64 -3.93
C THR D 284 -15.26 -10.41 -3.13
N PRO D 285 -14.09 -10.67 -3.72
CA PRO D 285 -13.01 -11.30 -2.93
C PRO D 285 -12.64 -10.51 -1.68
N GLU D 286 -12.60 -9.18 -1.78
CA GLU D 286 -12.38 -8.35 -0.59
C GLU D 286 -13.49 -8.55 0.44
N GLY D 287 -14.71 -8.78 -0.03
CA GLY D 287 -15.81 -9.02 0.89
C GLY D 287 -15.63 -10.30 1.69
N TYR D 288 -15.23 -11.38 1.03
CA TYR D 288 -15.00 -12.63 1.74
C TYR D 288 -13.82 -12.51 2.71
N ALA D 289 -12.79 -11.77 2.31
CA ALA D 289 -11.66 -11.54 3.21
C ALA D 289 -12.10 -10.80 4.47
N HIS D 290 -13.03 -9.85 4.33
CA HIS D 290 -13.53 -9.12 5.49
C HIS D 290 -14.27 -10.05 6.45
N LEU D 291 -15.14 -10.92 5.90
CA LEU D 291 -15.89 -11.83 6.74
C LEU D 291 -14.98 -12.84 7.43
N THR D 292 -13.94 -13.30 6.72
CA THR D 292 -12.97 -14.20 7.33
C THR D 292 -12.24 -13.52 8.48
N HIS D 293 -11.81 -12.27 8.28
CA HIS D 293 -11.12 -11.54 9.34
C HIS D 293 -12.03 -11.30 10.53
N GLN D 294 -13.32 -11.06 10.29
CA GLN D 294 -14.29 -10.95 11.37
C GLN D 294 -14.33 -12.23 12.19
N LEU D 295 -14.47 -13.37 11.53
CA LEU D 295 -14.59 -14.64 12.23
C LEU D 295 -13.32 -15.02 12.97
N MET D 296 -12.16 -14.53 12.51
CA MET D 296 -10.90 -14.83 13.19
C MET D 296 -10.86 -14.24 14.59
N SER D 297 -11.70 -13.26 14.89
CA SER D 297 -11.76 -12.69 16.24
C SER D 297 -12.52 -13.58 17.22
N LEU D 298 -13.01 -14.73 16.77
CA LEU D 298 -13.74 -15.67 17.62
C LEU D 298 -12.89 -16.90 17.89
N ALA D 299 -13.18 -17.57 19.00
CA ALA D 299 -12.59 -18.86 19.35
C ALA D 299 -11.05 -18.80 19.37
N ALA D 300 -10.50 -17.67 19.80
CA ALA D 300 -9.04 -17.50 19.88
C ALA D 300 -8.36 -17.79 18.54
N GLY D 301 -9.06 -17.52 17.44
CA GLY D 301 -8.51 -17.72 16.12
C GLY D 301 -8.69 -19.10 15.53
N ARG D 302 -9.25 -20.04 16.28
CA ARG D 302 -9.43 -21.40 15.78
C ARG D 302 -10.55 -21.46 14.75
N VAL D 303 -10.20 -21.21 13.48
CA VAL D 303 -11.17 -21.12 12.40
C VAL D 303 -10.80 -22.13 11.32
N LEU D 304 -11.79 -22.87 10.83
CA LEU D 304 -11.59 -23.86 9.77
C LEU D 304 -12.55 -23.55 8.62
N ILE D 305 -11.98 -23.31 7.44
CA ILE D 305 -12.74 -22.88 6.26
C ILE D 305 -12.90 -24.09 5.34
N ILE D 306 -14.15 -24.50 5.10
CA ILE D 306 -14.45 -25.70 4.33
C ILE D 306 -15.15 -25.28 3.04
N LEU D 307 -14.58 -25.65 1.90
CA LEU D 307 -15.19 -25.33 0.63
C LEU D 307 -16.53 -26.04 0.46
N GLU D 308 -17.55 -25.29 0.04
CA GLU D 308 -18.83 -25.88 -0.30
C GLU D 308 -19.17 -25.63 -1.76
N GLY D 309 -20.04 -24.66 -2.01
CA GLY D 309 -20.45 -24.32 -3.35
C GLY D 309 -19.51 -23.33 -4.02
N GLY D 310 -19.91 -22.93 -5.22
CA GLY D 310 -19.12 -21.99 -6.02
C GLY D 310 -18.72 -22.51 -7.37
N TYR D 311 -19.12 -21.82 -8.45
CA TYR D 311 -19.07 -22.42 -9.78
C TYR D 311 -18.47 -21.55 -10.88
N ASN D 312 -18.07 -20.32 -10.58
CA ASN D 312 -17.16 -19.57 -11.45
C ASN D 312 -15.75 -19.89 -11.00
N LEU D 313 -15.00 -20.58 -11.86
CA LEU D 313 -13.68 -21.08 -11.46
C LEU D 313 -12.72 -19.97 -11.08
N THR D 314 -12.85 -18.80 -11.72
CA THR D 314 -11.98 -17.68 -11.37
C THR D 314 -12.44 -16.99 -10.10
N SER D 315 -13.77 -16.88 -9.90
CA SER D 315 -14.29 -16.21 -8.71
CA SER D 315 -14.28 -16.21 -8.72
C SER D 315 -13.95 -17.00 -7.45
N ILE D 316 -14.12 -18.33 -7.48
CA ILE D 316 -13.85 -19.13 -6.30
C ILE D 316 -12.35 -19.22 -6.04
N SER D 317 -11.53 -19.23 -7.09
CA SER D 317 -10.09 -19.29 -6.90
C SER D 317 -9.58 -18.01 -6.22
N GLU D 318 -10.12 -16.86 -6.60
CA GLU D 318 -9.69 -15.60 -6.00
C GLU D 318 -10.30 -15.40 -4.62
N SER D 319 -11.55 -15.83 -4.44
CA SER D 319 -12.23 -15.62 -3.17
C SER D 319 -11.63 -16.46 -2.06
N MET D 320 -11.41 -17.75 -2.31
CA MET D 320 -10.85 -18.61 -1.27
C MET D 320 -9.39 -18.28 -1.00
N SER D 321 -8.65 -17.85 -2.03
CA SER D 321 -7.28 -17.42 -1.81
C SER D 321 -7.22 -16.20 -0.89
N MET D 322 -8.19 -15.30 -1.02
CA MET D 322 -8.26 -14.14 -0.12
C MET D 322 -8.54 -14.58 1.32
N CYS D 323 -9.34 -15.64 1.48
CA CYS D 323 -9.64 -16.13 2.83
C CYS D 323 -8.41 -16.71 3.49
N THR D 324 -7.66 -17.54 2.75
CA THR D 324 -6.42 -18.10 3.29
C THR D 324 -5.43 -17.00 3.61
N SER D 325 -5.36 -15.97 2.77
CA SER D 325 -4.49 -14.84 3.06
C SER D 325 -4.85 -14.17 4.38
N MET D 326 -6.14 -14.13 4.72
CA MET D 326 -6.55 -13.60 6.01
C MET D 326 -6.10 -14.51 7.15
N LEU D 327 -6.31 -15.83 6.99
CA LEU D 327 -5.88 -16.78 8.00
C LEU D 327 -4.38 -16.72 8.23
N LEU D 328 -3.61 -16.41 7.17
CA LEU D 328 -2.16 -16.31 7.30
C LEU D 328 -1.72 -15.05 8.04
N GLY D 329 -2.63 -14.13 8.32
CA GLY D 329 -2.30 -12.94 9.08
C GLY D 329 -2.14 -11.67 8.27
N ASP D 330 -2.45 -11.69 6.98
CA ASP D 330 -2.33 -10.49 6.17
C ASP D 330 -3.42 -9.49 6.53
N SER D 331 -3.14 -8.22 6.22
CA SER D 331 -4.07 -7.16 6.60
C SER D 331 -5.34 -7.24 5.77
N PRO D 332 -6.51 -7.08 6.40
CA PRO D 332 -7.77 -7.14 5.66
C PRO D 332 -7.95 -5.90 4.80
N PRO D 333 -8.55 -6.05 3.62
CA PRO D 333 -8.87 -4.87 2.81
C PRO D 333 -9.81 -3.93 3.57
N SER D 334 -9.74 -2.66 3.20
CA SER D 334 -10.59 -1.64 3.79
C SER D 334 -11.84 -1.48 2.94
N LEU D 335 -13.01 -1.64 3.57
CA LEU D 335 -14.29 -1.56 2.89
C LEU D 335 -15.12 -0.42 3.44
N ASP D 336 -16.03 0.08 2.61
CA ASP D 336 -16.90 1.19 2.99
C ASP D 336 -18.07 0.64 3.79
N HIS D 337 -18.13 0.98 5.09
CA HIS D 337 -19.24 0.59 5.95
C HIS D 337 -20.41 1.55 5.87
N LEU D 338 -20.31 2.60 5.06
CA LEU D 338 -21.36 3.61 4.94
C LEU D 338 -22.19 3.46 3.66
N THR D 339 -21.88 2.49 2.83
CA THR D 339 -22.69 2.25 1.64
C THR D 339 -24.08 1.78 2.06
N PRO D 340 -25.15 2.48 1.67
CA PRO D 340 -26.48 2.09 2.11
C PRO D 340 -26.88 0.73 1.55
N LEU D 341 -27.68 0.00 2.32
CA LEU D 341 -28.13 -1.31 1.91
C LEU D 341 -29.32 -1.19 0.96
N LYS D 342 -29.49 -2.19 0.11
CA LYS D 342 -30.73 -2.32 -0.64
C LYS D 342 -31.89 -2.53 0.33
N THR D 343 -33.06 -2.01 -0.06
CA THR D 343 -34.17 -1.88 0.88
C THR D 343 -34.59 -3.23 1.48
N SER D 344 -34.70 -4.25 0.64
CA SER D 344 -35.15 -5.55 1.13
C SER D 344 -34.17 -6.20 2.10
N ALA D 345 -32.89 -5.80 2.05
CA ALA D 345 -31.91 -6.36 2.98
C ALA D 345 -32.16 -5.87 4.40
N THR D 346 -32.50 -4.60 4.56
CA THR D 346 -32.82 -4.08 5.88
C THR D 346 -34.04 -4.79 6.47
N VAL D 347 -35.03 -5.08 5.63
CA VAL D 347 -36.21 -5.81 6.09
C VAL D 347 -35.83 -7.20 6.56
N SER D 348 -34.95 -7.89 5.81
CA SER D 348 -34.52 -9.22 6.19
C SER D 348 -33.76 -9.20 7.52
N ILE D 349 -32.83 -8.26 7.68
CA ILE D 349 -32.06 -8.17 8.91
C ILE D 349 -32.96 -7.81 10.08
N ASN D 350 -33.95 -6.94 9.86
CA ASN D 350 -34.88 -6.58 10.93
C ASN D 350 -35.74 -7.77 11.33
N ASN D 351 -36.16 -8.59 10.36
CA ASN D 351 -36.97 -9.77 10.69
C ASN D 351 -36.18 -10.76 11.54
N VAL D 352 -34.91 -10.98 11.21
CA VAL D 352 -34.09 -11.88 12.01
C VAL D 352 -33.91 -11.34 13.41
N LEU D 353 -33.58 -10.04 13.52
CA LEU D 353 -33.43 -9.42 14.84
C LEU D 353 -34.67 -9.62 15.69
N ARG D 354 -35.86 -9.44 15.10
CA ARG D 354 -37.10 -9.68 15.83
C ARG D 354 -37.20 -11.12 16.30
N ALA D 355 -36.84 -12.07 15.43
CA ALA D 355 -37.03 -13.48 15.75
C ALA D 355 -36.07 -13.95 16.84
N HIS D 356 -34.91 -13.31 16.98
CA HIS D 356 -33.86 -13.83 17.84
C HIS D 356 -33.55 -12.95 19.05
N ALA D 357 -34.07 -11.73 19.11
CA ALA D 357 -33.88 -10.91 20.30
C ALA D 357 -34.40 -11.56 21.59
N PRO D 358 -35.45 -12.39 21.59
CA PRO D 358 -35.83 -13.09 22.82
C PRO D 358 -34.75 -14.02 23.36
N PHE D 359 -33.82 -14.48 22.52
CA PHE D 359 -32.88 -15.51 22.93
C PHE D 359 -31.46 -15.01 23.18
N TRP D 360 -31.11 -13.82 22.72
CA TRP D 360 -29.73 -13.32 22.81
C TRP D 360 -29.76 -11.92 23.41
N SER D 361 -29.13 -11.76 24.58
CA SER D 361 -29.15 -10.48 25.28
C SER D 361 -28.41 -9.41 24.48
N SER D 362 -27.39 -9.79 23.72
CA SER D 362 -26.63 -8.82 22.95
C SER D 362 -27.50 -8.11 21.91
N LEU D 363 -28.58 -8.76 21.47
CA LEU D 363 -29.50 -8.12 20.54
C LEU D 363 -30.52 -7.22 21.22
N ARG D 364 -30.80 -7.44 22.50
CA ARG D 364 -31.71 -6.58 23.23
C ARG D 364 -31.07 -5.23 23.53
ZN ZN E . 28.41 -9.74 -18.27
K K F . 25.83 -14.16 -13.36
K K G . 31.31 -22.35 -3.30
C13 HB7 H . 32.57 -8.66 -28.46
C15 HB7 H . 31.86 -6.45 -29.22
C17 HB7 H . 31.15 -4.18 -30.17
C18 HB7 H . 33.55 -4.72 -29.93
C14 HB7 H . 32.88 -7.39 -28.97
C12 HB7 H . 31.25 -9.02 -28.17
C11 HB7 H . 30.91 -10.40 -27.63
C02 HB7 H . 31.26 -9.11 -20.13
C05 HB7 H . 31.60 -9.45 -21.54
C06 HB7 H . 30.82 -8.96 -22.59
C07 HB7 H . 31.13 -9.27 -23.90
C08 HB7 H . 32.22 -10.06 -24.24
C09 HB7 H . 32.53 -10.39 -25.66
C19 HB7 H . 30.56 -6.84 -28.94
C20 HB7 H . 30.26 -8.09 -28.44
C22 HB7 H . 31.02 -12.42 -26.14
C23 HB7 H . 31.27 -13.55 -27.16
C25 HB7 H . 32.67 -14.43 -29.09
C26 HB7 H . 31.98 -14.14 -30.41
C27 HB7 H . 30.87 -13.29 -30.48
C28 HB7 H . 30.23 -13.03 -31.69
C29 HB7 H . 30.68 -13.61 -32.86
C30 HB7 H . 31.78 -14.47 -32.80
C31 HB7 H . 32.43 -14.72 -31.59
C33 HB7 H . 33.00 -10.56 -23.18
C34 HB7 H . 32.69 -10.25 -21.85
N03 HB7 H . 29.93 -8.60 -19.95
N10 HB7 H . 31.51 -11.06 -26.46
N16 HB7 H . 32.16 -5.15 -29.75
N24 HB7 H . 32.34 -13.42 -28.06
O01 HB7 H . 32.02 -9.25 -19.20
O04 HB7 H . 29.69 -8.31 -18.64
O21 HB7 H . 30.06 -11.02 -28.24
O32 HB7 H . 30.54 -14.55 -27.21
C1 EDO I . 24.48 9.58 -16.64
O1 EDO I . 24.46 10.99 -16.41
C2 EDO I . 23.06 9.06 -16.83
O2 EDO I . 22.92 8.46 -18.12
C1 EDO J . 39.77 -6.21 -12.27
O1 EDO J . 39.99 -7.09 -13.38
C2 EDO J . 40.84 -6.45 -11.21
O2 EDO J . 40.35 -6.08 -9.92
ZN ZN K . -7.11 16.89 -8.90
K K L . -13.45 17.77 -11.94
K K M . -18.67 26.68 -21.50
C13 HB7 N . -0.23 19.83 -0.78
C15 HB7 N . 1.06 17.83 -0.25
C17 HB7 N . 2.44 15.78 0.41
C18 HB7 N . 3.56 17.86 -0.36
C14 HB7 N . 0.99 19.18 -0.63
C12 HB7 N . -1.46 19.16 -0.60
C11 HB7 N . -2.79 19.87 -0.76
C02 HB7 N . -4.08 18.57 -8.05
C05 HB7 N . -3.63 19.20 -6.78
C06 HB7 N . -3.56 18.45 -5.62
C07 HB7 N . -3.14 19.02 -4.43
C08 HB7 N . -2.77 20.36 -4.34
C09 HB7 N . -2.34 20.94 -3.04
C19 HB7 N . -0.17 17.17 -0.06
C20 HB7 N . -1.38 17.82 -0.22
C22 HB7 N . -4.56 21.33 -1.78
C23 HB7 N . -4.85 22.34 -0.63
C25 HB7 N . -3.93 24.07 0.98
C26 HB7 N . -3.75 23.44 2.35
C27 HB7 N . -3.91 22.06 2.53
C28 HB7 N . -3.75 21.47 3.79
C29 HB7 N . -3.42 22.25 4.89
C30 HB7 N . -3.26 23.62 4.72
C31 HB7 N . -3.42 24.20 3.47
C33 HB7 N . -2.86 21.12 -5.51
C34 HB7 N . -3.27 20.56 -6.72
N03 HB7 N . -4.71 17.28 -7.88
N10 HB7 N . -3.22 20.74 -1.88
N16 HB7 N . 2.31 17.16 -0.08
N24 HB7 N . -3.78 23.09 -0.12
O01 HB7 N . -3.95 19.06 -9.14
O04 HB7 N . -5.09 16.76 -9.08
O21 HB7 N . -3.56 19.75 0.17
O32 HB7 N . -5.97 22.48 -0.17
C1 EDO O . -11.12 31.60 -24.16
O1 EDO O . -11.55 32.92 -23.82
C2 EDO O . -10.00 31.65 -25.20
O2 EDO O . -9.60 30.32 -25.50
ZN ZN P . -2.10 16.38 14.02
K K Q . -4.47 11.82 18.97
K K R . 1.66 3.25 28.53
C13 HB7 S . 1.56 17.71 3.61
C15 HB7 S . 0.78 19.93 2.94
C17 HB7 S . -0.02 22.21 2.12
C18 HB7 S . 2.40 21.69 2.17
C14 HB7 S . 1.82 19.00 3.13
C12 HB7 S . 0.26 17.31 3.97
C11 HB7 S . -0.04 15.92 4.48
C02 HB7 S . 0.59 17.13 11.85
C05 HB7 S . 0.90 16.79 10.43
C06 HB7 S . 0.08 17.22 9.41
C07 HB7 S . 0.36 16.91 8.10
C08 HB7 S . 1.47 16.17 7.74
C09 HB7 S . 1.73 15.84 6.31
C19 HB7 S . -0.51 19.51 3.29
C20 HB7 S . -0.76 18.23 3.78
C22 HB7 S . 0.18 13.83 5.89
C23 HB7 S . 0.39 12.69 4.87
C25 HB7 S . 1.59 11.89 2.78
C26 HB7 S . 0.89 12.25 1.50
C27 HB7 S . -0.29 13.02 1.51
C28 HB7 S . -0.95 13.36 0.33
C29 HB7 S . -0.45 12.94 -0.90
C30 HB7 S . 0.72 12.19 -0.91
C31 HB7 S . 1.37 11.85 0.26
C33 HB7 S . 2.30 15.72 8.77
C34 HB7 S . 2.02 16.03 10.11
N03 HB7 S . -0.76 17.62 12.03
N10 HB7 S . 0.66 15.20 5.56
N16 HB7 S . 1.03 21.24 2.43
N24 HB7 S . 1.31 12.90 3.84
O01 HB7 S . 1.36 17.02 12.77
O04 HB7 S . -0.98 17.91 13.35
O21 HB7 S . -0.93 15.31 3.92
O32 HB7 S . -0.23 11.64 4.94
C1 EDO T . 7.85 35.33 12.05
O1 EDO T . 8.47 34.95 10.81
C2 EDO T . 8.80 36.20 12.87
O2 EDO T . 9.80 35.39 13.49
ZN ZN U . -24.55 -23.31 -2.79
K K V . -25.79 -20.54 3.56
K K W . -28.49 -25.51 16.50
C13 HB7 X . -29.03 -27.52 -12.20
C15 HB7 X . -27.28 -27.05 -13.84
C17 HB7 X . -25.76 -26.53 -15.83
C18 HB7 X . -26.26 -28.88 -15.20
C14 HB7 X . -28.20 -27.93 -13.24
C12 HB7 X . -28.96 -26.20 -11.69
C11 HB7 X . -29.88 -25.75 -10.57
C02 HB7 X . -25.23 -26.36 -4.57
C05 HB7 X . -26.21 -26.64 -5.66
C06 HB7 X . -26.28 -25.84 -6.78
C07 HB7 X . -27.19 -26.10 -7.78
C08 HB7 X . -28.06 -27.17 -7.74
C09 HB7 X . -29.04 -27.41 -8.84
C19 HB7 X . -27.24 -25.74 -13.34
C20 HB7 X . -28.06 -25.33 -12.29
C22 HB7 X . -30.92 -25.73 -8.28
C23 HB7 X . -32.42 -25.84 -8.63
C25 HB7 X . -34.23 -27.04 -9.94
C26 HB7 X . -34.50 -26.43 -11.31
C27 HB7 X . -35.56 -26.85 -12.13
C28 HB7 X . -35.76 -26.28 -13.38
C29 HB7 X . -34.91 -25.28 -13.84
C30 HB7 X . -33.86 -24.85 -13.05
C31 HB7 X . -33.66 -25.43 -11.79
C33 HB7 X . -28.00 -27.99 -6.60
C34 HB7 X . -27.08 -27.74 -5.57
N03 HB7 X . -24.57 -25.08 -4.70
N10 HB7 X . -29.94 -26.32 -9.21
N16 HB7 X . -26.44 -27.46 -14.91
N24 HB7 X . -32.83 -26.84 -9.52
O01 HB7 X . -24.97 -27.11 -3.66
O04 HB7 X . -23.68 -24.89 -3.67
O21 HB7 X . -30.63 -24.84 -10.83
O32 HB7 X . -33.24 -25.05 -8.17
C1 EDO Y . -31.94 -21.01 0.40
O1 EDO Y . -31.03 -21.40 -0.63
C2 EDO Y . -33.34 -21.43 -0.03
O2 EDO Y . -34.28 -21.25 1.02
#